data_8D80
#
_entry.id   8D80
#
_cell.length_a   1.00
_cell.length_b   1.00
_cell.length_c   1.00
_cell.angle_alpha   90.00
_cell.angle_beta   90.00
_cell.angle_gamma   90.00
#
_symmetry.space_group_name_H-M   'P 1'
#
loop_
_entity.id
_entity.type
_entity.pdbx_description
1 polymer 'DNA damage-binding protein 1'
2 polymer 'Protein cereblon'
3 polymer 'DNA-binding protein Ikaros'
4 non-polymer 'ZINC ION'
5 non-polymer (3S)-3-[4-({4-[(morpholin-4-yl)methyl]phenyl}methoxy)-1-oxo-1,3-dihydro-2H-isoindol-2-yl]piperidine-2,6-dione
#
loop_
_entity_poly.entity_id
_entity_poly.type
_entity_poly.pdbx_seq_one_letter_code
_entity_poly.pdbx_strand_id
1 'polypeptide(L)'
;MSYNYVVTAQKPTAVNGCVTGHFTSAEDLNLLIAKNTRLEIYVVTAEGLRPVKEVGMYGKIAVMELFRPKGESKDLLFIL
TAKYNACILEYKQSGESIDIITRAHGNVQDRIGRPSETGIIGIIDPECRMIGLRLYDGLFKVIPLDRDNKELKAFNIRLE
ELHVIDVKFLYGCQAPTICFVYQDPQGRHVKTYEVSLREKEFNKGPWKQENVEAEASMVIAVPEPFGGAIIIGQESITYH
NGDKYLAIAPPIIKQSTIVCHNRVDPNGSRYLLGDMEGRLFMLLLEKEEQMDGTVTLKDLRVELLGETSIAECLTYLDNG
VVFVGSRLGDSQLVKLNVDSNEQGSYVVAMETFTNLGPIVDMCVVDLERQGQGQLVTCSGAFKEGSLRIIRNGIGIHEHA
SIDLPGIKGLWPLRSDPNRETDDTLVLSFVGQTRVLMLNGEEVEETELMGFVDDQQTFFCGNVAHQQLIQITSASVRLVS
QEPKALVSEWKEPQAKNISVASCNSSQVVVAVGRALYYLQIHPQELRQISHTEMEHEVACLDITPLGDSNGLSPLCAIGL
WTDISARILKLPSFELLHKEMLGGEIIPRSILMTTFESSHYLLCALGDGALFYFGLNIETGLLSDRKKVTLGTQPTVLRT
FRSLSTTNVFACSDRPTVIYSSNHKLVFSNVNLKEVNYMCPLNSDGYPDSLALANNSTLTIGTIDEIQKLHIRTVPLYES
PRKICYQEVSQCFGVLSSRIEVQDTSGGTTALRPSASTQALSSSVSSSKLFSSSTAPHETSFGEEVEVHNLLIIDQHTFE
VLHAHQFLQNEYALSLVSCKLGKDPNTYFIVGTAMVYPEEAEPKQGRIVVFQYSDGKLQTVAEKEVKGAVYSMVEFNGKL
LASINSTVRLYEWTTEKELRTECNHYNNIMALYLKTKGDFILVGDLMRSVLLLAYKPMEGNFEEIARDFNPNWMSAVEIL
DDDNFLGAENAFNLFVCQKDSAATTDEERQHLQEVGLFHLGEFVNVFCHGSLVMQNLGETSTPTQGSVLFGTVNGMIGLV
TSLSESWYNLLLDMQNRLNKVIKSVGKIEHSFWRSFHTERKTEPATGFIDGDLIESFLDISRPKMQEVVANLQYDDGSGM
KREATADDLIKVVEELTRIH
;
A
2 'polypeptide(L)'
;MAGEGDQQDAAHNMGNHLPLLPAESEEEDEMEVEDQDSKEAKKPNIINFDTSLPTSHTYLGADMEEFHGRTLHDDDSCQV
IPVLPQVMMILIPGQTLPLQLFHPQEVSMVRNLIQKDRTFAVLAYSNVQEREAQFGTTAEIYAYREEQDFGIEIVKVKAI
GRQRFKVLELRTQSDGIQQAKVQILPECVLPSTMSAVQLESLNKCQIFPSKPVSREDQCSYKWWQKYQKRKFHCANLTSW
PRWLYSLYDAETLMDRIKKQLREWDENLKDDSLPSNPIDFSYRVAACLPIDDVLRIQLLKIGSAIQRLRCELDIMNKCTS
LCCKQCQETEITTKNEIFSLSLCGPMAAYVNPHGYVHETLTVYKACNLNLIGRPSTEHSWFPGYAWTVAQCKICASHIGW
KFTATKKDMSPQKFWGLTRSALLPTIPDTEDEISPDKVILCL
;
B
3 'polypeptide(L)'
;GSLPNGKLKCDICGIICIGPNVLMVHKRSHTGERPFQCNQCGASFTQKGNLLRHIKLHSGEKPFKCHLCNYACRRRDALT
GHLRTHS
;
C
#
# COMPACT_ATOMS: atom_id res chain seq x y z
N MET A 1 18.05 2.42 -16.23
CA MET A 1 18.58 3.77 -16.10
C MET A 1 17.87 4.53 -14.99
N SER A 2 17.32 3.78 -14.03
CA SER A 2 16.64 4.38 -12.90
C SER A 2 17.58 4.57 -11.71
N TYR A 3 18.16 3.49 -11.21
CA TYR A 3 19.12 3.52 -10.10
C TYR A 3 18.51 4.16 -8.85
N ASN A 4 17.49 3.48 -8.34
CA ASN A 4 16.79 3.90 -7.14
C ASN A 4 17.20 3.03 -5.96
N TYR A 5 17.01 3.56 -4.75
CA TYR A 5 17.39 2.88 -3.52
C TYR A 5 16.25 3.01 -2.53
N VAL A 6 15.58 1.89 -2.23
CA VAL A 6 14.39 1.88 -1.38
C VAL A 6 14.76 1.25 -0.05
N VAL A 7 14.43 1.94 1.05
CA VAL A 7 14.72 1.50 2.40
C VAL A 7 13.47 1.69 3.25
N THR A 8 13.37 0.92 4.34
CA THR A 8 12.23 0.99 5.24
C THR A 8 12.61 1.85 6.45
N ALA A 9 12.01 3.03 6.53
CA ALA A 9 12.29 3.96 7.62
C ALA A 9 11.50 3.67 8.88
N GLN A 10 10.46 2.85 8.80
CA GLN A 10 9.68 2.47 9.97
C GLN A 10 8.92 1.20 9.63
N LYS A 11 9.20 0.12 10.35
CA LYS A 11 8.68 -1.19 9.99
C LYS A 11 7.17 -1.24 10.17
N PRO A 12 6.48 -2.12 9.45
CA PRO A 12 5.02 -2.17 9.53
C PRO A 12 4.54 -2.48 10.95
N THR A 13 3.39 -1.89 11.29
CA THR A 13 2.86 -1.99 12.64
C THR A 13 1.50 -2.69 12.73
N ALA A 14 0.76 -2.78 11.64
CA ALA A 14 -0.54 -3.44 11.68
C ALA A 14 -0.39 -4.94 11.90
N VAL A 15 -1.30 -5.52 12.66
CA VAL A 15 -1.27 -6.94 13.01
C VAL A 15 -2.31 -7.67 12.17
N ASN A 16 -1.88 -8.72 11.48
CA ASN A 16 -2.78 -9.53 10.65
C ASN A 16 -2.73 -11.00 11.02
N GLY A 17 -2.59 -11.30 12.31
CA GLY A 17 -2.58 -12.66 12.78
C GLY A 17 -1.74 -12.86 14.02
N CYS A 18 -2.27 -13.62 14.99
CA CYS A 18 -1.55 -13.87 16.23
C CYS A 18 -1.97 -15.22 16.79
N VAL A 19 -0.99 -15.99 17.26
CA VAL A 19 -1.23 -17.31 17.83
C VAL A 19 -0.45 -17.43 19.13
N THR A 20 -0.85 -18.39 19.95
CA THR A 20 -0.15 -18.69 21.18
C THR A 20 0.15 -20.18 21.27
N GLY A 21 1.26 -20.49 21.92
CA GLY A 21 1.66 -21.87 22.12
C GLY A 21 3.02 -21.92 22.76
N HIS A 22 3.43 -23.14 23.12
CA HIS A 22 4.73 -23.37 23.74
C HIS A 22 5.74 -23.53 22.60
N PHE A 23 6.20 -22.40 22.08
CA PHE A 23 7.12 -22.36 20.95
C PHE A 23 8.58 -22.30 21.38
N THR A 24 8.95 -21.27 22.15
CA THR A 24 10.34 -21.12 22.58
C THR A 24 10.75 -22.25 23.51
N SER A 25 9.87 -22.63 24.44
CA SER A 25 10.17 -23.71 25.37
C SER A 25 8.87 -24.39 25.77
N ALA A 26 9.00 -25.64 26.21
CA ALA A 26 7.83 -26.41 26.62
C ALA A 26 7.17 -25.85 27.87
N GLU A 27 7.88 -25.05 28.65
CA GLU A 27 7.34 -24.44 29.86
C GLU A 27 6.83 -23.03 29.66
N ASP A 28 7.41 -22.28 28.73
CA ASP A 28 7.00 -20.90 28.48
C ASP A 28 5.83 -20.86 27.51
N LEU A 29 4.98 -19.85 27.68
CA LEU A 29 3.82 -19.63 26.81
C LEU A 29 4.11 -18.39 25.97
N ASN A 30 4.19 -18.57 24.65
CA ASN A 30 4.57 -17.51 23.74
C ASN A 30 3.35 -16.91 23.07
N LEU A 31 3.49 -15.65 22.65
CA LEU A 31 2.52 -14.98 21.81
C LEU A 31 3.22 -14.54 20.53
N LEU A 32 2.93 -15.22 19.43
CA LEU A 32 3.55 -14.92 18.15
C LEU A 32 2.65 -13.97 17.37
N ILE A 33 3.20 -12.81 17.00
CA ILE A 33 2.45 -11.80 16.27
C ILE A 33 3.14 -11.58 14.92
N ALA A 34 2.37 -11.68 13.85
CA ALA A 34 2.86 -11.44 12.50
C ALA A 34 2.33 -10.10 12.01
N LYS A 35 3.24 -9.15 11.81
CA LYS A 35 2.84 -7.82 11.37
C LYS A 35 2.57 -7.78 9.87
N ASN A 36 3.52 -8.20 9.09
CA ASN A 36 3.32 -8.49 7.64
C ASN A 36 4.51 -9.29 7.15
N THR A 37 5.63 -8.66 6.95
CA THR A 37 6.87 -9.37 6.68
C THR A 37 7.64 -9.69 7.95
N ARG A 38 7.18 -9.23 9.10
CA ARG A 38 7.86 -9.39 10.37
C ARG A 38 7.09 -10.34 11.28
N LEU A 39 7.81 -11.26 11.91
CA LEU A 39 7.24 -12.18 12.88
C LEU A 39 7.84 -11.85 14.24
N GLU A 40 6.99 -11.54 15.21
CA GLU A 40 7.43 -11.12 16.54
C GLU A 40 7.03 -12.18 17.56
N ILE A 41 7.98 -12.57 18.39
CA ILE A 41 7.77 -13.61 19.40
C ILE A 41 7.86 -12.95 20.77
N TYR A 42 6.83 -13.14 21.59
CA TYR A 42 6.78 -12.61 22.95
C TYR A 42 6.71 -13.76 23.94
N VAL A 43 6.93 -13.44 25.21
CA VAL A 43 6.73 -14.36 26.31
C VAL A 43 5.80 -13.67 27.30
N VAL A 44 4.69 -14.31 27.64
CA VAL A 44 3.71 -13.70 28.53
C VAL A 44 4.17 -13.89 29.96
N THR A 45 4.18 -12.80 30.72
CA THR A 45 4.56 -12.82 32.12
C THR A 45 3.45 -12.19 32.96
N ALA A 46 3.71 -12.07 34.26
CA ALA A 46 2.73 -11.46 35.15
C ALA A 46 2.48 -10.00 34.79
N GLU A 47 3.55 -9.25 34.50
CA GLU A 47 3.40 -7.85 34.17
C GLU A 47 2.74 -7.66 32.81
N GLY A 48 3.17 -8.43 31.82
CA GLY A 48 2.64 -8.30 30.47
C GLY A 48 3.46 -9.04 29.43
N LEU A 49 3.77 -8.36 28.33
CA LEU A 49 4.46 -8.96 27.20
C LEU A 49 5.94 -8.62 27.25
N ARG A 50 6.78 -9.65 27.20
CA ARG A 50 8.22 -9.47 27.16
C ARG A 50 8.75 -9.89 25.80
N PRO A 51 9.27 -8.98 24.97
CA PRO A 51 9.77 -9.37 23.66
C PRO A 51 10.97 -10.31 23.79
N VAL A 52 11.09 -11.23 22.83
CA VAL A 52 12.14 -12.22 22.85
C VAL A 52 12.91 -12.20 21.54
N LYS A 53 12.21 -12.35 20.42
CA LYS A 53 12.84 -12.39 19.11
C LYS A 53 12.03 -11.54 18.14
N GLU A 54 12.73 -10.89 17.22
CA GLU A 54 12.13 -10.06 16.17
C GLU A 54 12.78 -10.46 14.85
N VAL A 55 12.08 -11.24 14.04
CA VAL A 55 12.62 -11.76 12.79
C VAL A 55 11.68 -11.40 11.64
N GLY A 56 12.25 -10.98 10.53
CA GLY A 56 11.50 -10.65 9.33
C GLY A 56 11.74 -11.68 8.25
N MET A 57 10.69 -12.01 7.51
CA MET A 57 10.75 -13.05 6.50
C MET A 57 10.66 -12.44 5.10
N TYR A 58 11.02 -13.25 4.11
CA TYR A 58 10.95 -12.84 2.71
C TYR A 58 9.58 -13.16 2.12
N GLY A 59 8.56 -12.56 2.71
CA GLY A 59 7.21 -12.73 2.22
C GLY A 59 6.21 -12.08 3.13
N LYS A 60 4.96 -12.15 2.72
CA LYS A 60 3.82 -11.67 3.52
C LYS A 60 3.21 -12.85 4.23
N ILE A 61 3.29 -12.86 5.56
CA ILE A 61 2.74 -13.97 6.33
C ILE A 61 1.25 -14.04 6.08
N ALA A 62 0.80 -15.13 5.46
CA ALA A 62 -0.61 -15.35 5.17
C ALA A 62 -1.24 -16.45 6.00
N VAL A 63 -0.47 -17.46 6.39
CA VAL A 63 -0.93 -18.54 7.25
C VAL A 63 0.13 -18.74 8.33
N MET A 64 -0.30 -18.79 9.59
CA MET A 64 0.65 -18.98 10.68
C MET A 64 -0.06 -19.77 11.78
N GLU A 65 0.27 -21.04 11.91
CA GLU A 65 -0.33 -21.92 12.90
C GLU A 65 0.75 -22.67 13.65
N LEU A 66 0.57 -22.82 14.95
CA LEU A 66 1.47 -23.58 15.80
C LEU A 66 0.92 -24.99 15.98
N PHE A 67 1.74 -25.99 15.65
CA PHE A 67 1.34 -27.38 15.82
C PHE A 67 2.48 -28.15 16.46
N ARG A 68 2.12 -29.19 17.21
CA ARG A 68 3.09 -30.04 17.89
C ARG A 68 2.96 -31.47 17.39
N PRO A 69 3.78 -31.89 16.43
CA PRO A 69 3.74 -33.29 16.00
C PRO A 69 4.24 -34.21 17.10
N LYS A 70 3.75 -35.46 17.07
CA LYS A 70 4.11 -36.42 18.10
C LYS A 70 5.61 -36.68 18.09
N GLY A 71 6.20 -36.71 19.28
CA GLY A 71 7.63 -36.87 19.41
C GLY A 71 8.44 -35.60 19.43
N GLU A 72 7.80 -34.45 19.67
CA GLU A 72 8.48 -33.17 19.71
C GLU A 72 8.22 -32.51 21.06
N SER A 73 9.26 -31.90 21.62
CA SER A 73 9.16 -31.28 22.94
C SER A 73 8.33 -30.00 22.93
N LYS A 74 8.48 -29.17 21.90
CA LYS A 74 7.77 -27.91 21.82
C LYS A 74 7.15 -27.74 20.43
N ASP A 75 6.19 -26.83 20.34
CA ASP A 75 5.44 -26.65 19.12
C ASP A 75 6.33 -26.14 17.98
N LEU A 76 6.04 -26.60 16.78
CA LEU A 76 6.64 -26.07 15.56
C LEU A 76 5.73 -24.98 15.00
N LEU A 77 6.23 -24.26 14.00
CA LEU A 77 5.49 -23.16 13.40
C LEU A 77 5.44 -23.36 11.90
N PHE A 78 4.24 -23.25 11.34
CA PHE A 78 4.02 -23.38 9.90
C PHE A 78 3.61 -22.03 9.34
N ILE A 79 4.38 -21.53 8.37
CA ILE A 79 4.12 -20.23 7.77
C ILE A 79 4.00 -20.39 6.26
N LEU A 80 2.96 -19.80 5.68
CA LEU A 80 2.79 -19.73 4.24
C LEU A 80 2.75 -18.27 3.82
N THR A 81 3.60 -17.90 2.88
CA THR A 81 3.68 -16.52 2.43
C THR A 81 2.69 -16.27 1.30
N ALA A 82 2.53 -14.99 0.96
CA ALA A 82 1.57 -14.61 -0.08
C ALA A 82 1.96 -15.15 -1.45
N LYS A 83 3.25 -15.43 -1.67
CA LYS A 83 3.71 -16.03 -2.91
C LYS A 83 3.74 -17.55 -2.84
N TYR A 84 3.04 -18.14 -1.87
CA TYR A 84 2.92 -19.59 -1.72
C TYR A 84 4.28 -20.23 -1.40
N ASN A 85 5.01 -19.63 -0.47
CA ASN A 85 6.24 -20.21 0.06
C ASN A 85 5.95 -20.82 1.43
N ALA A 86 5.75 -22.12 1.48
CA ALA A 86 5.47 -22.82 2.72
C ALA A 86 6.78 -23.17 3.42
N CYS A 87 6.76 -23.10 4.75
CA CYS A 87 7.94 -23.43 5.54
C CYS A 87 7.51 -23.83 6.94
N ILE A 88 8.36 -24.62 7.59
CA ILE A 88 8.14 -25.07 8.96
C ILE A 88 9.38 -24.71 9.76
N LEU A 89 9.20 -23.92 10.81
CA LEU A 89 10.32 -23.36 11.55
C LEU A 89 10.35 -23.92 12.97
N GLU A 90 11.56 -23.96 13.54
CA GLU A 90 11.76 -24.41 14.90
C GLU A 90 12.61 -23.38 15.64
N TYR A 91 12.25 -23.10 16.89
CA TYR A 91 13.01 -22.16 17.69
C TYR A 91 14.15 -22.87 18.41
N LYS A 92 15.36 -22.33 18.28
CA LYS A 92 16.53 -22.92 18.90
C LYS A 92 17.38 -21.84 19.53
N GLN A 93 17.86 -22.10 20.75
CA GLN A 93 18.76 -21.20 21.44
C GLN A 93 19.84 -22.01 22.15
N SER A 94 21.05 -21.46 22.20
CA SER A 94 22.19 -22.10 22.85
C SER A 94 22.83 -21.06 23.77
N GLY A 95 22.32 -20.97 24.99
CA GLY A 95 22.85 -20.02 25.95
C GLY A 95 22.41 -18.60 25.69
N GLU A 96 22.97 -17.97 24.65
CA GLU A 96 22.63 -16.60 24.30
C GLU A 96 22.32 -16.38 22.83
N SER A 97 22.75 -17.28 21.93
CA SER A 97 22.46 -17.12 20.52
C SER A 97 21.09 -17.71 20.21
N ILE A 98 20.24 -16.91 19.57
CA ILE A 98 18.87 -17.30 19.24
C ILE A 98 18.76 -17.41 17.72
N ASP A 99 18.31 -18.56 17.25
CA ASP A 99 18.16 -18.80 15.82
C ASP A 99 16.87 -19.57 15.58
N ILE A 100 16.17 -19.20 14.51
CA ILE A 100 14.93 -19.88 14.11
C ILE A 100 15.30 -20.71 12.88
N ILE A 101 15.63 -21.98 13.09
CA ILE A 101 16.02 -22.84 11.99
C ILE A 101 14.79 -23.21 11.16
N THR A 102 15.05 -23.61 9.92
CA THR A 102 13.99 -23.98 8.97
C THR A 102 13.99 -25.49 8.81
N ARG A 103 12.98 -26.15 9.38
CA ARG A 103 12.93 -27.60 9.34
C ARG A 103 12.53 -28.13 7.97
N ALA A 104 11.54 -27.51 7.33
CA ALA A 104 11.09 -27.92 6.01
C ALA A 104 10.67 -26.70 5.23
N HIS A 105 10.80 -26.79 3.91
CA HIS A 105 10.50 -25.65 3.06
C HIS A 105 10.13 -26.14 1.66
N GLY A 106 9.48 -25.25 0.91
CA GLY A 106 9.10 -25.57 -0.45
C GLY A 106 8.12 -24.54 -0.96
N ASN A 107 7.79 -24.68 -2.25
CA ASN A 107 6.80 -23.85 -2.91
C ASN A 107 5.60 -24.70 -3.26
N VAL A 108 4.42 -24.26 -2.85
CA VAL A 108 3.20 -25.05 -2.96
C VAL A 108 2.21 -24.46 -3.96
N GLN A 109 2.66 -23.58 -4.85
CA GLN A 109 1.75 -23.04 -5.83
C GLN A 109 1.52 -24.02 -6.97
N ASP A 110 0.47 -23.78 -7.73
CA ASP A 110 0.13 -24.59 -8.90
C ASP A 110 0.50 -23.86 -10.18
N ARG A 111 0.75 -24.64 -11.23
CA ARG A 111 1.14 -24.06 -12.51
C ARG A 111 0.03 -23.18 -13.08
N ILE A 112 -1.22 -23.64 -13.00
CA ILE A 112 -2.37 -22.93 -13.55
C ILE A 112 -3.50 -22.96 -12.55
N GLY A 113 -4.23 -21.85 -12.45
CA GLY A 113 -5.36 -21.77 -11.55
C GLY A 113 -5.73 -20.35 -11.17
N ARG A 114 -7.03 -20.08 -11.07
CA ARG A 114 -7.50 -18.77 -10.67
C ARG A 114 -7.56 -18.70 -9.15
N PRO A 115 -6.84 -17.78 -8.51
CA PRO A 115 -6.89 -17.69 -7.04
C PRO A 115 -8.31 -17.42 -6.55
N SER A 116 -8.65 -18.06 -5.43
CA SER A 116 -10.00 -17.94 -4.89
C SER A 116 -10.25 -16.52 -4.42
N GLU A 117 -11.51 -16.08 -4.54
CA GLU A 117 -11.90 -14.74 -4.13
C GLU A 117 -12.04 -14.61 -2.62
N THR A 118 -12.04 -15.72 -1.88
CA THR A 118 -12.08 -15.69 -0.43
C THR A 118 -10.70 -15.73 0.19
N GLY A 119 -9.68 -16.14 -0.56
CA GLY A 119 -8.32 -16.09 -0.07
C GLY A 119 -7.79 -17.42 0.40
N ILE A 120 -6.57 -17.37 0.94
CA ILE A 120 -5.84 -18.54 1.39
C ILE A 120 -6.37 -18.98 2.74
N ILE A 121 -6.64 -20.27 2.88
CA ILE A 121 -7.05 -20.86 4.14
C ILE A 121 -6.06 -21.96 4.50
N GLY A 122 -5.43 -21.83 5.68
CA GLY A 122 -4.49 -22.82 6.13
C GLY A 122 -4.92 -23.50 7.41
N ILE A 123 -5.23 -24.79 7.34
CA ILE A 123 -5.76 -25.54 8.45
C ILE A 123 -4.95 -26.81 8.65
N ILE A 124 -4.82 -27.23 9.90
CA ILE A 124 -3.95 -28.34 10.28
C ILE A 124 -4.77 -29.33 11.11
N ASP A 125 -4.52 -30.62 10.89
CA ASP A 125 -5.20 -31.66 11.64
C ASP A 125 -4.91 -31.50 13.14
N PRO A 126 -5.93 -31.62 13.99
CA PRO A 126 -5.67 -31.58 15.44
C PRO A 126 -4.70 -32.66 15.91
N GLU A 127 -4.70 -33.83 15.27
CA GLU A 127 -3.75 -34.88 15.59
C GLU A 127 -2.43 -34.72 14.87
N CYS A 128 -2.26 -33.65 14.10
CA CYS A 128 -1.04 -33.35 13.36
C CYS A 128 -0.71 -34.48 12.38
N ARG A 129 -1.63 -34.71 11.46
CA ARG A 129 -1.49 -35.73 10.42
C ARG A 129 -1.27 -35.15 9.03
N MET A 130 -1.78 -33.96 8.75
CA MET A 130 -1.59 -33.32 7.46
C MET A 130 -1.88 -31.84 7.60
N ILE A 131 -1.58 -31.09 6.54
CA ILE A 131 -1.91 -29.68 6.43
C ILE A 131 -2.76 -29.49 5.19
N GLY A 132 -3.94 -28.91 5.37
CA GLY A 132 -4.84 -28.62 4.26
C GLY A 132 -4.75 -27.16 3.88
N LEU A 133 -4.78 -26.90 2.58
CA LEU A 133 -4.67 -25.54 2.06
C LEU A 133 -5.65 -25.36 0.91
N ARG A 134 -6.44 -24.30 0.96
CA ARG A 134 -7.36 -23.93 -0.11
C ARG A 134 -6.79 -22.69 -0.79
N LEU A 135 -6.04 -22.89 -1.86
CA LEU A 135 -5.45 -21.79 -2.60
C LEU A 135 -6.25 -21.41 -3.84
N TYR A 136 -6.81 -22.39 -4.54
CA TYR A 136 -7.57 -22.16 -5.77
C TYR A 136 -8.93 -22.81 -5.65
N ASP A 137 -9.91 -22.21 -6.35
CA ASP A 137 -11.27 -22.73 -6.30
C ASP A 137 -11.35 -24.11 -6.92
N GLY A 138 -12.15 -24.98 -6.30
CA GLY A 138 -12.33 -26.32 -6.81
C GLY A 138 -11.18 -27.26 -6.53
N LEU A 139 -10.23 -26.87 -5.71
CA LEU A 139 -9.08 -27.70 -5.40
C LEU A 139 -8.70 -27.53 -3.94
N PHE A 140 -8.44 -28.65 -3.27
CA PHE A 140 -7.99 -28.66 -1.88
C PHE A 140 -6.63 -29.32 -1.83
N LYS A 141 -5.61 -28.52 -1.51
CA LYS A 141 -4.22 -28.99 -1.51
C LYS A 141 -3.87 -29.53 -0.14
N VAL A 142 -3.49 -30.81 -0.08
CA VAL A 142 -3.19 -31.50 1.16
C VAL A 142 -1.69 -31.78 1.21
N ILE A 143 -1.05 -31.33 2.29
CA ILE A 143 0.37 -31.56 2.49
C ILE A 143 0.55 -32.62 3.56
N PRO A 144 0.99 -33.83 3.22
CA PRO A 144 1.26 -34.83 4.26
C PRO A 144 2.34 -34.34 5.21
N LEU A 145 2.16 -34.65 6.49
CA LEU A 145 3.12 -34.24 7.53
C LEU A 145 3.86 -35.49 7.98
N ASP A 146 5.09 -35.62 7.50
CA ASP A 146 5.96 -36.73 7.88
C ASP A 146 7.37 -36.19 8.12
N ARG A 147 8.14 -36.94 8.91
CA ARG A 147 9.53 -36.55 9.15
C ARG A 147 10.36 -36.59 7.88
N ASP A 148 9.97 -37.40 6.90
CA ASP A 148 10.71 -37.50 5.64
C ASP A 148 10.19 -36.56 4.56
N ASN A 149 9.18 -35.74 4.86
CA ASN A 149 8.62 -34.78 3.91
C ASN A 149 9.33 -33.46 4.11
N LYS A 150 10.59 -33.40 3.72
CA LYS A 150 11.41 -32.20 3.90
C LYS A 150 11.17 -31.16 2.83
N GLU A 151 10.70 -31.56 1.65
CA GLU A 151 10.46 -30.64 0.56
C GLU A 151 9.00 -30.19 0.46
N LEU A 152 8.15 -30.64 1.38
CA LEU A 152 6.73 -30.29 1.41
C LEU A 152 6.06 -30.60 0.07
N LYS A 153 6.05 -31.88 -0.27
CA LYS A 153 5.37 -32.35 -1.47
C LYS A 153 3.89 -32.54 -1.18
N ALA A 154 3.04 -31.99 -2.03
CA ALA A 154 1.61 -31.96 -1.80
C ALA A 154 0.87 -32.54 -2.99
N PHE A 155 -0.35 -33.01 -2.72
CA PHE A 155 -1.23 -33.53 -3.76
C PHE A 155 -2.59 -32.86 -3.64
N ASN A 156 -3.17 -32.50 -4.79
CA ASN A 156 -4.45 -31.82 -4.85
C ASN A 156 -5.58 -32.84 -4.77
N ILE A 157 -6.67 -32.45 -4.13
CA ILE A 157 -7.89 -33.24 -4.07
C ILE A 157 -9.03 -32.39 -4.61
N ARG A 158 -9.89 -32.99 -5.42
CA ARG A 158 -10.92 -32.23 -6.12
C ARG A 158 -12.11 -31.97 -5.21
N LEU A 159 -12.45 -30.70 -5.01
CA LEU A 159 -13.71 -30.31 -4.39
C LEU A 159 -14.74 -30.06 -5.49
N GLU A 160 -15.85 -30.78 -5.42
CA GLU A 160 -16.93 -30.55 -6.37
C GLU A 160 -17.63 -29.22 -6.12
N GLU A 161 -17.36 -28.58 -4.97
CA GLU A 161 -18.01 -27.34 -4.59
C GLU A 161 -17.08 -26.17 -4.92
N LEU A 162 -17.56 -25.26 -5.78
CA LEU A 162 -16.71 -24.18 -6.27
C LEU A 162 -16.40 -23.17 -5.16
N HIS A 163 -17.42 -22.71 -4.44
CA HIS A 163 -17.28 -21.61 -3.49
C HIS A 163 -17.33 -22.17 -2.08
N VAL A 164 -16.18 -22.19 -1.40
CA VAL A 164 -16.08 -22.62 -0.01
C VAL A 164 -15.83 -21.39 0.84
N ILE A 165 -16.66 -21.19 1.87
CA ILE A 165 -16.54 -20.00 2.71
C ILE A 165 -15.45 -20.18 3.75
N ASP A 166 -15.61 -21.17 4.63
CA ASP A 166 -14.62 -21.49 5.64
C ASP A 166 -14.57 -23.00 5.82
N VAL A 167 -13.39 -23.51 6.17
CA VAL A 167 -13.17 -24.93 6.37
C VAL A 167 -12.30 -25.13 7.60
N LYS A 168 -12.59 -26.16 8.39
CA LYS A 168 -11.83 -26.45 9.59
C LYS A 168 -11.85 -27.95 9.83
N PHE A 169 -10.76 -28.46 10.40
CA PHE A 169 -10.69 -29.87 10.77
C PHE A 169 -11.42 -30.10 12.09
N LEU A 170 -12.19 -31.19 12.15
CA LEU A 170 -12.99 -31.49 13.32
C LEU A 170 -12.16 -32.25 14.36
N TYR A 171 -12.50 -32.04 15.62
CA TYR A 171 -11.77 -32.62 16.74
C TYR A 171 -12.35 -33.96 17.14
N GLY A 172 -11.51 -34.82 17.68
CA GLY A 172 -11.92 -36.12 18.17
C GLY A 172 -12.44 -37.08 17.13
N CYS A 173 -11.77 -37.14 15.97
CA CYS A 173 -12.18 -38.03 14.89
C CYS A 173 -11.07 -39.04 14.62
N GLN A 174 -11.47 -40.31 14.43
CA GLN A 174 -10.50 -41.36 14.17
C GLN A 174 -9.77 -41.13 12.86
N ALA A 175 -10.49 -40.71 11.82
CA ALA A 175 -9.92 -40.36 10.54
C ALA A 175 -10.01 -38.85 10.34
N PRO A 176 -9.04 -38.24 9.66
CA PRO A 176 -9.08 -36.79 9.45
C PRO A 176 -10.37 -36.37 8.75
N THR A 177 -10.97 -35.31 9.24
CA THR A 177 -12.29 -34.87 8.80
C THR A 177 -12.30 -33.36 8.69
N ILE A 178 -12.79 -32.84 7.57
CA ILE A 178 -12.98 -31.41 7.39
C ILE A 178 -14.47 -31.12 7.43
N CYS A 179 -14.80 -29.88 7.78
CA CYS A 179 -16.19 -29.43 7.91
C CYS A 179 -16.27 -28.01 7.39
N PHE A 180 -16.80 -27.84 6.19
CA PHE A 180 -16.82 -26.54 5.54
C PHE A 180 -18.25 -26.12 5.21
N VAL A 181 -18.47 -24.81 5.19
CA VAL A 181 -19.72 -24.22 4.72
C VAL A 181 -19.47 -23.62 3.35
N TYR A 182 -20.33 -23.95 2.39
CA TYR A 182 -20.11 -23.59 1.00
C TYR A 182 -21.39 -23.01 0.41
N GLN A 183 -21.22 -22.30 -0.71
CA GLN A 183 -22.29 -21.55 -1.34
C GLN A 183 -22.85 -22.32 -2.53
N ASP A 184 -24.17 -22.30 -2.67
CA ASP A 184 -24.88 -22.84 -3.82
C ASP A 184 -25.93 -21.83 -4.26
N PRO A 185 -26.44 -21.96 -5.48
CA PRO A 185 -27.61 -21.15 -5.86
C PRO A 185 -28.82 -21.42 -5.00
N GLN A 186 -28.91 -22.58 -4.35
CA GLN A 186 -29.97 -22.89 -3.41
C GLN A 186 -29.69 -22.39 -2.00
N GLY A 187 -28.52 -21.77 -1.78
CA GLY A 187 -28.19 -21.23 -0.47
C GLY A 187 -26.83 -21.67 0.04
N ARG A 188 -26.64 -21.60 1.36
CA ARG A 188 -25.41 -22.01 2.00
C ARG A 188 -25.64 -23.31 2.77
N HIS A 189 -24.76 -24.27 2.57
CA HIS A 189 -24.84 -25.56 3.25
C HIS A 189 -23.50 -25.88 3.90
N VAL A 190 -23.56 -26.73 4.93
CA VAL A 190 -22.37 -27.23 5.60
C VAL A 190 -22.23 -28.70 5.25
N LYS A 191 -21.02 -29.10 4.87
CA LYS A 191 -20.72 -30.45 4.43
C LYS A 191 -19.44 -30.91 5.10
N THR A 192 -19.25 -32.23 5.15
CA THR A 192 -18.04 -32.77 5.75
C THR A 192 -17.50 -33.93 4.91
N TYR A 193 -16.19 -34.08 4.92
CA TYR A 193 -15.48 -35.11 4.19
C TYR A 193 -14.46 -35.76 5.11
N GLU A 194 -14.11 -37.01 4.81
CA GLU A 194 -13.06 -37.72 5.53
C GLU A 194 -11.86 -37.84 4.59
N VAL A 195 -10.86 -36.99 4.81
CA VAL A 195 -9.68 -37.00 3.96
C VAL A 195 -8.91 -38.29 4.17
N SER A 196 -8.55 -38.95 3.07
CA SER A 196 -7.78 -40.17 3.10
C SER A 196 -6.42 -39.93 2.45
N LEU A 197 -5.35 -40.23 3.18
CA LEU A 197 -4.00 -40.02 2.69
C LEU A 197 -3.52 -41.16 1.81
N ARG A 198 -3.85 -42.40 2.17
CA ARG A 198 -3.47 -43.54 1.34
C ARG A 198 -4.22 -43.50 0.02
N GLU A 199 -5.51 -43.16 0.05
CA GLU A 199 -6.31 -43.11 -1.16
C GLU A 199 -6.14 -41.81 -1.93
N LYS A 200 -5.64 -40.76 -1.28
CA LYS A 200 -5.48 -39.44 -1.89
C LYS A 200 -6.79 -38.88 -2.43
N GLU A 201 -7.90 -39.09 -1.72
CA GLU A 201 -9.20 -38.61 -2.14
C GLU A 201 -10.11 -38.53 -0.91
N PHE A 202 -11.19 -37.78 -1.05
CA PHE A 202 -12.16 -37.60 0.04
C PHE A 202 -12.98 -38.89 0.21
N ASN A 203 -13.92 -38.84 1.15
CA ASN A 203 -14.80 -39.96 1.44
C ASN A 203 -16.14 -39.41 1.89
N LYS A 204 -16.95 -40.24 2.54
CA LYS A 204 -18.22 -39.82 3.09
C LYS A 204 -18.01 -39.25 4.48
N GLY A 205 -18.64 -38.12 4.75
CA GLY A 205 -18.46 -37.42 6.01
C GLY A 205 -19.18 -38.09 7.16
N PRO A 206 -18.75 -37.77 8.39
CA PRO A 206 -19.42 -38.35 9.57
C PRO A 206 -20.89 -38.01 9.68
N TRP A 207 -21.29 -36.80 9.33
CA TRP A 207 -22.67 -36.38 9.44
C TRP A 207 -23.11 -35.64 8.19
N LYS A 208 -24.35 -35.90 7.77
CA LYS A 208 -24.82 -35.47 6.46
C LYS A 208 -24.92 -33.95 6.37
N GLN A 209 -25.05 -33.46 5.14
CA GLN A 209 -25.14 -32.03 4.90
C GLN A 209 -26.39 -31.46 5.55
N GLU A 210 -26.24 -30.30 6.19
CA GLU A 210 -27.33 -29.63 6.87
C GLU A 210 -27.46 -28.21 6.34
N ASN A 211 -28.67 -27.83 5.96
CA ASN A 211 -28.90 -26.48 5.47
C ASN A 211 -28.81 -25.48 6.60
N VAL A 212 -28.01 -24.43 6.41
CA VAL A 212 -27.78 -23.43 7.45
C VAL A 212 -28.26 -22.08 6.98
N GLU A 213 -28.13 -21.07 7.84
CA GLU A 213 -28.59 -19.73 7.53
C GLU A 213 -27.85 -19.19 6.31
N ALA A 214 -28.56 -18.39 5.51
CA ALA A 214 -28.02 -17.88 4.25
C ALA A 214 -26.90 -16.87 4.45
N GLU A 215 -26.54 -16.55 5.69
CA GLU A 215 -25.45 -15.62 5.96
C GLU A 215 -24.37 -16.23 6.85
N ALA A 216 -24.25 -17.55 6.87
CA ALA A 216 -23.21 -18.20 7.66
C ALA A 216 -21.84 -17.76 7.16
N SER A 217 -20.96 -17.43 8.10
CA SER A 217 -19.66 -16.87 7.74
C SER A 217 -18.49 -17.72 8.20
N MET A 218 -18.46 -18.15 9.45
CA MET A 218 -17.31 -18.85 10.00
C MET A 218 -17.71 -20.17 10.63
N VAL A 219 -16.79 -21.12 10.59
CA VAL A 219 -16.95 -22.42 11.22
C VAL A 219 -15.88 -22.57 12.29
N ILE A 220 -16.30 -22.87 13.51
CA ILE A 220 -15.37 -23.07 14.62
C ILE A 220 -15.54 -24.49 15.15
N ALA A 221 -14.43 -25.21 15.26
CA ALA A 221 -14.43 -26.61 15.67
C ALA A 221 -14.34 -26.67 17.19
N VAL A 222 -15.34 -27.27 17.82
CA VAL A 222 -15.42 -27.35 19.28
C VAL A 222 -14.73 -28.63 19.72
N PRO A 223 -13.70 -28.55 20.56
CA PRO A 223 -12.94 -29.76 20.92
C PRO A 223 -13.73 -30.66 21.86
N GLU A 224 -13.08 -31.77 22.23
CA GLU A 224 -13.69 -32.73 23.12
C GLU A 224 -13.89 -32.13 24.51
N PRO A 225 -14.88 -32.60 25.28
CA PRO A 225 -15.78 -33.73 24.98
C PRO A 225 -17.00 -33.34 24.16
N PHE A 226 -17.08 -32.08 23.73
CA PHE A 226 -18.23 -31.62 22.97
C PHE A 226 -18.23 -32.22 21.56
N GLY A 227 -17.20 -31.88 20.77
CA GLY A 227 -17.16 -32.31 19.39
C GLY A 227 -18.06 -31.49 18.50
N GLY A 228 -18.01 -31.80 17.21
CA GLY A 228 -18.84 -31.10 16.26
C GLY A 228 -18.31 -29.72 15.94
N ALA A 229 -19.16 -28.91 15.33
CA ALA A 229 -18.77 -27.58 14.88
C ALA A 229 -19.89 -26.58 15.17
N ILE A 230 -19.50 -25.34 15.46
CA ILE A 230 -20.42 -24.24 15.65
C ILE A 230 -20.28 -23.28 14.47
N ILE A 231 -21.40 -22.92 13.86
CA ILE A 231 -21.42 -22.06 12.69
C ILE A 231 -22.10 -20.76 13.06
N ILE A 232 -21.37 -19.65 12.92
CA ILE A 232 -21.84 -18.34 13.35
C ILE A 232 -22.21 -17.55 12.11
N GLY A 233 -23.46 -17.12 12.03
CA GLY A 233 -23.96 -16.31 10.95
C GLY A 233 -24.16 -14.86 11.34
N GLN A 234 -24.88 -14.12 10.50
CA GLN A 234 -25.18 -12.73 10.76
C GLN A 234 -26.35 -12.54 11.72
N GLU A 235 -27.13 -13.59 11.98
CA GLU A 235 -28.28 -13.49 12.86
C GLU A 235 -28.37 -14.60 13.90
N SER A 236 -27.74 -15.76 13.67
CA SER A 236 -27.90 -16.89 14.57
C SER A 236 -26.60 -17.68 14.63
N ILE A 237 -26.39 -18.37 15.75
CA ILE A 237 -25.26 -19.26 15.94
C ILE A 237 -25.82 -20.66 16.19
N THR A 238 -25.37 -21.63 15.39
CA THR A 238 -25.87 -22.99 15.47
C THR A 238 -24.75 -23.95 15.80
N TYR A 239 -25.11 -25.10 16.38
CA TYR A 239 -24.17 -26.14 16.75
C TYR A 239 -24.58 -27.44 16.08
N HIS A 240 -23.76 -27.92 15.16
CA HIS A 240 -24.03 -29.13 14.40
C HIS A 240 -23.09 -30.24 14.85
N ASN A 241 -23.67 -31.39 15.21
CA ASN A 241 -22.88 -32.56 15.57
C ASN A 241 -23.48 -33.84 15.03
N GLY A 242 -24.39 -33.75 14.04
CA GLY A 242 -25.08 -34.92 13.55
C GLY A 242 -26.39 -35.15 14.26
N ASP A 243 -26.41 -36.06 15.23
CA ASP A 243 -27.61 -36.27 16.03
C ASP A 243 -27.98 -35.03 16.82
N LYS A 244 -27.00 -34.37 17.42
CA LYS A 244 -27.24 -33.17 18.21
C LYS A 244 -27.33 -31.95 17.30
N TYR A 245 -28.21 -31.03 17.67
CA TYR A 245 -28.36 -29.78 16.93
C TYR A 245 -29.07 -28.77 17.82
N LEU A 246 -28.44 -27.62 18.04
CA LEU A 246 -29.02 -26.52 18.78
C LEU A 246 -28.73 -25.21 18.06
N ALA A 247 -29.56 -24.21 18.31
CA ALA A 247 -29.41 -22.93 17.65
C ALA A 247 -30.06 -21.84 18.50
N ILE A 248 -29.48 -20.65 18.47
CA ILE A 248 -30.04 -19.48 19.15
C ILE A 248 -30.04 -18.31 18.17
N ALA A 249 -30.88 -17.33 18.47
CA ALA A 249 -30.96 -16.09 17.70
C ALA A 249 -30.95 -14.90 18.66
N PRO A 250 -29.81 -14.62 19.29
CA PRO A 250 -29.76 -13.53 20.26
C PRO A 250 -29.94 -12.18 19.59
N PRO A 251 -30.53 -11.21 20.28
CA PRO A 251 -30.72 -9.88 19.70
C PRO A 251 -29.55 -8.94 19.87
N ILE A 252 -28.51 -9.34 20.59
CA ILE A 252 -27.39 -8.45 20.85
C ILE A 252 -26.43 -8.34 19.66
N ILE A 253 -26.34 -9.40 18.85
CA ILE A 253 -25.28 -9.50 17.85
C ILE A 253 -25.73 -9.06 16.47
N LYS A 254 -26.93 -8.49 16.34
CA LYS A 254 -27.47 -8.20 15.03
C LYS A 254 -27.06 -6.82 14.49
N GLN A 255 -26.39 -5.99 15.29
CA GLN A 255 -25.90 -4.72 14.78
C GLN A 255 -24.75 -4.94 13.80
N SER A 256 -23.77 -5.76 14.19
CA SER A 256 -22.62 -6.05 13.36
C SER A 256 -22.29 -7.53 13.46
N THR A 257 -21.70 -8.07 12.40
CA THR A 257 -21.41 -9.49 12.32
C THR A 257 -20.05 -9.81 12.95
N ILE A 258 -19.96 -10.98 13.57
CA ILE A 258 -18.70 -11.42 14.17
C ILE A 258 -17.71 -11.77 13.08
N VAL A 259 -16.48 -11.27 13.20
CA VAL A 259 -15.46 -11.44 12.18
C VAL A 259 -14.31 -12.31 12.63
N CYS A 260 -14.07 -12.47 13.93
CA CYS A 260 -12.96 -13.26 14.42
C CYS A 260 -13.33 -13.87 15.77
N HIS A 261 -12.60 -14.91 16.14
CA HIS A 261 -12.93 -15.70 17.31
C HIS A 261 -11.65 -16.25 17.93
N ASN A 262 -11.76 -16.68 19.18
CA ASN A 262 -10.67 -17.34 19.87
C ASN A 262 -11.21 -18.09 21.07
N ARG A 263 -10.72 -19.32 21.26
CA ARG A 263 -11.14 -20.15 22.39
C ARG A 263 -10.37 -19.76 23.65
N VAL A 264 -11.06 -19.70 24.78
CA VAL A 264 -10.41 -19.34 26.04
C VAL A 264 -10.26 -20.53 26.98
N ASP A 265 -11.03 -21.60 26.79
CA ASP A 265 -10.91 -22.76 27.66
C ASP A 265 -10.37 -23.94 26.86
N PRO A 266 -9.46 -24.74 27.44
CA PRO A 266 -8.90 -25.87 26.70
C PRO A 266 -9.93 -26.91 26.30
N ASN A 267 -11.05 -27.02 27.01
CA ASN A 267 -12.11 -27.95 26.66
C ASN A 267 -13.25 -27.29 25.90
N GLY A 268 -13.06 -26.05 25.44
CA GLY A 268 -14.07 -25.38 24.63
C GLY A 268 -15.36 -25.06 25.35
N SER A 269 -15.28 -24.62 26.60
CA SER A 269 -16.49 -24.26 27.33
C SER A 269 -16.88 -22.81 27.14
N ARG A 270 -15.94 -21.93 26.83
CA ARG A 270 -16.22 -20.54 26.56
C ARG A 270 -15.45 -20.11 25.31
N TYR A 271 -15.97 -19.09 24.64
CA TYR A 271 -15.38 -18.61 23.40
C TYR A 271 -15.40 -17.09 23.40
N LEU A 272 -14.52 -16.50 22.60
CA LEU A 272 -14.48 -15.05 22.41
C LEU A 272 -14.88 -14.72 20.98
N LEU A 273 -15.59 -13.62 20.81
CA LEU A 273 -16.05 -13.17 19.51
C LEU A 273 -15.91 -11.66 19.40
N GLY A 274 -15.60 -11.18 18.20
CA GLY A 274 -15.51 -9.75 17.95
C GLY A 274 -16.17 -9.38 16.65
N ASP A 275 -16.68 -8.16 16.54
CA ASP A 275 -17.41 -7.73 15.36
C ASP A 275 -16.72 -6.52 14.72
N MET A 276 -17.33 -6.00 13.65
CA MET A 276 -16.70 -4.93 12.88
C MET A 276 -16.63 -3.64 13.67
N GLU A 277 -17.65 -3.33 14.46
CA GLU A 277 -17.69 -2.09 15.22
C GLU A 277 -16.86 -2.17 16.49
N GLY A 278 -16.32 -3.33 16.81
CA GLY A 278 -15.35 -3.44 17.88
C GLY A 278 -15.94 -3.55 19.27
N ARG A 279 -16.82 -4.53 19.49
CA ARG A 279 -17.21 -4.90 20.84
C ARG A 279 -16.97 -6.39 21.02
N LEU A 280 -16.69 -6.76 22.26
CA LEU A 280 -16.22 -8.09 22.61
C LEU A 280 -17.37 -8.90 23.16
N PHE A 281 -17.63 -10.07 22.57
CA PHE A 281 -18.67 -10.97 23.04
C PHE A 281 -18.03 -12.15 23.75
N MET A 282 -18.85 -13.05 24.26
CA MET A 282 -18.38 -14.24 24.95
C MET A 282 -19.44 -15.33 24.80
N LEU A 283 -19.18 -16.28 23.92
CA LEU A 283 -20.10 -17.39 23.69
C LEU A 283 -19.87 -18.46 24.76
N LEU A 284 -20.92 -18.78 25.51
CA LEU A 284 -20.83 -19.75 26.59
C LEU A 284 -21.58 -21.01 26.24
N LEU A 285 -20.92 -22.15 26.38
CA LEU A 285 -21.53 -23.46 26.16
C LEU A 285 -21.72 -24.15 27.51
N GLU A 286 -22.90 -24.71 27.73
CA GLU A 286 -23.22 -25.38 28.98
C GLU A 286 -23.13 -26.88 28.77
N LYS A 287 -22.32 -27.54 29.60
CA LYS A 287 -22.15 -29.00 29.56
C LYS A 287 -22.82 -29.68 30.74
N GLU A 288 -23.94 -29.12 31.22
CA GLU A 288 -24.60 -29.70 32.38
C GLU A 288 -25.20 -31.06 32.09
N GLU A 289 -25.37 -31.39 30.81
CA GLU A 289 -25.94 -32.68 30.43
C GLU A 289 -24.89 -33.77 30.58
N GLN A 290 -25.24 -34.85 31.26
CA GLN A 290 -24.37 -36.00 31.44
C GLN A 290 -25.25 -37.22 31.69
N MET A 291 -25.39 -38.08 30.68
CA MET A 291 -26.28 -39.23 30.78
C MET A 291 -25.64 -40.37 31.55
N ASP A 292 -24.55 -40.93 31.02
CA ASP A 292 -23.86 -42.04 31.65
C ASP A 292 -22.35 -41.81 31.59
N GLY A 293 -21.93 -40.58 31.88
CA GLY A 293 -20.52 -40.23 31.80
C GLY A 293 -20.21 -39.41 30.56
N THR A 294 -20.99 -39.62 29.50
CA THR A 294 -20.84 -38.81 28.30
C THR A 294 -21.29 -37.38 28.56
N VAL A 295 -20.54 -36.44 27.99
CA VAL A 295 -20.80 -35.01 28.17
C VAL A 295 -21.20 -34.43 26.82
N THR A 296 -22.35 -33.76 26.78
CA THR A 296 -22.87 -33.17 25.56
C THR A 296 -23.36 -31.76 25.85
N LEU A 297 -23.36 -30.93 24.81
CA LEU A 297 -23.80 -29.54 24.94
C LEU A 297 -25.29 -29.48 25.20
N LYS A 298 -25.69 -28.52 26.04
CA LYS A 298 -27.10 -28.37 26.40
C LYS A 298 -27.64 -26.97 26.17
N ASP A 299 -26.82 -25.94 26.34
CA ASP A 299 -27.26 -24.55 26.19
C ASP A 299 -26.18 -23.77 25.45
N LEU A 300 -26.58 -22.67 24.83
CA LEU A 300 -25.72 -21.91 23.92
C LEU A 300 -25.77 -20.43 24.28
N ARG A 301 -25.60 -20.11 25.55
CA ARG A 301 -25.76 -18.74 26.03
C ARG A 301 -24.68 -17.83 25.46
N VAL A 302 -25.04 -16.57 25.22
CA VAL A 302 -24.14 -15.55 24.71
C VAL A 302 -24.26 -14.32 25.62
N GLU A 303 -23.12 -13.73 25.96
CA GLU A 303 -23.07 -12.52 26.77
C GLU A 303 -22.10 -11.52 26.17
N LEU A 304 -22.37 -10.24 26.38
CA LEU A 304 -21.54 -9.16 25.86
C LEU A 304 -20.64 -8.65 26.97
N LEU A 305 -19.33 -8.54 26.67
CA LEU A 305 -18.35 -8.15 27.67
C LEU A 305 -18.13 -6.64 27.71
N GLY A 306 -17.69 -6.05 26.60
CA GLY A 306 -17.44 -4.63 26.57
C GLY A 306 -17.11 -4.13 25.18
N GLU A 307 -16.33 -3.05 25.10
CA GLU A 307 -15.97 -2.46 23.82
C GLU A 307 -14.45 -2.29 23.76
N THR A 308 -13.86 -2.74 22.66
CA THR A 308 -12.42 -2.68 22.46
C THR A 308 -12.09 -2.06 21.12
N SER A 309 -10.84 -2.19 20.68
CA SER A 309 -10.46 -1.74 19.35
C SER A 309 -11.16 -2.58 18.29
N ILE A 310 -11.10 -2.11 17.05
CA ILE A 310 -11.65 -2.87 15.93
C ILE A 310 -10.71 -4.03 15.66
N ALA A 311 -11.07 -5.20 16.15
CA ALA A 311 -10.13 -6.32 16.28
C ALA A 311 -10.08 -7.14 14.99
N GLU A 312 -8.91 -7.19 14.37
CA GLU A 312 -8.69 -8.09 13.24
C GLU A 312 -8.58 -9.54 13.73
N CYS A 313 -7.92 -9.76 14.87
CA CYS A 313 -7.75 -11.09 15.42
C CYS A 313 -7.64 -11.00 16.93
N LEU A 314 -8.31 -11.91 17.62
CA LEU A 314 -8.27 -12.00 19.08
C LEU A 314 -7.29 -13.06 19.52
N THR A 315 -6.99 -13.04 20.82
CA THR A 315 -6.10 -14.01 21.43
C THR A 315 -6.24 -13.91 22.94
N TYR A 316 -6.43 -15.05 23.59
CA TYR A 316 -6.59 -15.09 25.04
C TYR A 316 -5.31 -15.61 25.68
N LEU A 317 -4.57 -14.73 26.34
CA LEU A 317 -3.41 -15.12 27.11
C LEU A 317 -3.85 -15.70 28.44
N ASP A 318 -2.87 -16.02 29.29
CA ASP A 318 -3.18 -16.63 30.57
C ASP A 318 -3.73 -15.60 31.55
N ASN A 319 -4.43 -16.09 32.57
CA ASN A 319 -4.89 -15.28 33.71
C ASN A 319 -5.80 -14.13 33.28
N GLY A 320 -6.65 -14.38 32.29
CA GLY A 320 -7.73 -13.47 31.98
C GLY A 320 -7.36 -12.22 31.20
N VAL A 321 -6.16 -12.15 30.64
CA VAL A 321 -5.76 -11.01 29.81
C VAL A 321 -5.86 -11.41 28.35
N VAL A 322 -6.44 -10.53 27.53
CA VAL A 322 -6.74 -10.83 26.13
C VAL A 322 -6.01 -9.82 25.26
N PHE A 323 -5.31 -10.31 24.25
CA PHE A 323 -4.62 -9.45 23.29
C PHE A 323 -5.55 -9.18 22.12
N VAL A 324 -6.07 -7.96 22.06
CA VAL A 324 -6.96 -7.53 20.98
C VAL A 324 -6.08 -6.94 19.88
N GLY A 325 -5.75 -7.75 18.89
CA GLY A 325 -4.91 -7.31 17.79
C GLY A 325 -5.72 -6.65 16.71
N SER A 326 -5.47 -5.36 16.50
CA SER A 326 -6.23 -4.56 15.56
C SER A 326 -5.38 -4.24 14.35
N ARG A 327 -6.04 -4.12 13.19
CA ARG A 327 -5.35 -3.85 11.94
C ARG A 327 -5.58 -2.43 11.42
N LEU A 328 -6.59 -1.73 11.92
CA LEU A 328 -6.80 -0.34 11.55
C LEU A 328 -6.81 0.57 12.79
N GLY A 329 -6.30 0.08 13.90
CA GLY A 329 -6.23 0.88 15.10
C GLY A 329 -5.14 0.36 16.01
N ASP A 330 -5.02 0.99 17.18
CA ASP A 330 -4.00 0.58 18.14
C ASP A 330 -4.34 -0.79 18.71
N SER A 331 -3.35 -1.68 18.69
CA SER A 331 -3.52 -2.97 19.36
C SER A 331 -3.62 -2.76 20.86
N GLN A 332 -4.23 -3.73 21.54
CA GLN A 332 -4.57 -3.54 22.94
C GLN A 332 -4.29 -4.82 23.72
N LEU A 333 -4.16 -4.66 25.03
CA LEU A 333 -4.13 -5.77 25.98
C LEU A 333 -5.22 -5.51 27.01
N VAL A 334 -6.38 -6.14 26.84
CA VAL A 334 -7.50 -5.91 27.73
C VAL A 334 -7.48 -6.96 28.82
N LYS A 335 -8.16 -6.64 29.93
CA LYS A 335 -8.24 -7.52 31.08
C LYS A 335 -9.69 -7.89 31.33
N LEU A 336 -9.96 -9.19 31.43
CA LEU A 336 -11.32 -9.69 31.62
C LEU A 336 -11.64 -9.83 33.11
N ASN A 337 -11.58 -8.70 33.80
CA ASN A 337 -12.00 -8.66 35.20
C ASN A 337 -13.49 -8.93 35.29
N VAL A 338 -13.89 -9.67 36.33
CA VAL A 338 -15.25 -10.17 36.43
C VAL A 338 -16.08 -9.32 37.38
N ASP A 339 -15.46 -8.75 38.41
CA ASP A 339 -16.22 -8.14 39.51
C ASP A 339 -16.05 -6.63 39.62
N SER A 340 -15.51 -5.94 38.61
CA SER A 340 -15.46 -4.48 38.69
C SER A 340 -16.77 -3.86 38.22
N ASN A 341 -17.10 -4.05 36.94
CA ASN A 341 -18.34 -3.57 36.33
C ASN A 341 -18.59 -2.10 36.68
N GLU A 342 -17.69 -1.25 36.18
CA GLU A 342 -17.73 0.17 36.52
C GLU A 342 -19.03 0.82 36.05
N GLN A 343 -19.38 0.64 34.78
CA GLN A 343 -20.65 1.15 34.27
C GLN A 343 -21.33 0.18 33.31
N GLY A 344 -20.88 -1.06 33.24
CA GLY A 344 -21.45 -2.03 32.34
C GLY A 344 -20.44 -2.60 31.36
N SER A 345 -19.16 -2.33 31.60
CA SER A 345 -18.08 -2.81 30.76
C SER A 345 -17.20 -3.74 31.58
N TYR A 346 -16.94 -4.93 31.04
CA TYR A 346 -16.15 -5.94 31.74
C TYR A 346 -14.67 -5.89 31.40
N VAL A 347 -14.26 -5.03 30.46
CA VAL A 347 -12.88 -5.00 29.97
C VAL A 347 -12.23 -3.70 30.40
N VAL A 348 -10.99 -3.79 30.85
CA VAL A 348 -10.17 -2.63 31.19
C VAL A 348 -8.86 -2.75 30.44
N ALA A 349 -8.44 -1.66 29.79
CA ALA A 349 -7.23 -1.69 28.97
C ALA A 349 -5.99 -1.66 29.85
N MET A 350 -5.05 -2.57 29.56
CA MET A 350 -3.78 -2.60 30.28
C MET A 350 -2.70 -1.86 29.52
N GLU A 351 -2.46 -2.23 28.27
CA GLU A 351 -1.45 -1.63 27.42
C GLU A 351 -2.08 -1.16 26.12
N THR A 352 -1.25 -0.55 25.26
CA THR A 352 -1.71 -0.07 23.96
C THR A 352 -0.50 0.07 23.06
N PHE A 353 -0.42 -0.79 22.04
CA PHE A 353 0.72 -0.82 21.13
C PHE A 353 0.45 0.09 19.94
N THR A 354 1.45 0.88 19.57
CA THR A 354 1.28 1.86 18.50
C THR A 354 1.05 1.17 17.16
N ASN A 355 0.16 1.74 16.36
CA ASN A 355 -0.17 1.22 15.04
C ASN A 355 -0.48 2.40 14.14
N LEU A 356 0.36 2.61 13.12
CA LEU A 356 0.23 3.75 12.24
C LEU A 356 -0.67 3.49 11.04
N GLY A 357 -1.13 2.27 10.84
CA GLY A 357 -1.90 1.94 9.67
C GLY A 357 -3.39 1.98 9.91
N PRO A 358 -4.17 2.23 8.85
CA PRO A 358 -3.66 2.56 7.52
C PRO A 358 -3.29 4.02 7.39
N ILE A 359 -2.28 4.33 6.58
CA ILE A 359 -1.93 5.71 6.28
C ILE A 359 -2.64 6.11 5.00
N VAL A 360 -3.44 7.17 5.07
CA VAL A 360 -4.25 7.58 3.92
C VAL A 360 -3.60 8.81 3.28
N ASP A 361 -3.01 9.68 4.10
CA ASP A 361 -2.30 10.84 3.59
C ASP A 361 -1.26 11.26 4.62
N MET A 362 -0.26 12.01 4.17
CA MET A 362 0.77 12.52 5.04
C MET A 362 1.31 13.81 4.48
N CYS A 363 1.97 14.59 5.34
CA CYS A 363 2.65 15.80 4.93
C CYS A 363 3.91 15.97 5.77
N VAL A 364 4.97 16.44 5.14
CA VAL A 364 6.24 16.69 5.83
C VAL A 364 6.27 18.16 6.23
N VAL A 365 6.44 18.41 7.53
CA VAL A 365 6.41 19.76 8.07
C VAL A 365 7.52 19.89 9.11
N ASP A 366 8.16 21.07 9.13
CA ASP A 366 9.18 21.38 10.13
C ASP A 366 8.50 22.10 11.30
N LEU A 367 7.95 21.30 12.21
CA LEU A 367 7.14 21.85 13.28
C LEU A 367 7.99 22.57 14.32
N GLU A 368 9.11 21.98 14.72
CA GLU A 368 9.89 22.47 15.84
C GLU A 368 11.21 23.12 15.41
N ARG A 369 12.04 22.38 14.68
CA ARG A 369 13.34 22.89 14.24
C ARG A 369 13.30 23.17 12.75
N GLN A 370 13.70 24.37 12.36
CA GLN A 370 13.80 24.69 10.95
C GLN A 370 14.92 23.87 10.31
N GLY A 371 14.64 23.32 9.14
CA GLY A 371 15.59 22.46 8.45
C GLY A 371 15.33 20.97 8.60
N GLN A 372 14.81 20.56 9.75
CA GLN A 372 14.48 19.16 9.98
C GLN A 372 12.96 18.98 9.91
N GLY A 373 12.51 18.05 9.08
CA GLY A 373 11.10 17.84 8.88
C GLY A 373 10.49 16.82 9.82
N GLN A 374 9.16 16.84 9.90
CA GLN A 374 8.39 15.90 10.68
C GLN A 374 7.23 15.40 9.84
N LEU A 375 6.77 14.20 10.16
CA LEU A 375 5.72 13.54 9.39
C LEU A 375 4.42 13.55 10.19
N VAL A 376 3.36 14.07 9.59
CA VAL A 376 2.03 14.08 10.19
C VAL A 376 1.14 13.22 9.31
N THR A 377 0.74 12.06 9.80
CA THR A 377 -0.01 11.09 9.02
C THR A 377 -1.48 11.13 9.42
N CYS A 378 -2.32 10.59 8.54
CA CYS A 378 -3.74 10.42 8.79
C CYS A 378 -3.97 8.92 8.95
N SER A 379 -3.83 8.43 10.18
CA SER A 379 -3.87 7.01 10.48
C SER A 379 -5.23 6.62 11.00
N GLY A 380 -5.57 5.33 10.86
CA GLY A 380 -6.77 4.78 11.43
C GLY A 380 -8.01 5.08 10.62
N ALA A 381 -9.12 4.49 11.08
CA ALA A 381 -10.41 4.70 10.45
C ALA A 381 -11.50 4.51 11.49
N PHE A 382 -12.66 5.08 11.23
CA PHE A 382 -13.83 5.03 12.13
C PHE A 382 -13.40 5.64 13.46
N LYS A 383 -13.76 5.02 14.59
CA LYS A 383 -13.38 5.55 15.89
C LYS A 383 -11.89 5.46 16.15
N GLU A 384 -11.14 4.75 15.32
CA GLU A 384 -9.69 4.64 15.46
C GLU A 384 -8.93 5.74 14.72
N GLY A 385 -9.63 6.60 13.99
CA GLY A 385 -8.94 7.65 13.27
C GLY A 385 -8.26 8.64 14.19
N SER A 386 -7.09 9.10 13.77
CA SER A 386 -6.26 9.99 14.58
C SER A 386 -5.19 10.59 13.67
N LEU A 387 -4.31 11.38 14.26
CA LEU A 387 -3.15 11.93 13.59
C LEU A 387 -1.90 11.52 14.36
N ARG A 388 -0.86 11.11 13.64
CA ARG A 388 0.40 10.69 14.23
C ARG A 388 1.51 11.61 13.77
N ILE A 389 2.28 12.14 14.72
CA ILE A 389 3.40 13.01 14.44
C ILE A 389 4.68 12.23 14.72
N ILE A 390 5.53 12.09 13.70
CA ILE A 390 6.74 11.28 13.78
C ILE A 390 7.94 12.18 13.61
N ARG A 391 8.89 12.10 14.53
CA ARG A 391 10.14 12.84 14.45
C ARG A 391 11.28 11.92 14.83
N ASN A 392 12.46 12.22 14.32
CA ASN A 392 13.63 11.37 14.55
C ASN A 392 14.48 11.92 15.69
N GLY A 393 14.90 11.01 16.56
CA GLY A 393 15.84 11.34 17.61
C GLY A 393 15.20 12.08 18.77
N ILE A 394 16.06 12.49 19.70
CA ILE A 394 15.66 13.19 20.91
C ILE A 394 16.05 14.65 20.74
N GLY A 395 15.05 15.53 20.68
CA GLY A 395 15.32 16.93 20.53
C GLY A 395 15.57 17.63 21.85
N ILE A 396 16.23 18.78 21.76
CA ILE A 396 16.55 19.61 22.92
C ILE A 396 15.80 20.92 22.79
N HIS A 397 14.95 21.22 23.77
CA HIS A 397 14.17 22.45 23.78
C HIS A 397 14.92 23.48 24.63
N GLU A 398 15.53 24.45 23.96
CA GLU A 398 16.35 25.44 24.66
C GLU A 398 15.49 26.32 25.55
N HIS A 399 15.99 26.57 26.77
CA HIS A 399 15.32 27.45 27.71
C HIS A 399 16.18 28.62 28.15
N ALA A 400 17.42 28.69 27.68
CA ALA A 400 18.31 29.82 27.98
C ALA A 400 19.32 29.94 26.87
N SER A 401 19.90 31.15 26.74
CA SER A 401 20.88 31.41 25.70
C SER A 401 21.87 32.43 26.21
N ILE A 402 23.15 32.04 26.26
CA ILE A 402 24.23 32.92 26.69
C ILE A 402 25.37 32.79 25.70
N ASP A 403 26.03 33.91 25.39
CA ASP A 403 27.14 33.92 24.45
C ASP A 403 28.43 33.61 25.20
N LEU A 404 29.10 32.52 24.81
CA LEU A 404 30.36 32.11 25.43
C LEU A 404 31.41 31.90 24.34
N PRO A 405 32.57 32.55 24.43
CA PRO A 405 33.56 32.43 23.35
C PRO A 405 34.33 31.13 23.38
N GLY A 406 33.68 30.03 22.98
CA GLY A 406 34.35 28.75 22.87
C GLY A 406 34.76 28.15 24.20
N ILE A 407 33.78 27.77 25.01
CA ILE A 407 34.07 27.17 26.31
C ILE A 407 34.65 25.77 26.10
N LYS A 408 35.81 25.52 26.70
CA LYS A 408 36.50 24.25 26.55
C LYS A 408 36.09 23.23 27.61
N GLY A 409 35.12 23.55 28.46
CA GLY A 409 34.66 22.60 29.46
C GLY A 409 33.54 23.14 30.32
N LEU A 410 32.51 22.33 30.54
CA LEU A 410 31.38 22.71 31.37
C LEU A 410 31.22 21.69 32.49
N TRP A 411 31.24 22.16 33.74
CA TRP A 411 31.10 21.32 34.90
C TRP A 411 30.13 21.96 35.89
N PRO A 412 29.35 21.15 36.60
CA PRO A 412 28.41 21.71 37.57
C PRO A 412 29.05 21.86 38.95
N LEU A 413 28.47 22.74 39.75
CA LEU A 413 28.95 22.98 41.10
C LEU A 413 27.76 23.33 41.98
N ARG A 414 27.89 23.02 43.27
CA ARG A 414 26.86 23.30 44.26
C ARG A 414 27.50 24.06 45.42
N SER A 415 27.52 25.38 45.33
CA SER A 415 28.07 26.23 46.39
C SER A 415 27.03 26.53 47.45
N ASP A 416 26.37 25.48 47.95
CA ASP A 416 25.37 25.61 49.00
C ASP A 416 25.17 24.26 49.68
N PRO A 417 25.85 24.00 50.79
CA PRO A 417 25.66 22.72 51.48
C PRO A 417 24.22 22.56 51.96
N ASN A 418 23.72 21.33 51.86
CA ASN A 418 22.34 20.99 52.25
C ASN A 418 21.33 21.86 51.50
N ARG A 419 21.41 21.80 50.17
CA ARG A 419 20.49 22.55 49.31
C ARG A 419 19.90 21.63 48.25
N GLU A 420 20.63 20.59 47.87
CA GLU A 420 20.17 19.60 46.88
C GLU A 420 19.79 20.25 45.56
N THR A 421 20.52 21.28 45.15
CA THR A 421 20.24 21.98 43.90
C THR A 421 21.49 22.72 43.45
N ASP A 422 21.86 22.53 42.18
CA ASP A 422 23.01 23.24 41.64
C ASP A 422 22.71 24.73 41.54
N ASP A 423 23.75 25.55 41.77
CA ASP A 423 23.60 26.99 41.76
C ASP A 423 24.51 27.71 40.77
N THR A 424 25.68 27.15 40.47
CA THR A 424 26.63 27.80 39.57
C THR A 424 27.17 26.79 38.57
N LEU A 425 27.44 27.25 37.37
CA LEU A 425 28.02 26.42 36.30
C LEU A 425 29.45 26.84 36.09
N VAL A 426 30.38 25.88 36.19
CA VAL A 426 31.80 26.16 36.08
C VAL A 426 32.24 26.03 34.63
N LEU A 427 32.21 27.15 33.90
CA LEU A 427 32.69 27.16 32.52
C LEU A 427 34.20 27.37 32.51
N SER A 428 34.91 26.50 31.81
CA SER A 428 36.37 26.52 31.76
C SER A 428 36.83 26.82 30.34
N PHE A 429 37.66 27.84 30.18
CA PHE A 429 38.23 28.21 28.90
C PHE A 429 39.60 27.57 28.73
N VAL A 430 40.34 28.02 27.72
CA VAL A 430 41.65 27.44 27.44
C VAL A 430 42.62 27.70 28.59
N GLY A 431 42.62 28.91 29.16
CA GLY A 431 43.55 29.24 30.21
C GLY A 431 42.89 29.73 31.49
N GLN A 432 41.61 30.08 31.41
CA GLN A 432 40.89 30.64 32.54
C GLN A 432 39.64 29.80 32.83
N THR A 433 39.14 29.94 34.05
CA THR A 433 37.94 29.24 34.51
C THR A 433 37.00 30.25 35.13
N ARG A 434 35.90 30.56 34.44
CA ARG A 434 34.90 31.50 34.93
C ARG A 434 33.74 30.74 35.54
N VAL A 435 33.45 31.02 36.81
CA VAL A 435 32.38 30.35 37.55
C VAL A 435 31.13 31.21 37.43
N LEU A 436 30.31 30.93 36.42
CA LEU A 436 29.07 31.67 36.24
C LEU A 436 28.04 31.25 37.29
N MET A 437 27.40 32.23 37.92
CA MET A 437 26.42 32.00 38.96
C MET A 437 25.03 32.31 38.42
N LEU A 438 24.08 31.40 38.67
CA LEU A 438 22.71 31.58 38.20
C LEU A 438 21.77 30.96 39.23
N ASN A 439 21.27 31.79 40.15
CA ASN A 439 20.28 31.32 41.11
C ASN A 439 18.93 31.11 40.44
N GLY A 440 18.51 32.05 39.62
CA GLY A 440 17.27 31.93 38.87
C GLY A 440 17.52 31.81 37.39
N GLU A 441 17.35 32.91 36.66
CA GLU A 441 17.66 32.98 35.24
C GLU A 441 18.77 33.98 34.94
N GLU A 442 19.51 34.40 35.95
CA GLU A 442 20.57 35.38 35.76
C GLU A 442 21.79 34.75 35.11
N VAL A 443 22.69 35.61 34.62
CA VAL A 443 23.91 35.16 33.97
C VAL A 443 25.13 35.76 34.67
N GLU A 444 25.02 35.93 35.99
CA GLU A 444 26.10 36.52 36.77
C GLU A 444 27.30 35.57 36.84
N GLU A 445 28.46 36.14 37.12
CA GLU A 445 29.72 35.39 37.22
C GLU A 445 30.33 35.68 38.58
N THR A 446 29.95 34.88 39.59
CA THR A 446 30.45 35.03 40.95
C THR A 446 31.59 34.03 41.16
N GLU A 447 32.80 34.56 41.29
CA GLU A 447 33.97 33.70 41.46
C GLU A 447 33.99 33.08 42.85
N LEU A 448 34.35 31.80 42.91
CA LEU A 448 34.50 31.11 44.18
C LEU A 448 35.86 31.41 44.80
N MET A 449 35.90 31.48 46.12
CA MET A 449 37.14 31.80 46.82
C MET A 449 38.19 30.71 46.62
N GLY A 450 37.77 29.45 46.69
CA GLY A 450 38.71 28.34 46.58
C GLY A 450 39.14 27.99 45.18
N PHE A 451 38.51 28.56 44.17
CA PHE A 451 38.82 28.25 42.78
C PHE A 451 39.77 29.29 42.19
N VAL A 452 40.82 28.81 41.52
CA VAL A 452 41.77 29.71 40.88
C VAL A 452 41.13 30.36 39.67
N ASP A 453 41.23 31.68 39.59
CA ASP A 453 40.59 32.40 38.49
C ASP A 453 41.29 32.14 37.16
N ASP A 454 42.62 32.16 37.15
CA ASP A 454 43.40 32.01 35.93
C ASP A 454 44.12 30.66 35.98
N GLN A 455 43.43 29.63 35.50
CA GLN A 455 43.97 28.28 35.46
C GLN A 455 43.07 27.44 34.56
N GLN A 456 43.68 26.52 33.81
CA GLN A 456 42.94 25.62 32.92
C GLN A 456 42.31 24.54 33.77
N THR A 457 41.07 24.78 34.18
CA THR A 457 40.37 23.83 35.05
C THR A 457 39.99 22.58 34.27
N PHE A 458 40.35 21.42 34.82
CA PHE A 458 40.01 20.14 34.22
C PHE A 458 38.88 19.43 34.93
N PHE A 459 38.69 19.69 36.23
CA PHE A 459 37.58 19.10 36.97
C PHE A 459 37.32 19.96 38.19
N CYS A 460 36.04 20.29 38.42
CA CYS A 460 35.66 21.11 39.57
C CYS A 460 34.25 20.67 39.98
N GLY A 461 34.17 19.80 40.97
CA GLY A 461 32.88 19.28 41.42
C GLY A 461 32.90 18.95 42.88
N ASN A 462 31.72 18.62 43.40
CA ASN A 462 31.58 18.30 44.82
C ASN A 462 32.29 16.98 45.13
N VAL A 463 32.98 16.95 46.27
CA VAL A 463 33.65 15.74 46.74
C VAL A 463 33.05 15.34 48.09
N ALA A 464 33.58 14.26 48.66
CA ALA A 464 33.05 13.75 49.92
C ALA A 464 33.43 14.68 51.07
N HIS A 465 32.78 14.43 52.22
CA HIS A 465 33.04 15.19 53.45
C HIS A 465 32.79 16.68 53.26
N GLN A 466 31.76 17.02 52.48
CA GLN A 466 31.36 18.40 52.24
C GLN A 466 32.53 19.25 51.75
N GLN A 467 33.22 18.74 50.73
CA GLN A 467 34.37 19.42 50.16
C GLN A 467 34.23 19.49 48.65
N LEU A 468 34.84 20.50 48.06
CA LEU A 468 34.85 20.71 46.62
C LEU A 468 36.26 20.57 46.09
N ILE A 469 36.45 19.66 45.14
CA ILE A 469 37.76 19.37 44.58
C ILE A 469 37.88 20.06 43.24
N GLN A 470 38.95 20.84 43.06
CA GLN A 470 39.22 21.55 41.80
C GLN A 470 40.62 21.16 41.34
N ILE A 471 40.71 20.13 40.52
CA ILE A 471 41.99 19.63 40.02
C ILE A 471 42.29 20.41 38.74
N THR A 472 42.91 21.58 38.91
CA THR A 472 43.24 22.44 37.79
C THR A 472 44.54 21.99 37.15
N SER A 473 44.97 22.72 36.11
CA SER A 473 46.20 22.38 35.41
C SER A 473 47.41 22.56 36.30
N ALA A 474 47.43 23.61 37.13
CA ALA A 474 48.58 23.88 37.98
C ALA A 474 48.74 22.81 39.05
N SER A 475 47.68 22.51 39.78
CA SER A 475 47.72 21.52 40.85
C SER A 475 46.30 21.13 41.23
N VAL A 476 46.21 20.04 41.99
CA VAL A 476 44.91 19.53 42.47
C VAL A 476 44.68 20.18 43.83
N ARG A 477 44.05 21.35 43.84
CA ARG A 477 43.77 22.10 45.06
C ARG A 477 42.33 21.84 45.49
N LEU A 478 42.17 21.28 46.69
CA LEU A 478 40.85 21.03 47.24
C LEU A 478 40.30 22.28 47.91
N VAL A 479 39.00 22.27 48.17
CA VAL A 479 38.30 23.35 48.84
C VAL A 479 37.26 22.76 49.78
N SER A 480 36.53 23.62 50.47
CA SER A 480 35.49 23.21 51.39
C SER A 480 34.25 24.08 51.18
N GLN A 481 33.09 23.56 51.56
CA GLN A 481 31.83 24.24 51.31
C GLN A 481 31.67 25.46 52.20
N GLU A 482 31.67 25.26 53.53
CA GLU A 482 31.39 26.37 54.44
C GLU A 482 32.56 27.34 54.54
N PRO A 483 33.77 26.92 54.93
CA PRO A 483 34.86 27.91 55.09
C PRO A 483 35.42 28.42 53.78
N LYS A 484 35.23 27.70 52.67
CA LYS A 484 35.73 28.11 51.36
C LYS A 484 37.24 28.34 51.40
N ALA A 485 37.96 27.43 52.05
CA ALA A 485 39.40 27.52 52.18
C ALA A 485 40.03 26.22 51.73
N LEU A 486 41.26 26.31 51.23
CA LEU A 486 41.98 25.16 50.69
C LEU A 486 42.40 24.25 51.84
N VAL A 487 41.62 23.19 52.09
CA VAL A 487 41.98 22.22 53.12
C VAL A 487 43.26 21.48 52.73
N SER A 488 43.40 21.13 51.47
CA SER A 488 44.59 20.44 50.97
C SER A 488 44.97 20.99 49.61
N GLU A 489 46.23 20.80 49.24
CA GLU A 489 46.73 21.24 47.93
C GLU A 489 47.87 20.30 47.55
N TRP A 490 47.57 19.32 46.70
CA TRP A 490 48.56 18.33 46.28
C TRP A 490 49.28 18.85 45.05
N LYS A 491 50.29 19.69 45.27
CA LYS A 491 51.08 20.21 44.18
C LYS A 491 51.97 19.12 43.60
N GLU A 492 52.35 19.30 42.34
CA GLU A 492 53.21 18.33 41.66
C GLU A 492 54.60 18.35 42.30
N PRO A 493 55.13 17.21 42.75
CA PRO A 493 56.47 17.22 43.36
C PRO A 493 57.56 17.68 42.41
N GLN A 494 57.42 17.41 41.12
CA GLN A 494 58.41 17.82 40.13
C GLN A 494 58.00 19.09 39.38
N ALA A 495 56.99 19.81 39.88
CA ALA A 495 56.48 21.02 39.25
C ALA A 495 56.02 20.74 37.82
N LYS A 496 55.38 19.60 37.62
CA LYS A 496 54.88 19.20 36.31
C LYS A 496 53.46 19.72 36.10
N ASN A 497 52.89 19.42 34.94
CA ASN A 497 51.54 19.83 34.59
C ASN A 497 50.65 18.59 34.45
N ILE A 498 49.42 18.71 34.92
CA ILE A 498 48.46 17.61 34.84
C ILE A 498 47.82 17.62 33.46
N SER A 499 47.83 16.46 32.80
CA SER A 499 47.26 16.32 31.47
C SER A 499 45.84 15.78 31.47
N VAL A 500 45.57 14.74 32.25
CA VAL A 500 44.24 14.14 32.35
C VAL A 500 43.84 14.06 33.82
N ALA A 501 42.64 14.51 34.13
CA ALA A 501 42.12 14.52 35.49
C ALA A 501 40.84 13.70 35.55
N SER A 502 40.72 12.88 36.59
CA SER A 502 39.53 12.04 36.78
C SER A 502 39.28 11.94 38.28
N CYS A 503 38.30 12.68 38.77
CA CYS A 503 37.96 12.72 40.18
C CYS A 503 36.64 12.01 40.41
N ASN A 504 36.59 11.17 41.44
CA ASN A 504 35.43 10.37 41.77
C ASN A 504 34.90 10.80 43.15
N SER A 505 33.94 10.03 43.66
CA SER A 505 33.35 10.34 44.96
C SER A 505 34.40 10.27 46.07
N SER A 506 35.28 9.27 46.02
CA SER A 506 36.30 9.10 47.04
C SER A 506 37.73 9.13 46.50
N GLN A 507 37.95 8.79 45.23
CA GLN A 507 39.28 8.79 44.66
C GLN A 507 39.44 9.93 43.66
N VAL A 508 40.67 10.41 43.55
CA VAL A 508 41.05 11.43 42.58
C VAL A 508 42.35 10.99 41.94
N VAL A 509 42.28 10.49 40.72
CA VAL A 509 43.44 9.98 39.99
C VAL A 509 43.74 10.95 38.86
N VAL A 510 44.94 11.52 38.88
CA VAL A 510 45.39 12.44 37.84
C VAL A 510 46.72 11.94 37.29
N ALA A 511 47.01 12.35 36.05
CA ALA A 511 48.20 11.91 35.35
C ALA A 511 49.02 13.12 34.91
N VAL A 512 50.30 13.14 35.29
CA VAL A 512 51.24 14.18 34.89
C VAL A 512 52.34 13.49 34.10
N GLY A 513 52.54 13.93 32.85
CA GLY A 513 53.50 13.26 31.99
C GLY A 513 53.06 11.83 31.73
N ARG A 514 54.00 10.90 31.85
CA ARG A 514 53.73 9.48 31.66
C ARG A 514 53.46 8.75 32.97
N ALA A 515 53.40 9.47 34.09
CA ALA A 515 53.18 8.87 35.40
C ALA A 515 51.85 9.34 35.98
N LEU A 516 51.07 8.40 36.50
CA LEU A 516 49.78 8.68 37.09
C LEU A 516 49.84 8.42 38.59
N TYR A 517 49.42 9.41 39.39
CA TYR A 517 49.41 9.30 40.84
C TYR A 517 47.97 9.31 41.32
N TYR A 518 47.61 8.30 42.12
CA TYR A 518 46.27 8.15 42.65
C TYR A 518 46.23 8.67 44.07
N LEU A 519 45.58 9.82 44.28
CA LEU A 519 45.46 10.45 45.58
C LEU A 519 44.03 10.30 46.08
N GLN A 520 43.86 9.61 47.20
CA GLN A 520 42.55 9.44 47.79
C GLN A 520 42.09 10.73 48.47
N ILE A 521 40.78 10.92 48.51
CA ILE A 521 40.21 12.14 49.10
C ILE A 521 40.03 11.86 50.59
N HIS A 522 41.10 12.09 51.33
CA HIS A 522 41.06 11.94 52.77
C HIS A 522 40.25 13.08 53.40
N PRO A 523 39.64 12.85 54.57
CA PRO A 523 38.88 13.92 55.22
C PRO A 523 39.75 15.12 55.57
N GLN A 524 39.47 16.26 54.92
CA GLN A 524 40.25 17.49 55.12
C GLN A 524 41.73 17.25 54.85
N GLU A 525 42.02 16.44 53.83
CA GLU A 525 43.40 16.13 53.47
C GLU A 525 43.43 15.55 52.06
N LEU A 526 44.65 15.40 51.54
CA LEU A 526 44.89 14.78 50.23
C LEU A 526 46.02 13.76 50.41
N ARG A 527 45.64 12.49 50.53
CA ARG A 527 46.58 11.41 50.79
C ARG A 527 46.68 10.51 49.59
N GLN A 528 47.91 10.24 49.14
CA GLN A 528 48.15 9.34 48.04
C GLN A 528 48.07 7.89 48.50
N ILE A 529 47.65 7.02 47.57
CA ILE A 529 47.55 5.60 47.85
C ILE A 529 48.36 4.74 46.89
N SER A 530 48.64 5.22 45.68
CA SER A 530 49.43 4.46 44.72
C SER A 530 50.03 5.41 43.71
N HIS A 531 51.09 4.94 43.04
CA HIS A 531 51.74 5.72 42.00
C HIS A 531 52.39 4.76 41.01
N THR A 532 52.26 5.08 39.73
CA THR A 532 52.81 4.24 38.68
C THR A 532 53.06 5.10 37.45
N GLU A 533 53.89 4.57 36.54
CA GLU A 533 54.23 5.24 35.30
C GLU A 533 53.83 4.38 34.12
N MET A 534 53.39 5.02 33.05
CA MET A 534 52.94 4.34 31.84
C MET A 534 54.03 4.36 30.78
N GLU A 535 54.04 3.31 29.95
CA GLU A 535 55.02 3.24 28.87
C GLU A 535 54.84 4.38 27.87
N HIS A 536 53.59 4.69 27.53
CA HIS A 536 53.26 5.77 26.61
C HIS A 536 52.56 6.90 27.37
N GLU A 537 52.34 8.00 26.66
CA GLU A 537 51.66 9.14 27.25
C GLU A 537 50.19 8.80 27.49
N VAL A 538 49.68 9.19 28.66
CA VAL A 538 48.30 8.91 29.02
C VAL A 538 47.36 9.81 28.22
N ALA A 539 46.68 9.23 27.23
CA ALA A 539 45.77 10.01 26.41
C ALA A 539 44.53 10.42 27.20
N CYS A 540 43.98 9.51 28.00
CA CYS A 540 42.80 9.80 28.80
C CYS A 540 42.80 8.90 30.02
N LEU A 541 42.06 9.34 31.05
CA LEU A 541 41.91 8.59 32.28
C LEU A 541 40.44 8.56 32.68
N ASP A 542 39.99 7.42 33.20
CA ASP A 542 38.59 7.25 33.59
C ASP A 542 38.56 6.38 34.85
N ILE A 543 38.15 6.99 35.97
CA ILE A 543 38.00 6.27 37.24
C ILE A 543 36.57 6.56 37.72
N THR A 544 35.65 5.65 37.41
CA THR A 544 34.25 5.81 37.78
C THR A 544 33.81 4.58 38.56
N PRO A 545 33.34 4.74 39.79
CA PRO A 545 32.86 3.57 40.56
C PRO A 545 31.64 2.95 39.88
N LEU A 546 31.58 1.63 39.95
CA LEU A 546 30.48 0.89 39.33
C LEU A 546 29.35 0.73 40.36
N GLY A 547 28.41 -0.17 40.06
CA GLY A 547 27.28 -0.36 40.97
C GLY A 547 27.74 -0.81 42.35
N ASP A 548 26.98 -0.38 43.36
CA ASP A 548 27.25 -0.66 44.76
C ASP A 548 28.56 -0.03 45.23
N SER A 549 28.77 -0.01 46.55
CA SER A 549 29.98 0.53 47.16
C SER A 549 30.12 2.02 46.88
N ASN A 550 30.41 2.37 45.63
CA ASN A 550 30.54 3.76 45.19
C ASN A 550 31.59 4.52 45.99
N GLY A 551 32.61 3.80 46.48
CA GLY A 551 33.66 4.43 47.25
C GLY A 551 35.05 4.03 46.80
N LEU A 552 35.11 3.05 45.89
CA LEU A 552 36.39 2.58 45.38
C LEU A 552 36.17 1.96 44.01
N SER A 553 36.78 2.52 42.99
CA SER A 553 36.64 2.00 41.64
C SER A 553 37.43 0.71 41.50
N PRO A 554 36.80 -0.41 41.13
CA PRO A 554 37.56 -1.66 40.97
C PRO A 554 38.65 -1.55 39.91
N LEU A 555 38.43 -0.79 38.85
CA LEU A 555 39.40 -0.62 37.78
C LEU A 555 39.40 0.84 37.33
N CYS A 556 40.52 1.24 36.73
CA CYS A 556 40.67 2.60 36.22
C CYS A 556 41.36 2.50 34.86
N ALA A 557 40.57 2.55 33.79
CA ALA A 557 41.09 2.39 32.45
C ALA A 557 41.74 3.67 31.97
N ILE A 558 42.87 3.51 31.26
CA ILE A 558 43.62 4.64 30.72
C ILE A 558 43.91 4.37 29.25
N GLY A 559 44.17 5.45 28.52
CA GLY A 559 44.49 5.38 27.10
C GLY A 559 45.92 5.82 26.86
N LEU A 560 46.56 5.17 25.89
CA LEU A 560 47.95 5.45 25.55
C LEU A 560 47.98 6.32 24.30
N TRP A 561 48.67 7.47 24.39
CA TRP A 561 48.73 8.38 23.25
C TRP A 561 49.56 7.81 22.12
N THR A 562 50.72 7.24 22.44
CA THR A 562 51.64 6.74 21.42
C THR A 562 51.34 5.31 20.99
N ASP A 563 50.41 4.63 21.66
CA ASP A 563 50.07 3.26 21.32
C ASP A 563 48.63 3.06 20.87
N ILE A 564 47.72 3.98 21.21
CA ILE A 564 46.31 3.89 20.87
C ILE A 564 45.74 2.56 21.35
N SER A 565 45.97 2.25 22.62
CA SER A 565 45.46 1.03 23.23
C SER A 565 44.83 1.38 24.57
N ALA A 566 43.82 0.59 24.95
CA ALA A 566 43.09 0.79 26.19
C ALA A 566 43.39 -0.35 27.14
N ARG A 567 43.85 -0.02 28.35
CA ARG A 567 44.18 -1.00 29.36
C ARG A 567 43.43 -0.70 30.65
N ILE A 568 42.82 -1.73 31.22
CA ILE A 568 42.08 -1.62 32.47
C ILE A 568 42.98 -2.10 33.60
N LEU A 569 43.24 -1.22 34.57
CA LEU A 569 44.11 -1.53 35.68
C LEU A 569 43.41 -1.19 36.98
N LYS A 570 43.75 -1.92 38.05
CA LYS A 570 43.14 -1.69 39.35
C LYS A 570 43.54 -0.32 39.89
N LEU A 571 42.59 0.32 40.58
CA LEU A 571 42.85 1.64 41.15
C LEU A 571 43.96 1.63 42.20
N PRO A 572 43.97 0.75 43.20
CA PRO A 572 45.04 0.78 44.19
C PRO A 572 46.33 0.08 43.77
N SER A 573 46.44 -0.34 42.51
CA SER A 573 47.62 -1.06 42.04
C SER A 573 47.95 -0.57 40.63
N PHE A 574 48.81 -1.32 39.95
CA PHE A 574 49.19 -0.98 38.59
C PHE A 574 49.09 -2.15 37.62
N GLU A 575 48.68 -3.33 38.07
CA GLU A 575 48.55 -4.47 37.18
C GLU A 575 47.39 -4.26 36.21
N LEU A 576 47.61 -4.63 34.95
CA LEU A 576 46.60 -4.48 33.90
C LEU A 576 45.67 -5.69 33.96
N LEU A 577 44.41 -5.43 34.34
CA LEU A 577 43.42 -6.50 34.36
C LEU A 577 43.17 -7.04 32.95
N HIS A 578 43.09 -6.15 31.96
CA HIS A 578 42.93 -6.56 30.57
C HIS A 578 43.56 -5.49 29.69
N LYS A 579 43.91 -5.91 28.47
CA LYS A 579 44.51 -5.01 27.49
C LYS A 579 43.77 -5.13 26.17
N GLU A 580 43.57 -3.99 25.52
CA GLU A 580 42.88 -3.96 24.23
C GLU A 580 43.56 -2.92 23.34
N MET A 581 43.75 -3.28 22.09
CA MET A 581 44.41 -2.42 21.10
C MET A 581 43.44 -2.11 19.97
N LEU A 582 42.19 -1.82 20.31
CA LEU A 582 41.20 -1.48 19.31
C LEU A 582 41.55 -0.17 18.63
N GLY A 583 41.45 -0.16 17.30
CA GLY A 583 41.76 1.04 16.55
C GLY A 583 43.26 1.31 16.50
N GLY A 584 43.58 2.53 16.10
CA GLY A 584 44.97 2.93 15.97
C GLY A 584 45.07 4.35 15.47
N GLU A 585 46.30 4.76 15.14
CA GLU A 585 46.56 6.08 14.59
C GLU A 585 46.09 7.18 15.53
N ILE A 586 44.87 7.67 15.30
CA ILE A 586 44.33 8.75 16.12
C ILE A 586 44.25 8.33 17.58
N ILE A 587 44.70 9.22 18.46
CA ILE A 587 44.73 8.95 19.91
C ILE A 587 43.31 8.94 20.45
N PRO A 588 43.05 8.22 21.54
CA PRO A 588 41.71 8.25 22.15
C PRO A 588 41.38 9.63 22.69
N ARG A 589 40.09 9.95 22.70
CA ARG A 589 39.62 11.25 23.16
C ARG A 589 38.96 11.20 24.53
N SER A 590 38.16 10.17 24.82
CA SER A 590 37.48 10.08 26.11
C SER A 590 37.17 8.63 26.42
N ILE A 591 37.41 8.23 27.66
CA ILE A 591 37.13 6.88 28.14
C ILE A 591 36.07 6.98 29.22
N LEU A 592 35.10 6.07 29.19
CA LEU A 592 34.00 6.09 30.15
C LEU A 592 33.45 4.69 30.33
N MET A 593 33.02 4.38 31.55
CA MET A 593 32.39 3.12 31.88
C MET A 593 30.95 3.38 32.33
N THR A 594 30.02 2.56 31.85
CA THR A 594 28.60 2.78 32.10
C THR A 594 27.94 1.49 32.59
N THR A 595 26.72 1.65 33.10
CA THR A 595 25.96 0.55 33.69
C THR A 595 24.52 0.57 33.21
N PHE A 596 24.33 0.63 31.89
CA PHE A 596 22.99 0.73 31.31
C PHE A 596 22.17 -0.51 31.67
N GLU A 597 21.19 -0.34 32.56
CA GLU A 597 20.21 -1.37 32.90
C GLU A 597 20.88 -2.67 33.34
N SER A 598 21.66 -2.56 34.43
CA SER A 598 22.35 -3.70 35.04
C SER A 598 23.27 -4.42 34.06
N SER A 599 23.77 -3.70 33.06
CA SER A 599 24.71 -4.23 32.08
C SER A 599 25.92 -3.30 32.05
N HIS A 600 27.09 -3.84 32.37
CA HIS A 600 28.29 -3.04 32.52
C HIS A 600 29.06 -2.97 31.20
N TYR A 601 29.45 -1.77 30.79
CA TYR A 601 30.22 -1.56 29.58
C TYR A 601 31.39 -0.64 29.87
N LEU A 602 32.35 -0.63 28.95
CA LEU A 602 33.49 0.29 29.01
C LEU A 602 33.67 0.87 27.62
N LEU A 603 33.11 2.05 27.39
CA LEU A 603 33.09 2.67 26.07
C LEU A 603 34.31 3.56 25.90
N CYS A 604 35.06 3.33 24.83
CA CYS A 604 36.24 4.13 24.48
C CYS A 604 35.92 4.88 23.19
N ALA A 605 36.11 6.21 23.23
CA ALA A 605 35.83 7.07 22.09
C ALA A 605 37.16 7.57 21.53
N LEU A 606 37.51 7.10 20.34
CA LEU A 606 38.73 7.54 19.69
C LEU A 606 38.56 8.96 19.15
N GLY A 607 39.69 9.57 18.78
CA GLY A 607 39.67 10.93 18.26
C GLY A 607 39.24 11.05 16.82
N ASP A 608 39.01 9.93 16.13
CA ASP A 608 38.61 9.93 14.75
C ASP A 608 37.10 9.99 14.55
N GLY A 609 36.34 10.08 15.64
CA GLY A 609 34.89 10.10 15.55
C GLY A 609 34.22 8.75 15.66
N ALA A 610 34.93 7.73 16.12
CA ALA A 610 34.39 6.40 16.29
C ALA A 610 34.39 6.02 17.77
N LEU A 611 33.28 5.41 18.21
CA LEU A 611 33.13 4.95 19.58
C LEU A 611 33.30 3.44 19.63
N PHE A 612 34.23 2.96 20.44
CA PHE A 612 34.55 1.54 20.56
C PHE A 612 33.85 1.00 21.80
N TYR A 613 32.57 0.67 21.67
CA TYR A 613 31.83 0.11 22.79
C TYR A 613 32.30 -1.31 23.07
N PHE A 614 32.39 -1.65 24.35
CA PHE A 614 32.82 -2.97 24.77
C PHE A 614 32.35 -3.23 26.19
N GLY A 615 31.81 -4.42 26.42
CA GLY A 615 31.39 -4.81 27.75
C GLY A 615 32.58 -5.05 28.68
N LEU A 616 32.31 -5.00 29.97
CA LEU A 616 33.35 -5.17 30.98
C LEU A 616 32.82 -6.08 32.08
N ASN A 617 33.76 -6.75 32.75
CA ASN A 617 33.46 -7.63 33.87
C ASN A 617 33.83 -6.91 35.17
N ILE A 618 32.86 -6.75 36.05
CA ILE A 618 33.10 -6.02 37.30
C ILE A 618 34.08 -6.77 38.19
N GLU A 619 33.99 -8.10 38.22
CA GLU A 619 34.84 -8.88 39.11
C GLU A 619 36.29 -8.84 38.66
N THR A 620 36.58 -9.33 37.46
CA THR A 620 37.94 -9.36 36.95
C THR A 620 37.92 -9.40 35.44
N GLY A 621 38.84 -8.66 34.83
CA GLY A 621 38.97 -8.63 33.39
C GLY A 621 37.86 -7.82 32.71
N LEU A 622 37.87 -7.91 31.39
CA LEU A 622 36.87 -7.22 30.58
C LEU A 622 36.67 -8.00 29.28
N LEU A 623 35.52 -7.77 28.65
CA LEU A 623 35.21 -8.43 27.40
C LEU A 623 35.91 -7.70 26.24
N SER A 624 35.66 -8.14 25.01
CA SER A 624 36.21 -7.49 23.83
C SER A 624 35.13 -6.80 23.01
N ASP A 625 34.12 -7.55 22.55
CA ASP A 625 32.95 -7.01 21.86
C ASP A 625 33.34 -5.94 20.84
N ARG A 626 34.23 -6.31 19.93
CA ARG A 626 34.74 -5.36 18.94
C ARG A 626 33.62 -4.85 18.04
N LYS A 627 33.28 -3.56 18.21
CA LYS A 627 32.24 -2.94 17.41
C LYS A 627 32.45 -1.44 17.43
N LYS A 628 32.61 -0.84 16.25
CA LYS A 628 32.88 0.58 16.12
C LYS A 628 31.73 1.25 15.37
N VAL A 629 31.26 2.37 15.90
CA VAL A 629 30.22 3.18 15.28
C VAL A 629 30.79 4.58 15.05
N THR A 630 30.74 5.04 13.80
CA THR A 630 31.26 6.35 13.44
C THR A 630 30.26 7.40 13.87
N LEU A 631 30.30 7.74 15.16
CA LEU A 631 29.36 8.70 15.74
C LEU A 631 29.85 10.14 15.55
N GLY A 632 30.09 10.49 14.29
CA GLY A 632 30.49 11.83 13.91
C GLY A 632 31.83 11.82 13.21
N THR A 633 32.34 13.02 12.93
CA THR A 633 33.64 13.17 12.29
C THR A 633 34.58 14.07 13.09
N GLN A 634 34.34 14.24 14.38
CA GLN A 634 35.16 15.07 15.26
C GLN A 634 35.39 14.29 16.54
N PRO A 635 36.44 14.64 17.30
CA PRO A 635 36.68 13.97 18.58
C PRO A 635 35.47 14.09 19.50
N THR A 636 35.16 12.98 20.18
CA THR A 636 33.95 12.87 20.97
C THR A 636 34.29 12.84 22.45
N VAL A 637 33.58 13.66 23.22
CA VAL A 637 33.70 13.70 24.67
C VAL A 637 32.42 13.15 25.26
N LEU A 638 32.54 12.11 26.09
CA LEU A 638 31.41 11.39 26.64
C LEU A 638 31.08 11.94 28.03
N ARG A 639 29.81 12.28 28.23
CA ARG A 639 29.29 12.67 29.54
C ARG A 639 28.05 11.85 29.84
N THR A 640 27.83 11.58 31.12
CA THR A 640 26.73 10.73 31.56
C THR A 640 25.73 11.57 32.36
N PHE A 641 24.52 11.72 31.82
CA PHE A 641 23.42 12.40 32.49
C PHE A 641 22.26 11.41 32.61
N ARG A 642 21.81 11.17 33.84
CA ARG A 642 20.75 10.19 34.01
C ARG A 642 19.44 10.65 33.37
N SER A 643 18.80 11.66 33.98
CA SER A 643 17.60 12.32 33.45
C SER A 643 16.49 11.35 33.06
N LEU A 644 16.63 10.07 33.42
CA LEU A 644 15.64 9.08 33.02
C LEU A 644 15.42 7.97 34.05
N SER A 645 16.01 8.07 35.23
CA SER A 645 16.16 6.94 36.16
C SER A 645 16.99 5.82 35.53
N THR A 646 17.78 6.16 34.51
CA THR A 646 18.67 5.24 33.83
C THR A 646 19.98 5.98 33.57
N THR A 647 21.07 5.22 33.38
CA THR A 647 22.39 5.83 33.29
C THR A 647 22.48 6.81 32.13
N ASN A 648 22.42 6.30 30.90
CA ASN A 648 22.51 7.08 29.67
C ASN A 648 23.87 7.76 29.50
N VAL A 649 24.25 8.03 28.25
CA VAL A 649 25.52 8.70 27.96
C VAL A 649 25.29 9.67 26.80
N PHE A 650 25.91 10.84 26.88
CA PHE A 650 25.81 11.85 25.84
C PHE A 650 27.13 11.91 25.09
N ALA A 651 27.07 11.81 23.76
CA ALA A 651 28.26 11.82 22.91
C ALA A 651 28.35 13.18 22.21
N CYS A 652 29.12 14.07 22.79
CA CYS A 652 29.31 15.40 22.24
C CYS A 652 30.29 15.33 21.06
N SER A 653 29.81 15.67 19.87
CA SER A 653 30.61 15.58 18.65
C SER A 653 29.96 16.45 17.59
N ASP A 654 30.43 16.31 16.35
CA ASP A 654 29.80 17.03 15.24
C ASP A 654 28.35 16.59 15.07
N ARG A 655 28.08 15.31 15.25
CA ARG A 655 26.71 14.78 15.26
C ARG A 655 26.45 14.19 16.64
N PRO A 656 25.81 14.93 17.55
CA PRO A 656 25.59 14.42 18.90
C PRO A 656 24.68 13.20 18.90
N THR A 657 24.92 12.31 19.86
CA THR A 657 24.14 11.09 20.00
C THR A 657 24.04 10.73 21.47
N VAL A 658 22.98 10.03 21.82
CA VAL A 658 22.75 9.56 23.19
C VAL A 658 22.66 8.04 23.14
N ILE A 659 23.55 7.38 23.87
CA ILE A 659 23.63 5.92 23.88
C ILE A 659 22.75 5.40 25.01
N TYR A 660 21.66 4.74 24.66
CA TYR A 660 20.73 4.17 25.62
C TYR A 660 20.50 2.71 25.30
N SER A 661 19.89 1.99 26.24
CA SER A 661 19.60 0.57 26.09
C SER A 661 18.11 0.36 25.95
N SER A 662 17.70 -0.34 24.89
CA SER A 662 16.29 -0.59 24.67
C SER A 662 15.78 -1.76 25.51
N ASN A 663 16.29 -2.96 25.27
CA ASN A 663 16.00 -4.12 26.11
C ASN A 663 17.25 -4.65 26.79
N HIS A 664 18.25 -5.06 26.01
CA HIS A 664 19.53 -5.47 26.58
C HIS A 664 20.73 -5.02 25.75
N LYS A 665 20.52 -4.27 24.67
CA LYS A 665 21.59 -3.84 23.79
C LYS A 665 21.55 -2.32 23.68
N LEU A 666 22.74 -1.71 23.62
CA LEU A 666 22.82 -0.27 23.49
C LEU A 666 22.25 0.19 22.15
N VAL A 667 21.44 1.24 22.20
CA VAL A 667 20.85 1.83 21.01
C VAL A 667 21.30 3.28 20.92
N PHE A 668 21.73 3.68 19.72
CA PHE A 668 22.26 5.01 19.48
C PHE A 668 21.21 5.85 18.79
N SER A 669 20.75 6.91 19.48
CA SER A 669 19.81 7.85 18.92
C SER A 669 20.54 9.05 18.35
N ASN A 670 19.79 10.09 18.01
CA ASN A 670 20.36 11.33 17.49
C ASN A 670 19.79 12.51 18.28
N VAL A 671 20.63 13.49 18.55
CA VAL A 671 20.21 14.74 19.15
C VAL A 671 20.03 15.76 18.05
N ASN A 672 18.84 16.35 17.95
CA ASN A 672 18.51 17.29 16.88
C ASN A 672 19.20 18.63 17.15
N LEU A 673 20.52 18.62 16.99
CA LEU A 673 21.34 19.80 17.21
C LEU A 673 22.41 19.89 16.14
N LYS A 674 22.90 21.10 15.90
CA LYS A 674 23.95 21.30 14.91
C LYS A 674 25.27 20.70 15.39
N GLU A 675 25.78 21.18 16.52
CA GLU A 675 27.05 20.68 17.05
C GLU A 675 27.10 20.99 18.53
N VAL A 676 27.39 19.99 19.35
CA VAL A 676 27.56 20.16 20.79
C VAL A 676 28.97 19.73 21.14
N ASN A 677 29.76 20.64 21.72
CA ASN A 677 31.13 20.35 22.07
C ASN A 677 31.25 19.75 23.46
N TYR A 678 30.54 20.31 24.43
CA TYR A 678 30.53 19.81 25.80
C TYR A 678 29.12 19.88 26.37
N MET A 679 28.80 18.95 27.27
CA MET A 679 27.49 18.89 27.90
C MET A 679 27.67 18.65 29.39
N CYS A 680 26.69 19.10 30.16
CA CYS A 680 26.72 18.95 31.61
C CYS A 680 25.31 19.06 32.17
N PRO A 681 24.84 18.08 32.94
CA PRO A 681 23.50 18.18 33.52
C PRO A 681 23.48 19.15 34.70
N LEU A 682 22.55 20.09 34.66
CA LEU A 682 22.41 21.12 35.69
C LEU A 682 21.00 21.05 36.27
N ASN A 683 20.89 20.56 37.50
CA ASN A 683 19.60 20.49 38.19
C ASN A 683 19.39 21.74 39.04
N SER A 684 19.49 22.90 38.39
CA SER A 684 19.35 24.17 39.07
C SER A 684 17.89 24.41 39.46
N ASP A 685 17.69 25.31 40.42
CA ASP A 685 16.34 25.64 40.86
C ASP A 685 15.54 26.29 39.74
N GLY A 686 16.16 27.23 39.02
CA GLY A 686 15.49 27.86 37.89
C GLY A 686 15.38 26.99 36.67
N TYR A 687 16.24 25.99 36.54
CA TYR A 687 16.25 25.07 35.40
C TYR A 687 16.28 23.65 35.94
N PRO A 688 15.15 23.14 36.41
CA PRO A 688 15.14 21.79 37.00
C PRO A 688 15.20 20.70 35.95
N ASP A 689 16.07 19.72 36.21
CA ASP A 689 16.30 18.59 35.30
C ASP A 689 16.65 19.06 33.90
N SER A 690 17.48 20.10 33.82
CA SER A 690 17.92 20.65 32.55
C SER A 690 19.23 19.99 32.11
N LEU A 691 19.73 20.43 30.96
CA LEU A 691 20.97 19.88 30.42
C LEU A 691 21.69 21.01 29.68
N ALA A 692 22.62 21.68 30.36
CA ALA A 692 23.35 22.79 29.78
C ALA A 692 24.35 22.25 28.77
N LEU A 693 24.04 22.43 27.49
CA LEU A 693 24.91 21.99 26.39
C LEU A 693 25.63 23.21 25.82
N ALA A 694 26.96 23.19 25.88
CA ALA A 694 27.78 24.31 25.41
C ALA A 694 28.31 23.97 24.02
N ASN A 695 27.85 24.72 23.03
CA ASN A 695 28.31 24.53 21.65
C ASN A 695 29.69 25.18 21.49
N ASN A 696 30.16 25.26 20.24
CA ASN A 696 31.45 25.87 19.96
C ASN A 696 31.38 27.38 19.88
N SER A 697 30.18 27.96 19.90
CA SER A 697 30.00 29.41 19.77
C SER A 697 29.21 30.03 20.90
N THR A 698 28.33 29.28 21.55
CA THR A 698 27.49 29.82 22.62
C THR A 698 27.08 28.70 23.56
N LEU A 699 26.62 29.10 24.73
CA LEU A 699 26.14 28.17 25.75
C LEU A 699 24.63 28.27 25.88
N THR A 700 23.96 27.12 25.96
CA THR A 700 22.51 27.08 26.08
C THR A 700 22.13 26.02 27.10
N ILE A 701 20.95 26.20 27.68
CA ILE A 701 20.41 25.27 28.67
C ILE A 701 19.04 24.83 28.21
N GLY A 702 18.78 23.53 28.26
CA GLY A 702 17.51 22.97 27.83
C GLY A 702 17.29 21.61 28.43
N THR A 703 16.16 21.00 28.08
CA THR A 703 15.78 19.69 28.56
C THR A 703 15.59 18.74 27.38
N ILE A 704 15.98 17.48 27.58
CA ILE A 704 15.84 16.49 26.51
C ILE A 704 14.37 16.15 26.30
N ASP A 705 14.05 15.65 25.11
CA ASP A 705 12.67 15.29 24.78
C ASP A 705 12.33 13.90 25.31
N GLU A 706 13.06 12.88 24.86
CA GLU A 706 12.82 11.50 25.27
C GLU A 706 14.11 10.72 25.07
N ILE A 707 14.01 9.39 25.08
CA ILE A 707 15.17 8.55 24.86
C ILE A 707 14.87 7.50 23.80
N GLN A 708 13.98 7.84 22.87
CA GLN A 708 13.56 6.93 21.81
C GLN A 708 14.03 7.43 20.46
N LYS A 709 14.41 6.51 19.58
CA LYS A 709 14.86 6.89 18.24
C LYS A 709 13.75 7.53 17.43
N LEU A 710 12.55 6.96 17.48
CA LEU A 710 11.38 7.52 16.82
C LEU A 710 10.30 7.79 17.87
N HIS A 711 9.78 9.01 17.87
CA HIS A 711 8.72 9.40 18.79
C HIS A 711 7.45 9.64 18.00
N ILE A 712 6.37 8.96 18.39
CA ILE A 712 5.09 9.05 17.72
C ILE A 712 4.07 9.58 18.70
N ARG A 713 3.46 10.71 18.38
CA ARG A 713 2.45 11.34 19.22
C ARG A 713 1.10 11.19 18.55
N THR A 714 0.11 10.72 19.30
CA THR A 714 -1.21 10.43 18.77
C THR A 714 -2.20 11.51 19.17
N VAL A 715 -2.94 12.02 18.20
CA VAL A 715 -3.99 13.00 18.44
C VAL A 715 -5.31 12.38 17.98
N PRO A 716 -6.05 11.73 18.87
CA PRO A 716 -7.26 11.00 18.46
C PRO A 716 -8.35 11.95 17.96
N LEU A 717 -9.10 11.49 16.97
CA LEU A 717 -10.22 12.24 16.44
C LEU A 717 -11.55 11.52 16.57
N TYR A 718 -11.55 10.20 16.76
CA TYR A 718 -12.76 9.39 16.84
C TYR A 718 -13.60 9.51 15.58
N GLU A 719 -12.93 9.72 14.44
CA GLU A 719 -13.58 9.76 13.14
C GLU A 719 -12.51 9.55 12.07
N SER A 720 -12.95 9.22 10.88
CA SER A 720 -12.01 8.87 9.81
C SER A 720 -11.44 10.12 9.18
N PRO A 721 -10.12 10.33 9.21
CA PRO A 721 -9.52 11.45 8.48
C PRO A 721 -9.06 11.02 7.09
N ARG A 722 -9.27 11.91 6.12
CA ARG A 722 -8.99 11.58 4.72
C ARG A 722 -7.74 12.29 4.20
N LYS A 723 -7.69 13.61 4.26
CA LYS A 723 -6.58 14.37 3.70
C LYS A 723 -6.11 15.40 4.71
N ILE A 724 -4.82 15.73 4.62
CA ILE A 724 -4.20 16.70 5.52
C ILE A 724 -3.31 17.62 4.71
N CYS A 725 -3.32 18.91 5.06
CA CYS A 725 -2.45 19.90 4.43
C CYS A 725 -2.11 20.96 5.45
N TYR A 726 -0.89 21.48 5.35
CA TYR A 726 -0.33 22.39 6.35
C TYR A 726 -0.29 23.80 5.79
N GLN A 727 -0.82 24.75 6.56
CA GLN A 727 -0.83 26.16 6.20
C GLN A 727 0.07 26.91 7.18
N GLU A 728 1.30 27.20 6.75
CA GLU A 728 2.31 27.75 7.65
C GLU A 728 1.97 29.17 8.10
N VAL A 729 1.29 29.95 7.26
CA VAL A 729 0.95 31.32 7.64
C VAL A 729 -0.01 31.32 8.83
N SER A 730 -1.02 30.45 8.79
CA SER A 730 -1.99 30.36 9.87
C SER A 730 -1.57 29.42 10.99
N GLN A 731 -0.46 28.69 10.82
CA GLN A 731 0.04 27.76 11.82
C GLN A 731 -1.03 26.75 12.23
N CYS A 732 -1.67 26.14 11.23
CA CYS A 732 -2.74 25.19 11.49
C CYS A 732 -2.78 24.14 10.40
N PHE A 733 -3.37 22.99 10.73
CA PHE A 733 -3.54 21.89 9.80
C PHE A 733 -5.00 21.84 9.35
N GLY A 734 -5.19 21.64 8.05
CA GLY A 734 -6.52 21.42 7.48
C GLY A 734 -6.73 19.94 7.21
N VAL A 735 -7.67 19.35 7.92
CA VAL A 735 -7.92 17.92 7.85
C VAL A 735 -9.37 17.70 7.42
N LEU A 736 -9.55 16.94 6.34
CA LEU A 736 -10.87 16.47 5.96
C LEU A 736 -11.18 15.20 6.74
N SER A 737 -12.37 15.16 7.34
CA SER A 737 -12.77 14.01 8.13
C SER A 737 -14.23 13.71 7.86
N SER A 738 -14.59 12.44 8.01
CA SER A 738 -15.96 11.99 7.77
C SER A 738 -16.38 11.05 8.88
N ARG A 739 -17.55 11.32 9.46
CA ARG A 739 -18.09 10.51 10.54
C ARG A 739 -19.38 9.84 10.10
N ILE A 740 -19.67 8.70 10.71
CA ILE A 740 -20.86 7.92 10.38
C ILE A 740 -22.00 8.36 11.29
N GLU A 741 -23.11 8.76 10.69
CA GLU A 741 -24.31 9.15 11.41
C GLU A 741 -25.48 8.32 10.90
N VAL A 742 -26.26 7.76 11.83
CA VAL A 742 -27.32 6.83 11.49
C VAL A 742 -28.62 7.59 11.27
N GLN A 743 -29.35 7.21 10.23
CA GLN A 743 -30.65 7.82 9.92
C GLN A 743 -31.72 7.20 10.82
N ASP A 744 -32.10 7.91 11.88
CA ASP A 744 -33.08 7.36 12.80
C ASP A 744 -34.49 7.63 12.31
N THR A 745 -35.48 7.21 13.10
CA THR A 745 -36.87 7.32 12.72
C THR A 745 -37.46 8.67 13.13
N SER A 746 -36.79 9.76 12.77
CA SER A 746 -37.31 11.10 13.06
C SER A 746 -37.05 12.08 11.93
N GLY A 747 -36.47 11.64 10.81
CA GLY A 747 -36.14 12.53 9.71
C GLY A 747 -34.81 13.22 9.84
N GLY A 748 -34.09 13.02 10.94
CA GLY A 748 -32.80 13.65 11.13
C GLY A 748 -31.68 12.64 11.30
N THR A 749 -30.48 13.11 11.64
CA THR A 749 -29.33 12.26 11.82
C THR A 749 -28.75 12.46 13.22
N THR A 750 -28.42 11.36 13.88
CA THR A 750 -27.82 11.39 15.21
C THR A 750 -26.47 10.69 15.17
N ALA A 751 -25.47 11.33 15.78
CA ALA A 751 -24.12 10.80 15.78
C ALA A 751 -24.02 9.57 16.67
N LEU A 752 -23.16 8.64 16.27
CA LEU A 752 -22.93 7.43 17.06
C LEU A 752 -22.12 7.67 18.31
N ARG A 753 -21.16 8.60 18.26
CA ARG A 753 -20.31 8.91 19.40
C ARG A 753 -19.78 10.32 19.24
N PRO A 754 -19.40 10.97 20.34
CA PRO A 754 -18.82 12.31 20.23
C PRO A 754 -17.48 12.27 19.53
N SER A 755 -17.39 12.97 18.40
CA SER A 755 -16.21 12.95 17.55
C SER A 755 -15.48 14.28 17.67
N ALA A 756 -14.34 14.36 16.99
CA ALA A 756 -13.58 15.61 16.96
C ALA A 756 -14.25 16.68 16.12
N SER A 757 -15.24 16.30 15.31
CA SER A 757 -15.95 17.27 14.48
C SER A 757 -17.13 17.90 15.18
N THR A 758 -17.71 17.22 16.16
CA THR A 758 -18.82 17.75 16.94
C THR A 758 -18.36 18.37 18.24
N GLN A 759 -17.06 18.41 18.50
CA GLN A 759 -16.50 18.96 19.73
C GLN A 759 -15.42 19.98 19.42
N ALA A 760 -15.71 20.88 18.48
CA ALA A 760 -14.77 21.93 18.09
C ALA A 760 -15.06 23.20 18.88
N LEU A 761 -14.06 24.07 18.95
CA LEU A 761 -14.21 25.34 19.66
C LEU A 761 -15.30 26.19 19.01
N SER A 762 -15.28 26.29 17.70
CA SER A 762 -16.33 26.91 16.91
C SER A 762 -16.76 25.95 15.81
N SER A 763 -17.89 26.25 15.17
CA SER A 763 -18.41 25.34 14.17
C SER A 763 -19.16 26.13 13.11
N SER A 764 -19.30 25.51 11.93
CA SER A 764 -20.02 26.12 10.83
C SER A 764 -20.69 25.01 10.02
N VAL A 765 -21.71 25.40 9.27
CA VAL A 765 -22.41 24.50 8.36
C VAL A 765 -22.51 25.19 7.00
N SER A 766 -22.09 24.50 5.95
CA SER A 766 -22.14 25.07 4.62
C SER A 766 -23.58 25.29 4.20
N SER A 767 -23.85 26.50 3.75
CA SER A 767 -25.22 26.88 3.37
C SER A 767 -25.16 27.44 1.97
N SER A 768 -25.14 26.54 0.98
CA SER A 768 -25.05 27.00 -0.43
C SER A 768 -26.18 26.37 -1.24
N LYS A 769 -26.76 27.15 -2.17
CA LYS A 769 -27.91 26.64 -2.94
C LYS A 769 -27.59 26.74 -4.43
N LEU A 770 -26.40 26.29 -4.85
CA LEU A 770 -26.08 26.25 -6.30
C LEU A 770 -26.58 24.90 -6.80
N PHE A 771 -27.34 24.19 -5.98
CA PHE A 771 -27.86 22.84 -6.31
C PHE A 771 -29.38 22.90 -6.46
N THR A 780 -32.24 6.80 3.80
CA THR A 780 -33.68 6.89 3.61
C THR A 780 -34.42 6.18 4.74
N SER A 781 -34.38 4.85 4.72
CA SER A 781 -35.05 4.07 5.73
C SER A 781 -34.35 4.19 7.08
N PHE A 782 -35.08 3.89 8.14
CA PHE A 782 -34.53 3.94 9.48
C PHE A 782 -33.44 2.88 9.65
N GLY A 783 -32.35 3.27 10.29
CA GLY A 783 -31.21 2.41 10.52
C GLY A 783 -30.09 2.58 9.52
N GLU A 784 -30.35 3.22 8.38
CA GLU A 784 -29.31 3.45 7.39
C GLU A 784 -28.30 4.46 7.91
N GLU A 785 -27.03 4.24 7.58
CA GLU A 785 -25.93 5.09 8.02
C GLU A 785 -25.41 5.89 6.84
N VAL A 786 -25.20 7.19 7.04
CA VAL A 786 -24.68 8.07 6.02
C VAL A 786 -23.41 8.73 6.54
N GLU A 787 -22.57 9.17 5.61
CA GLU A 787 -21.30 9.81 5.95
C GLU A 787 -21.46 11.32 5.88
N VAL A 788 -21.01 12.00 6.92
CA VAL A 788 -21.01 13.47 6.97
C VAL A 788 -19.56 13.93 6.93
N HIS A 789 -19.23 14.75 5.94
CA HIS A 789 -17.86 15.17 5.70
C HIS A 789 -17.62 16.56 6.26
N ASN A 790 -16.46 16.75 6.87
CA ASN A 790 -16.12 17.99 7.54
C ASN A 790 -14.70 18.40 7.19
N LEU A 791 -14.44 19.70 7.30
CA LEU A 791 -13.09 20.25 7.17
C LEU A 791 -12.69 20.79 8.53
N LEU A 792 -11.74 20.12 9.18
CA LEU A 792 -11.28 20.50 10.51
C LEU A 792 -10.09 21.45 10.39
N ILE A 793 -9.94 22.32 11.37
CA ILE A 793 -8.76 23.16 11.50
C ILE A 793 -8.08 22.80 12.81
N ILE A 794 -6.85 22.30 12.72
CA ILE A 794 -6.13 21.77 13.87
C ILE A 794 -4.90 22.63 14.11
N ASP A 795 -4.75 23.09 15.35
CA ASP A 795 -3.61 23.91 15.71
C ASP A 795 -2.30 23.14 15.56
N GLN A 796 -1.25 23.85 15.17
CA GLN A 796 0.05 23.24 14.95
C GLN A 796 0.88 23.09 16.22
N HIS A 797 0.40 23.63 17.34
CA HIS A 797 1.13 23.57 18.60
C HIS A 797 0.43 22.69 19.62
N THR A 798 -0.85 22.96 19.89
CA THR A 798 -1.61 22.23 20.88
C THR A 798 -2.38 21.07 20.29
N PHE A 799 -2.61 21.07 18.97
CA PHE A 799 -3.34 20.02 18.27
C PHE A 799 -4.76 19.88 18.78
N GLU A 800 -5.43 21.02 18.97
CA GLU A 800 -6.83 21.06 19.33
C GLU A 800 -7.64 21.58 18.15
N VAL A 801 -8.82 20.99 17.95
CA VAL A 801 -9.64 21.31 16.78
C VAL A 801 -10.21 22.71 16.97
N LEU A 802 -9.66 23.68 16.24
CA LEU A 802 -10.12 25.06 16.36
C LEU A 802 -11.46 25.27 15.68
N HIS A 803 -11.69 24.65 14.52
CA HIS A 803 -12.90 24.86 13.76
C HIS A 803 -13.29 23.55 13.07
N ALA A 804 -14.56 23.44 12.71
CA ALA A 804 -15.06 22.25 12.04
C ALA A 804 -16.18 22.68 11.10
N HIS A 805 -15.85 22.86 9.83
CA HIS A 805 -16.82 23.23 8.81
C HIS A 805 -17.49 21.97 8.27
N GLN A 806 -18.82 21.98 8.21
CA GLN A 806 -19.60 20.85 7.74
C GLN A 806 -20.16 21.14 6.35
N PHE A 807 -20.00 20.19 5.45
CA PHE A 807 -20.40 20.38 4.06
C PHE A 807 -21.89 20.07 3.88
N LEU A 808 -22.38 20.27 2.67
CA LEU A 808 -23.78 20.01 2.38
C LEU A 808 -24.09 18.53 2.50
N GLN A 809 -25.37 18.21 2.63
CA GLN A 809 -25.78 16.82 2.68
C GLN A 809 -25.52 16.15 1.35
N ASN A 810 -25.08 14.89 1.41
CA ASN A 810 -24.76 14.08 0.23
C ASN A 810 -23.65 14.70 -0.60
N GLU A 811 -22.69 15.36 0.05
CA GLU A 811 -21.55 15.94 -0.62
C GLU A 811 -20.27 15.33 -0.07
N TYR A 812 -19.44 14.80 -0.97
CA TYR A 812 -18.23 14.07 -0.63
C TYR A 812 -17.02 14.94 -0.94
N ALA A 813 -16.24 15.28 0.09
CA ALA A 813 -15.05 16.08 -0.10
C ALA A 813 -13.89 15.18 -0.49
N LEU A 814 -13.36 15.39 -1.70
CA LEU A 814 -12.34 14.51 -2.27
C LEU A 814 -10.93 15.07 -2.16
N SER A 815 -10.74 16.35 -2.48
CA SER A 815 -9.41 16.93 -2.55
C SER A 815 -9.33 18.15 -1.63
N LEU A 816 -8.11 18.41 -1.16
CA LEU A 816 -7.84 19.55 -0.30
C LEU A 816 -6.43 20.03 -0.56
N VAL A 817 -6.27 21.32 -0.82
CA VAL A 817 -4.96 21.92 -1.05
C VAL A 817 -4.92 23.27 -0.33
N SER A 818 -3.74 23.64 0.14
CA SER A 818 -3.52 24.91 0.81
C SER A 818 -2.42 25.66 0.07
N CYS A 819 -2.80 26.76 -0.59
CA CYS A 819 -1.86 27.51 -1.41
C CYS A 819 -2.42 28.90 -1.66
N LYS A 820 -1.54 29.79 -2.11
CA LYS A 820 -1.93 31.13 -2.50
C LYS A 820 -1.88 31.25 -4.02
N LEU A 821 -2.85 32.01 -4.56
CA LEU A 821 -3.08 32.06 -6.00
C LEU A 821 -2.86 33.47 -6.52
N GLY A 822 -2.23 33.58 -7.68
CA GLY A 822 -2.05 34.86 -8.33
C GLY A 822 -1.28 35.84 -7.47
N LYS A 823 -1.76 37.08 -7.44
CA LYS A 823 -1.14 38.15 -6.67
C LYS A 823 -1.76 38.33 -5.29
N ASP A 824 -2.72 37.49 -4.91
CA ASP A 824 -3.34 37.61 -3.60
C ASP A 824 -2.35 37.17 -2.52
N PRO A 825 -2.11 38.00 -1.50
CA PRO A 825 -1.14 37.64 -0.46
C PRO A 825 -1.65 36.64 0.56
N ASN A 826 -2.95 36.33 0.57
CA ASN A 826 -3.52 35.41 1.53
C ASN A 826 -3.31 33.97 1.10
N THR A 827 -3.16 33.09 2.08
CA THR A 827 -3.14 31.65 1.84
C THR A 827 -4.53 31.08 2.09
N TYR A 828 -4.99 30.23 1.18
CA TYR A 828 -6.37 29.76 1.19
C TYR A 828 -6.42 28.25 1.36
N PHE A 829 -7.48 27.80 2.03
CA PHE A 829 -7.84 26.38 2.08
C PHE A 829 -8.84 26.14 0.95
N ILE A 830 -8.43 25.37 -0.05
CA ILE A 830 -9.27 25.11 -1.21
C ILE A 830 -9.66 23.63 -1.18
N VAL A 831 -10.96 23.37 -1.25
CA VAL A 831 -11.50 22.01 -1.14
C VAL A 831 -12.29 21.70 -2.39
N GLY A 832 -12.05 20.54 -2.97
CA GLY A 832 -12.82 20.09 -4.11
C GLY A 832 -13.72 18.92 -3.74
N THR A 833 -15.01 19.08 -3.92
CA THR A 833 -16.00 18.11 -3.46
C THR A 833 -16.74 17.53 -4.67
N ALA A 834 -17.58 16.53 -4.39
CA ALA A 834 -18.37 15.86 -5.41
C ALA A 834 -19.70 15.45 -4.81
N MET A 835 -20.79 15.96 -5.36
CA MET A 835 -22.13 15.67 -4.85
C MET A 835 -22.57 14.31 -5.38
N VAL A 836 -22.57 13.30 -4.51
CA VAL A 836 -22.88 11.93 -4.89
C VAL A 836 -24.24 11.54 -4.34
N TYR A 837 -24.99 10.79 -5.15
CA TYR A 837 -26.28 10.26 -4.74
C TYR A 837 -26.30 8.76 -4.99
N PRO A 838 -27.02 7.98 -4.19
CA PRO A 838 -27.14 6.54 -4.47
C PRO A 838 -27.83 6.25 -5.79
N GLU A 839 -28.72 7.13 -6.23
CA GLU A 839 -29.50 6.86 -7.44
C GLU A 839 -28.62 6.79 -8.67
N GLU A 840 -27.73 7.76 -8.84
CA GLU A 840 -26.84 7.78 -9.99
C GLU A 840 -25.52 7.08 -9.66
N ALA A 841 -24.71 6.84 -10.69
CA ALA A 841 -23.45 6.12 -10.53
C ALA A 841 -22.24 7.01 -10.71
N GLU A 842 -22.23 7.84 -11.76
CA GLU A 842 -21.15 8.79 -11.97
C GLU A 842 -21.62 10.19 -11.61
N PRO A 843 -20.95 10.88 -10.69
CA PRO A 843 -21.47 12.18 -10.23
C PRO A 843 -21.59 13.17 -11.38
N LYS A 844 -22.63 13.98 -11.32
CA LYS A 844 -22.93 14.97 -12.34
C LYS A 844 -22.42 16.36 -12.02
N GLN A 845 -22.41 16.74 -10.74
CA GLN A 845 -22.01 18.08 -10.34
C GLN A 845 -21.17 18.04 -9.08
N GLY A 846 -20.33 19.05 -8.92
CA GLY A 846 -19.45 19.19 -7.77
C GLY A 846 -19.06 20.64 -7.59
N ARG A 847 -18.44 20.93 -6.46
CA ARG A 847 -18.09 22.29 -6.10
C ARG A 847 -16.60 22.42 -5.80
N ILE A 848 -16.06 23.58 -6.11
CA ILE A 848 -14.70 23.97 -5.71
C ILE A 848 -14.85 25.19 -4.81
N VAL A 849 -14.57 25.01 -3.52
CA VAL A 849 -14.83 26.02 -2.52
C VAL A 849 -13.51 26.47 -1.91
N VAL A 850 -13.36 27.78 -1.73
CA VAL A 850 -12.12 28.39 -1.25
C VAL A 850 -12.38 28.99 0.13
N PHE A 851 -11.69 28.47 1.13
CA PHE A 851 -11.81 28.94 2.51
C PHE A 851 -10.65 29.85 2.85
N GLN A 852 -10.70 30.42 4.05
CA GLN A 852 -9.61 31.26 4.56
C GLN A 852 -9.74 31.33 6.07
N TYR A 853 -8.75 30.79 6.78
CA TYR A 853 -8.72 30.86 8.24
C TYR A 853 -8.06 32.17 8.66
N SER A 854 -8.87 33.14 9.07
CA SER A 854 -8.36 34.42 9.52
C SER A 854 -9.08 34.82 10.79
N ASP A 855 -8.31 35.28 11.77
CA ASP A 855 -8.85 35.75 13.05
C ASP A 855 -9.68 34.67 13.75
N GLY A 856 -9.24 33.42 13.60
CA GLY A 856 -9.90 32.31 14.28
C GLY A 856 -11.22 31.89 13.69
N LYS A 857 -11.60 32.40 12.53
CA LYS A 857 -12.86 32.04 11.90
C LYS A 857 -12.63 31.61 10.46
N LEU A 858 -13.47 30.69 10.01
CA LEU A 858 -13.40 30.14 8.65
C LEU A 858 -14.52 30.73 7.82
N GLN A 859 -14.17 31.40 6.73
CA GLN A 859 -15.16 31.98 5.83
C GLN A 859 -14.93 31.50 4.41
N THR A 860 -16.00 31.48 3.63
CA THR A 860 -15.98 31.03 2.23
C THR A 860 -15.73 32.25 1.36
N VAL A 861 -14.50 32.36 0.84
CA VAL A 861 -14.17 33.49 -0.03
C VAL A 861 -14.92 33.39 -1.35
N ALA A 862 -14.91 32.22 -1.97
CA ALA A 862 -15.59 32.02 -3.24
C ALA A 862 -15.76 30.52 -3.48
N GLU A 863 -16.88 30.16 -4.10
CA GLU A 863 -17.18 28.78 -4.44
C GLU A 863 -17.51 28.70 -5.92
N LYS A 864 -17.11 27.60 -6.56
CA LYS A 864 -17.29 27.39 -7.99
C LYS A 864 -18.03 26.08 -8.20
N GLU A 865 -19.07 26.11 -9.03
CA GLU A 865 -19.83 24.91 -9.37
C GLU A 865 -19.33 24.34 -10.69
N VAL A 866 -18.89 23.09 -10.66
CA VAL A 866 -18.40 22.39 -11.84
C VAL A 866 -19.27 21.16 -12.06
N LYS A 867 -19.27 20.66 -13.30
CA LYS A 867 -20.11 19.53 -13.68
C LYS A 867 -19.27 18.26 -13.65
N GLY A 868 -19.01 17.78 -12.45
CA GLY A 868 -18.25 16.55 -12.28
C GLY A 868 -17.72 16.43 -10.87
N ALA A 869 -16.85 15.45 -10.70
CA ALA A 869 -16.20 15.18 -9.41
C ALA A 869 -14.78 15.71 -9.48
N VAL A 870 -14.41 16.58 -8.54
CA VAL A 870 -13.07 17.16 -8.51
C VAL A 870 -12.16 16.15 -7.81
N TYR A 871 -11.52 15.29 -8.59
CA TYR A 871 -10.77 14.17 -8.02
C TYR A 871 -9.45 14.60 -7.39
N SER A 872 -8.72 15.51 -8.01
CA SER A 872 -7.43 15.92 -7.47
C SER A 872 -7.16 17.37 -7.83
N MET A 873 -6.33 18.02 -7.01
CA MET A 873 -6.06 19.44 -7.16
C MET A 873 -4.62 19.72 -6.75
N VAL A 874 -3.95 20.55 -7.53
CA VAL A 874 -2.58 20.99 -7.25
C VAL A 874 -2.47 22.46 -7.58
N GLU A 875 -1.33 23.05 -7.23
CA GLU A 875 -0.97 24.40 -7.61
C GLU A 875 -0.04 24.34 -8.82
N PHE A 876 -0.31 25.17 -9.83
CA PHE A 876 0.50 25.21 -11.04
C PHE A 876 1.00 26.65 -11.24
N ASN A 877 2.14 26.97 -10.63
CA ASN A 877 2.81 28.25 -10.82
C ASN A 877 1.88 29.43 -10.56
N GLY A 878 1.17 29.36 -9.44
CA GLY A 878 0.23 30.40 -9.09
C GLY A 878 -1.16 30.23 -9.65
N LYS A 879 -1.41 29.20 -10.45
CA LYS A 879 -2.72 28.91 -10.98
C LYS A 879 -3.18 27.56 -10.45
N LEU A 880 -4.49 27.42 -10.31
CA LEU A 880 -5.08 26.20 -9.74
C LEU A 880 -5.43 25.22 -10.85
N LEU A 881 -4.96 23.99 -10.71
CA LEU A 881 -5.13 22.94 -11.71
C LEU A 881 -6.08 21.90 -11.15
N ALA A 882 -7.35 21.97 -11.55
CA ALA A 882 -8.37 21.04 -11.09
C ALA A 882 -8.52 19.89 -12.07
N SER A 883 -9.09 18.79 -11.59
CA SER A 883 -9.33 17.59 -12.39
C SER A 883 -10.80 17.20 -12.27
N ILE A 884 -11.63 17.76 -13.15
CA ILE A 884 -13.06 17.48 -13.16
C ILE A 884 -13.30 16.28 -14.08
N ASN A 885 -13.80 15.18 -13.51
CA ASN A 885 -14.02 13.93 -14.23
C ASN A 885 -12.79 13.52 -15.01
N SER A 886 -12.88 13.56 -16.33
CA SER A 886 -11.78 13.18 -17.22
C SER A 886 -11.19 14.38 -17.95
N THR A 887 -11.37 15.57 -17.39
CA THR A 887 -10.82 16.79 -17.97
C THR A 887 -9.94 17.47 -16.95
N VAL A 888 -8.79 17.96 -17.41
CA VAL A 888 -7.84 18.70 -16.57
C VAL A 888 -8.02 20.18 -16.87
N ARG A 889 -8.43 20.94 -15.87
CA ARG A 889 -8.79 22.33 -16.04
C ARG A 889 -7.81 23.22 -15.27
N LEU A 890 -7.43 24.34 -15.88
CA LEU A 890 -6.53 25.30 -15.27
C LEU A 890 -7.33 26.55 -14.90
N TYR A 891 -7.27 26.91 -13.62
CA TYR A 891 -8.04 28.03 -13.09
C TYR A 891 -7.10 29.17 -12.71
N GLU A 892 -7.54 30.40 -12.93
CA GLU A 892 -6.80 31.59 -12.55
C GLU A 892 -7.60 32.38 -11.53
N TRP A 893 -6.94 32.83 -10.48
CA TRP A 893 -7.55 33.63 -9.42
C TRP A 893 -7.42 35.10 -9.79
N THR A 894 -8.56 35.75 -10.02
CA THR A 894 -8.57 37.14 -10.45
C THR A 894 -8.49 38.05 -9.22
N THR A 895 -8.61 39.36 -9.44
CA THR A 895 -8.66 40.33 -8.35
C THR A 895 -10.06 40.53 -7.82
N GLU A 896 -11.06 39.87 -8.39
CA GLU A 896 -12.41 39.83 -7.86
C GLU A 896 -12.62 38.68 -6.89
N LYS A 897 -11.56 37.96 -6.54
CA LYS A 897 -11.66 36.75 -5.73
C LYS A 897 -12.58 35.72 -6.37
N GLU A 898 -12.36 35.45 -7.64
CA GLU A 898 -13.15 34.49 -8.41
C GLU A 898 -12.24 33.68 -9.31
N LEU A 899 -12.60 32.42 -9.52
CA LEU A 899 -11.85 31.55 -10.41
C LEU A 899 -12.45 31.58 -11.81
N ARG A 900 -11.59 31.71 -12.82
CA ARG A 900 -12.01 31.56 -14.21
C ARG A 900 -11.16 30.49 -14.88
N THR A 901 -11.79 29.69 -15.73
CA THR A 901 -11.06 28.66 -16.45
C THR A 901 -10.20 29.28 -17.54
N GLU A 902 -9.02 28.70 -17.76
CA GLU A 902 -8.10 29.16 -18.78
C GLU A 902 -7.74 28.10 -19.81
N CYS A 903 -7.55 26.85 -19.39
CA CYS A 903 -7.14 25.81 -20.31
C CYS A 903 -7.89 24.54 -19.96
N ASN A 904 -8.42 23.86 -20.97
CA ASN A 904 -9.04 22.56 -20.80
C ASN A 904 -8.28 21.52 -21.61
N HIS A 905 -8.34 20.28 -21.14
CA HIS A 905 -7.69 19.18 -21.86
C HIS A 905 -8.53 17.93 -21.64
N TYR A 906 -9.29 17.55 -22.66
CA TYR A 906 -10.23 16.44 -22.56
C TYR A 906 -9.48 15.14 -22.83
N ASN A 907 -9.22 14.39 -21.77
CA ASN A 907 -8.52 13.12 -21.88
C ASN A 907 -9.51 11.99 -22.12
N ASN A 908 -8.96 10.83 -22.49
CA ASN A 908 -9.75 9.62 -22.59
C ASN A 908 -9.69 8.80 -21.31
N ILE A 909 -8.98 9.29 -20.29
CA ILE A 909 -8.90 8.62 -18.99
C ILE A 909 -9.33 9.62 -17.93
N MET A 910 -9.78 9.09 -16.79
CA MET A 910 -10.27 9.92 -15.71
C MET A 910 -9.15 10.23 -14.73
N ALA A 911 -8.81 11.52 -14.61
CA ALA A 911 -7.55 11.97 -14.00
C ALA A 911 -7.64 11.92 -12.48
N LEU A 912 -7.34 10.75 -11.92
CA LEU A 912 -7.34 10.62 -10.47
C LEU A 912 -6.11 11.27 -9.85
N TYR A 913 -4.95 11.10 -10.46
CA TYR A 913 -3.68 11.50 -9.89
C TYR A 913 -3.11 12.69 -10.65
N LEU A 914 -2.69 13.71 -9.93
CA LEU A 914 -2.07 14.88 -10.51
C LEU A 914 -0.77 15.19 -9.79
N LYS A 915 0.30 15.40 -10.55
CA LYS A 915 1.59 15.81 -10.01
C LYS A 915 2.14 16.92 -10.89
N THR A 916 3.09 17.68 -10.36
CA THR A 916 3.63 18.82 -11.07
C THR A 916 5.10 18.96 -10.74
N LYS A 917 5.92 19.24 -11.75
CA LYS A 917 7.35 19.47 -11.56
C LYS A 917 7.77 20.52 -12.58
N GLY A 918 7.70 21.79 -12.19
CA GLY A 918 7.98 22.87 -13.11
C GLY A 918 6.80 23.15 -14.02
N ASP A 919 6.95 22.85 -15.31
CA ASP A 919 5.87 23.00 -16.28
C ASP A 919 5.29 21.67 -16.72
N PHE A 920 5.65 20.57 -16.06
CA PHE A 920 5.18 19.25 -16.42
C PHE A 920 4.04 18.83 -15.49
N ILE A 921 3.16 17.99 -16.02
CA ILE A 921 2.02 17.46 -15.27
C ILE A 921 1.92 15.97 -15.51
N LEU A 922 1.75 15.20 -14.45
CA LEU A 922 1.61 13.75 -14.54
C LEU A 922 0.17 13.37 -14.19
N VAL A 923 -0.45 12.59 -15.08
CA VAL A 923 -1.86 12.22 -14.96
C VAL A 923 -1.97 10.71 -15.03
N GLY A 924 -2.76 10.12 -14.12
CA GLY A 924 -2.99 8.70 -14.14
C GLY A 924 -4.37 8.37 -13.61
N ASP A 925 -4.73 7.10 -13.70
CA ASP A 925 -5.97 6.57 -13.16
C ASP A 925 -5.72 5.23 -12.50
N LEU A 926 -6.79 4.59 -12.03
CA LEU A 926 -6.65 3.29 -11.37
C LEU A 926 -6.19 2.20 -12.33
N MET A 927 -6.35 2.39 -13.63
CA MET A 927 -5.96 1.39 -14.60
C MET A 927 -4.52 1.54 -15.06
N ARG A 928 -3.69 2.22 -14.27
CA ARG A 928 -2.26 2.36 -14.53
C ARG A 928 -2.03 2.93 -15.93
N SER A 929 -2.84 3.93 -16.29
CA SER A 929 -2.71 4.61 -17.57
C SER A 929 -2.01 5.94 -17.32
N VAL A 930 -0.70 5.89 -17.24
CA VAL A 930 0.11 7.07 -16.98
C VAL A 930 0.11 7.95 -18.23
N LEU A 931 -0.18 9.23 -18.04
CA LEU A 931 -0.25 10.18 -19.14
C LEU A 931 0.38 11.49 -18.68
N LEU A 932 1.18 12.10 -19.54
CA LEU A 932 2.00 13.24 -19.15
C LEU A 932 1.61 14.45 -20.01
N LEU A 933 1.56 15.62 -19.39
CA LEU A 933 1.24 16.86 -20.09
C LEU A 933 2.38 17.86 -19.92
N ALA A 934 2.32 18.92 -20.72
CA ALA A 934 3.29 20.01 -20.64
C ALA A 934 2.59 21.29 -21.05
N TYR A 935 2.68 22.30 -20.20
CA TYR A 935 1.97 23.56 -20.40
C TYR A 935 2.85 24.53 -21.17
N LYS A 936 2.34 25.04 -22.30
CA LYS A 936 3.04 26.09 -23.03
C LYS A 936 2.64 27.44 -22.46
N PRO A 937 3.56 28.19 -21.87
CA PRO A 937 3.18 29.53 -21.37
C PRO A 937 2.97 30.54 -22.47
N MET A 938 3.71 30.42 -23.58
CA MET A 938 3.58 31.38 -24.68
C MET A 938 2.33 31.16 -25.51
N GLU A 939 1.80 29.94 -25.54
CA GLU A 939 0.63 29.62 -26.35
C GLU A 939 -0.60 29.33 -25.52
N GLY A 940 -0.45 28.98 -24.25
CA GLY A 940 -1.59 28.82 -23.36
C GLY A 940 -2.50 27.64 -23.64
N ASN A 941 -1.93 26.46 -23.85
CA ASN A 941 -2.71 25.24 -23.99
C ASN A 941 -1.83 24.04 -23.65
N PHE A 942 -2.43 23.05 -23.00
CA PHE A 942 -1.70 21.85 -22.66
C PHE A 942 -1.37 21.04 -23.92
N GLU A 943 -0.17 20.46 -23.93
CA GLU A 943 0.23 19.59 -25.02
C GLU A 943 0.89 18.35 -24.43
N GLU A 944 0.59 17.20 -25.04
CA GLU A 944 0.97 15.90 -24.48
C GLU A 944 2.38 15.55 -24.92
N ILE A 945 3.17 14.99 -23.99
CA ILE A 945 4.54 14.59 -24.32
C ILE A 945 4.63 13.10 -24.56
N ALA A 946 4.18 12.30 -23.59
CA ALA A 946 4.39 10.86 -23.65
C ALA A 946 3.15 10.14 -23.17
N ARG A 947 3.15 8.81 -23.33
CA ARG A 947 2.04 7.96 -22.99
C ARG A 947 2.56 6.62 -22.50
N ASP A 948 1.81 6.00 -21.59
CA ASP A 948 2.12 4.65 -21.15
C ASP A 948 0.83 4.01 -20.63
N PHE A 949 0.21 3.19 -21.46
CA PHE A 949 -1.03 2.51 -21.11
C PHE A 949 -0.74 1.02 -20.92
N ASN A 950 -1.13 0.50 -19.77
CA ASN A 950 -0.91 -0.90 -19.41
C ASN A 950 -1.98 -1.29 -18.41
N PRO A 951 -2.91 -2.17 -18.77
CA PRO A 951 -4.04 -2.44 -17.85
C PRO A 951 -3.59 -3.14 -16.58
N ASN A 952 -3.66 -2.41 -15.47
CA ASN A 952 -3.22 -2.92 -14.18
C ASN A 952 -3.74 -1.96 -13.12
N TRP A 953 -3.80 -2.42 -11.88
CA TRP A 953 -4.36 -1.63 -10.78
C TRP A 953 -3.24 -0.82 -10.13
N MET A 954 -3.37 0.51 -10.19
CA MET A 954 -2.31 1.41 -9.77
C MET A 954 -2.75 2.20 -8.55
N SER A 955 -1.83 2.36 -7.60
CA SER A 955 -2.18 2.89 -6.28
C SER A 955 -1.67 4.29 -6.00
N ALA A 956 -0.59 4.73 -6.65
CA ALA A 956 -0.05 6.06 -6.36
C ALA A 956 0.88 6.48 -7.49
N VAL A 957 1.21 7.77 -7.50
CA VAL A 957 2.13 8.37 -8.45
C VAL A 957 3.14 9.22 -7.68
N GLU A 958 4.26 9.50 -8.34
CA GLU A 958 5.23 10.45 -7.84
C GLU A 958 6.22 10.78 -8.96
N ILE A 959 6.62 12.03 -9.02
CA ILE A 959 7.57 12.50 -10.02
C ILE A 959 8.94 12.59 -9.35
N LEU A 960 9.79 11.59 -9.61
CA LEU A 960 11.12 11.59 -9.02
C LEU A 960 12.00 12.68 -9.60
N ASP A 961 11.93 12.88 -10.91
CA ASP A 961 12.80 13.80 -11.61
C ASP A 961 12.07 14.31 -12.84
N ASP A 962 12.75 15.15 -13.63
CA ASP A 962 12.13 15.68 -14.83
C ASP A 962 11.83 14.61 -15.87
N ASP A 963 12.44 13.43 -15.76
CA ASP A 963 12.22 12.35 -16.72
C ASP A 963 12.10 10.97 -16.07
N ASN A 964 11.95 10.89 -14.75
CA ASN A 964 11.68 9.63 -14.07
C ASN A 964 10.44 9.78 -13.21
N PHE A 965 9.58 8.77 -13.25
CA PHE A 965 8.30 8.81 -12.55
C PHE A 965 8.08 7.49 -11.83
N LEU A 966 7.63 7.58 -10.58
CA LEU A 966 7.50 6.44 -9.70
C LEU A 966 6.02 6.18 -9.40
N GLY A 967 5.69 4.91 -9.16
CA GLY A 967 4.32 4.55 -8.83
C GLY A 967 4.26 3.18 -8.24
N ALA A 968 3.08 2.85 -7.70
CA ALA A 968 2.82 1.54 -7.11
C ALA A 968 1.64 0.92 -7.84
N GLU A 969 1.74 -0.38 -8.11
CA GLU A 969 0.70 -1.07 -8.89
C GLU A 969 0.36 -2.38 -8.19
N ASN A 970 -0.37 -3.24 -8.91
CA ASN A 970 -0.98 -4.41 -8.29
C ASN A 970 0.08 -5.39 -7.78
N ALA A 971 -0.35 -6.23 -6.84
CA ALA A 971 0.53 -7.18 -6.14
C ALA A 971 1.67 -6.44 -5.43
N PHE A 972 1.36 -5.25 -4.91
CA PHE A 972 2.21 -4.56 -3.95
C PHE A 972 3.56 -4.19 -4.54
N ASN A 973 3.57 -3.85 -5.82
CA ASN A 973 4.80 -3.61 -6.56
C ASN A 973 5.12 -2.12 -6.64
N LEU A 974 6.31 -1.83 -7.14
CA LEU A 974 6.73 -0.48 -7.49
C LEU A 974 7.31 -0.50 -8.90
N PHE A 975 7.14 0.59 -9.62
CA PHE A 975 7.65 0.67 -10.99
C PHE A 975 8.14 2.09 -11.25
N VAL A 976 9.06 2.20 -12.20
CA VAL A 976 9.64 3.48 -12.60
C VAL A 976 9.52 3.60 -14.10
N CYS A 977 8.93 4.70 -14.56
CA CYS A 977 8.83 5.02 -15.97
C CYS A 977 9.76 6.18 -16.30
N GLN A 978 10.32 6.16 -17.50
CA GLN A 978 11.28 7.18 -17.89
C GLN A 978 11.13 7.47 -19.37
N LYS A 979 11.06 8.75 -19.72
CA LYS A 979 10.94 9.17 -21.10
C LYS A 979 12.32 9.46 -21.69
N ASP A 980 12.48 9.10 -22.97
CA ASP A 980 13.73 9.30 -23.70
C ASP A 980 13.48 10.40 -24.73
N SER A 981 13.73 11.65 -24.31
CA SER A 981 13.55 12.78 -25.21
C SER A 981 14.65 12.88 -26.26
N ALA A 982 15.73 12.12 -26.12
CA ALA A 982 16.83 12.15 -27.08
C ALA A 982 16.59 11.26 -28.29
N ALA A 983 15.55 10.44 -28.28
CA ALA A 983 15.27 9.58 -29.42
C ALA A 983 14.85 10.42 -30.63
N THR A 984 15.39 10.07 -31.79
CA THR A 984 15.14 10.81 -33.02
C THR A 984 13.87 10.38 -33.73
N THR A 985 13.19 9.35 -33.24
CA THR A 985 11.97 8.84 -33.86
C THR A 985 10.76 9.33 -33.08
N ASP A 986 9.75 9.85 -33.79
CA ASP A 986 8.58 10.38 -33.13
C ASP A 986 7.73 9.30 -32.47
N GLU A 987 7.85 8.05 -32.92
CA GLU A 987 7.10 6.97 -32.31
C GLU A 987 7.67 6.58 -30.95
N GLU A 988 8.90 6.98 -30.65
CA GLU A 988 9.53 6.64 -29.38
C GLU A 988 9.48 7.75 -28.35
N ARG A 989 9.58 9.01 -28.75
CA ARG A 989 9.45 10.10 -27.79
C ARG A 989 8.07 10.18 -27.16
N GLN A 990 7.06 9.55 -27.77
CA GLN A 990 5.71 9.49 -27.22
C GLN A 990 5.46 8.18 -26.48
N HIS A 991 6.50 7.61 -25.87
CA HIS A 991 6.38 6.38 -25.10
C HIS A 991 7.23 6.48 -23.85
N LEU A 992 6.71 5.95 -22.75
CA LEU A 992 7.38 5.98 -21.45
C LEU A 992 7.96 4.61 -21.16
N GLN A 993 9.27 4.46 -21.35
CA GLN A 993 9.92 3.19 -21.11
C GLN A 993 9.91 2.86 -19.62
N GLU A 994 9.70 1.59 -19.31
CA GLU A 994 9.71 1.12 -17.93
C GLU A 994 11.10 0.58 -17.60
N VAL A 995 11.80 1.24 -16.69
CA VAL A 995 13.19 0.91 -16.38
C VAL A 995 13.33 0.56 -14.90
N GLY A 996 12.27 0.03 -14.30
CA GLY A 996 12.31 -0.30 -12.89
C GLY A 996 11.16 -1.16 -12.43
N LEU A 997 11.47 -2.23 -11.69
CA LEU A 997 10.47 -3.13 -11.15
C LEU A 997 10.91 -3.61 -9.79
N PHE A 998 9.94 -3.83 -8.90
CA PHE A 998 10.26 -4.19 -7.53
C PHE A 998 8.99 -4.66 -6.85
N HIS A 999 9.12 -5.68 -6.00
CA HIS A 999 8.00 -6.21 -5.21
C HIS A 999 8.18 -5.70 -3.78
N LEU A 1000 7.56 -4.57 -3.47
CA LEU A 1000 7.70 -3.97 -2.15
C LEU A 1000 7.09 -4.87 -1.07
N GLY A 1001 5.94 -5.47 -1.36
CA GLY A 1001 5.19 -6.23 -0.38
C GLY A 1001 4.19 -5.41 0.40
N GLU A 1002 3.94 -4.17 0.01
CA GLU A 1002 3.06 -3.26 0.73
C GLU A 1002 2.16 -2.54 -0.26
N PHE A 1003 1.01 -2.11 0.20
CA PHE A 1003 0.07 -1.34 -0.61
C PHE A 1003 0.33 0.14 -0.34
N VAL A 1004 0.99 0.81 -1.26
CA VAL A 1004 1.37 2.21 -1.08
C VAL A 1004 0.17 3.10 -1.35
N ASN A 1005 -0.13 3.99 -0.40
CA ASN A 1005 -1.26 4.90 -0.53
C ASN A 1005 -0.85 6.30 -0.95
N VAL A 1006 0.25 6.82 -0.42
CA VAL A 1006 0.63 8.22 -0.62
C VAL A 1006 2.12 8.30 -0.86
N PHE A 1007 2.53 9.20 -1.76
CA PHE A 1007 3.91 9.51 -2.01
C PHE A 1007 4.18 10.96 -1.62
N CYS A 1008 5.24 11.19 -0.85
CA CYS A 1008 5.53 12.52 -0.35
C CYS A 1008 7.00 12.85 -0.59
N HIS A 1009 7.28 14.12 -0.84
CA HIS A 1009 8.64 14.61 -1.03
C HIS A 1009 9.16 15.18 0.29
N GLY A 1010 10.32 14.69 0.72
CA GLY A 1010 10.92 15.18 1.94
C GLY A 1010 11.66 14.10 2.70
N SER A 1011 12.31 14.47 3.80
CA SER A 1011 13.02 13.51 4.61
C SER A 1011 12.96 13.94 6.07
N LEU A 1012 13.08 12.96 6.96
CA LEU A 1012 13.04 13.19 8.39
C LEU A 1012 14.42 13.50 8.97
N VAL A 1013 15.46 13.46 8.16
CA VAL A 1013 16.81 13.78 8.59
C VAL A 1013 17.17 15.16 8.07
N MET A 1014 17.80 15.96 8.93
CA MET A 1014 18.13 17.34 8.60
C MET A 1014 18.97 17.41 7.33
N GLN A 1015 18.63 18.36 6.47
CA GLN A 1015 19.33 18.53 5.20
C GLN A 1015 20.36 19.64 5.34
N ASN A 1016 21.62 19.34 5.04
CA ASN A 1016 22.70 20.30 5.07
C ASN A 1016 23.45 20.26 3.73
N LEU A 1017 24.05 21.40 3.38
CA LEU A 1017 24.84 21.46 2.15
C LEU A 1017 26.00 20.46 2.21
N GLY A 1018 26.80 20.51 3.28
CA GLY A 1018 27.80 19.51 3.56
C GLY A 1018 28.95 19.44 2.57
N GLU A 1019 29.08 20.40 1.67
CA GLU A 1019 30.18 20.44 0.69
C GLU A 1019 30.16 19.22 -0.21
N THR A 1020 30.42 18.04 0.34
CA THR A 1020 30.44 16.80 -0.42
C THR A 1020 29.05 16.31 -0.80
N SER A 1021 28.00 16.94 -0.28
CA SER A 1021 26.61 16.58 -0.58
C SER A 1021 26.37 15.14 -0.11
N THR A 1022 25.57 14.40 -0.86
CA THR A 1022 25.15 13.05 -0.50
C THR A 1022 25.28 12.16 -1.73
N PRO A 1023 25.70 10.90 -1.55
CA PRO A 1023 25.74 9.97 -2.69
C PRO A 1023 24.37 9.70 -3.30
N THR A 1024 23.29 9.97 -2.57
CA THR A 1024 21.93 9.83 -3.08
C THR A 1024 21.31 11.19 -3.29
N GLN A 1025 20.59 11.34 -4.39
CA GLN A 1025 19.94 12.60 -4.74
C GLN A 1025 18.43 12.49 -4.50
N GLY A 1026 17.88 13.47 -3.80
CA GLY A 1026 16.46 13.49 -3.51
C GLY A 1026 16.07 12.51 -2.43
N SER A 1027 14.79 12.53 -2.08
CA SER A 1027 14.24 11.60 -1.11
C SER A 1027 12.73 11.68 -1.17
N VAL A 1028 12.08 10.52 -1.29
CA VAL A 1028 10.63 10.43 -1.41
C VAL A 1028 10.12 9.44 -0.39
N LEU A 1029 9.24 9.89 0.49
CA LEU A 1029 8.62 9.05 1.51
C LEU A 1029 7.30 8.50 0.99
N PHE A 1030 6.93 7.33 1.49
CA PHE A 1030 5.62 6.78 1.17
C PHE A 1030 5.09 6.01 2.36
N GLY A 1031 3.78 6.05 2.53
CA GLY A 1031 3.11 5.34 3.60
C GLY A 1031 2.15 4.31 3.03
N THR A 1032 2.12 3.14 3.68
CA THR A 1032 1.37 2.00 3.19
C THR A 1032 0.19 1.69 4.10
N VAL A 1033 -0.60 0.71 3.70
CA VAL A 1033 -1.78 0.33 4.49
C VAL A 1033 -1.38 -0.31 5.80
N ASN A 1034 -0.33 -1.14 5.78
CA ASN A 1034 0.12 -1.78 7.01
C ASN A 1034 0.74 -0.79 8.00
N GLY A 1035 1.01 0.43 7.57
CA GLY A 1035 1.54 1.44 8.48
C GLY A 1035 3.04 1.47 8.53
N MET A 1036 3.70 1.41 7.38
CA MET A 1036 5.15 1.51 7.31
C MET A 1036 5.54 2.67 6.40
N ILE A 1037 6.60 3.37 6.79
CA ILE A 1037 7.10 4.51 6.04
C ILE A 1037 8.33 4.08 5.27
N GLY A 1038 8.31 4.29 3.96
CA GLY A 1038 9.44 3.98 3.10
C GLY A 1038 10.22 5.22 2.73
N LEU A 1039 11.28 5.00 1.96
CA LEU A 1039 12.14 6.09 1.51
C LEU A 1039 12.93 5.62 0.31
N VAL A 1040 12.71 6.27 -0.83
CA VAL A 1040 13.36 5.90 -2.09
C VAL A 1040 14.16 7.09 -2.59
N THR A 1041 15.42 6.84 -2.95
CA THR A 1041 16.34 7.89 -3.39
C THR A 1041 17.05 7.42 -4.64
N SER A 1042 17.42 8.37 -5.50
CA SER A 1042 18.15 8.04 -6.71
C SER A 1042 19.61 7.77 -6.40
N LEU A 1043 20.27 7.06 -7.32
CA LEU A 1043 21.66 6.68 -7.18
C LEU A 1043 22.40 6.97 -8.47
N SER A 1044 23.73 6.92 -8.41
CA SER A 1044 24.56 7.03 -9.59
C SER A 1044 24.80 5.66 -10.20
N GLU A 1045 25.31 5.65 -11.43
CA GLU A 1045 25.49 4.38 -12.15
C GLU A 1045 26.54 3.51 -11.48
N SER A 1046 27.72 4.07 -11.20
CA SER A 1046 28.78 3.28 -10.58
C SER A 1046 28.39 2.84 -9.17
N TRP A 1047 27.77 3.75 -8.41
CA TRP A 1047 27.35 3.40 -7.06
C TRP A 1047 26.28 2.32 -7.09
N TYR A 1048 25.35 2.41 -8.04
CA TYR A 1048 24.34 1.37 -8.19
C TYR A 1048 24.96 0.03 -8.54
N ASN A 1049 25.95 0.04 -9.43
CA ASN A 1049 26.58 -1.22 -9.83
C ASN A 1049 27.33 -1.85 -8.66
N LEU A 1050 28.04 -1.03 -7.87
CA LEU A 1050 28.71 -1.56 -6.69
C LEU A 1050 27.72 -2.12 -5.69
N LEU A 1051 26.62 -1.40 -5.46
CA LEU A 1051 25.59 -1.90 -4.54
C LEU A 1051 24.95 -3.18 -5.05
N LEU A 1052 24.77 -3.31 -6.36
CA LEU A 1052 24.18 -4.52 -6.92
C LEU A 1052 25.13 -5.70 -6.79
N ASP A 1053 26.43 -5.47 -6.98
CA ASP A 1053 27.41 -6.51 -6.72
C ASP A 1053 27.37 -6.94 -5.25
N MET A 1054 27.28 -5.97 -4.34
CA MET A 1054 27.16 -6.28 -2.92
C MET A 1054 25.91 -7.10 -2.65
N GLN A 1055 24.79 -6.71 -3.26
CA GLN A 1055 23.52 -7.41 -3.05
C GLN A 1055 23.59 -8.84 -3.54
N ASN A 1056 24.20 -9.07 -4.70
CA ASN A 1056 24.32 -10.42 -5.21
C ASN A 1056 25.30 -11.25 -4.38
N ARG A 1057 26.29 -10.61 -3.77
CA ARG A 1057 27.24 -11.35 -2.94
C ARG A 1057 26.66 -11.68 -1.57
N LEU A 1058 25.80 -10.82 -1.01
CA LEU A 1058 25.26 -11.06 0.32
C LEU A 1058 24.33 -12.26 0.34
N ASN A 1059 23.58 -12.49 -0.74
CA ASN A 1059 22.60 -13.57 -0.76
C ASN A 1059 23.25 -14.93 -0.55
N LYS A 1060 24.52 -15.08 -0.91
CA LYS A 1060 25.21 -16.34 -0.69
C LYS A 1060 25.70 -16.50 0.74
N VAL A 1061 25.67 -15.45 1.55
CA VAL A 1061 26.21 -15.46 2.90
C VAL A 1061 25.12 -15.54 3.95
N ILE A 1062 24.20 -14.58 3.95
CA ILE A 1062 23.18 -14.53 4.99
C ILE A 1062 22.21 -15.69 4.82
N LYS A 1063 21.66 -16.18 5.92
CA LYS A 1063 20.66 -17.24 5.92
C LYS A 1063 19.30 -16.64 6.22
N SER A 1064 18.34 -16.90 5.36
CA SER A 1064 16.98 -16.39 5.52
C SER A 1064 16.11 -17.43 6.20
N VAL A 1065 15.05 -16.96 6.84
CA VAL A 1065 14.10 -17.87 7.49
C VAL A 1065 13.19 -18.47 6.44
N GLY A 1066 13.13 -19.79 6.39
CA GLY A 1066 12.39 -20.49 5.37
C GLY A 1066 13.16 -20.80 4.12
N LYS A 1067 14.42 -20.34 4.03
CA LYS A 1067 15.26 -20.56 2.86
C LYS A 1067 14.61 -20.03 1.58
N ILE A 1068 13.95 -18.88 1.70
CA ILE A 1068 13.32 -18.22 0.57
C ILE A 1068 14.36 -17.37 -0.14
N GLU A 1069 14.50 -17.58 -1.44
CA GLU A 1069 15.48 -16.83 -2.21
C GLU A 1069 15.09 -15.35 -2.27
N HIS A 1070 16.07 -14.47 -2.12
CA HIS A 1070 15.78 -13.04 -2.13
C HIS A 1070 15.31 -12.58 -3.51
N SER A 1071 15.92 -13.08 -4.58
CA SER A 1071 15.53 -12.65 -5.92
C SER A 1071 14.12 -13.07 -6.25
N PHE A 1072 13.67 -14.21 -5.70
CA PHE A 1072 12.31 -14.65 -5.94
C PHE A 1072 11.30 -13.72 -5.30
N TRP A 1073 11.56 -13.26 -4.08
CA TRP A 1073 10.61 -12.40 -3.40
C TRP A 1073 10.54 -11.02 -4.04
N ARG A 1074 11.68 -10.44 -4.39
CA ARG A 1074 11.71 -9.10 -4.94
C ARG A 1074 11.31 -9.05 -6.40
N SER A 1075 11.21 -10.19 -7.08
CA SER A 1075 10.83 -10.20 -8.49
C SER A 1075 9.42 -9.68 -8.65
N PHE A 1076 9.23 -8.82 -9.65
CA PHE A 1076 7.94 -8.18 -9.91
C PHE A 1076 6.86 -9.23 -10.11
N HIS A 1077 5.85 -9.23 -9.23
CA HIS A 1077 4.82 -10.26 -9.24
C HIS A 1077 3.50 -9.70 -9.73
N THR A 1078 2.78 -10.50 -10.49
CA THR A 1078 1.43 -10.19 -10.94
C THR A 1078 0.72 -11.51 -11.21
N GLU A 1079 -0.61 -11.50 -11.12
CA GLU A 1079 -1.37 -12.72 -11.27
C GLU A 1079 -1.21 -13.36 -12.65
N ARG A 1080 -0.71 -12.60 -13.63
CA ARG A 1080 -0.55 -13.12 -14.98
C ARG A 1080 0.89 -13.22 -15.45
N LYS A 1081 1.83 -12.57 -14.76
CA LYS A 1081 3.22 -12.58 -15.20
C LYS A 1081 4.13 -12.29 -14.03
N THR A 1082 5.40 -12.61 -14.20
CA THR A 1082 6.44 -12.34 -13.21
C THR A 1082 7.77 -12.11 -13.92
N GLU A 1083 8.61 -11.28 -13.34
CA GLU A 1083 9.91 -10.95 -13.91
C GLU A 1083 10.82 -10.44 -12.81
N PRO A 1084 12.13 -10.61 -12.97
CA PRO A 1084 13.07 -10.18 -11.93
C PRO A 1084 13.06 -8.66 -11.76
N ALA A 1085 13.36 -8.24 -10.53
CA ALA A 1085 13.41 -6.81 -10.22
C ALA A 1085 14.67 -6.19 -10.81
N THR A 1086 14.50 -5.04 -11.45
CA THR A 1086 15.61 -4.30 -12.02
C THR A 1086 15.49 -2.84 -11.66
N GLY A 1087 16.64 -2.19 -11.51
CA GLY A 1087 16.66 -0.76 -11.26
C GLY A 1087 16.28 -0.36 -9.86
N PHE A 1088 16.19 -1.30 -8.93
CA PHE A 1088 15.86 -1.01 -7.54
C PHE A 1088 16.82 -1.77 -6.64
N ILE A 1089 17.34 -1.10 -5.62
CA ILE A 1089 18.26 -1.71 -4.67
C ILE A 1089 17.54 -1.92 -3.35
N ASP A 1090 17.53 -3.16 -2.86
CA ASP A 1090 16.90 -3.47 -1.59
C ASP A 1090 17.72 -2.87 -0.47
N GLY A 1091 17.23 -1.77 0.10
CA GLY A 1091 17.98 -1.10 1.16
C GLY A 1091 18.13 -1.92 2.42
N ASP A 1092 17.10 -2.70 2.77
CA ASP A 1092 17.17 -3.50 3.98
C ASP A 1092 18.27 -4.54 3.90
N LEU A 1093 18.41 -5.20 2.76
CA LEU A 1093 19.46 -6.20 2.61
C LEU A 1093 20.85 -5.57 2.72
N ILE A 1094 21.06 -4.42 2.07
CA ILE A 1094 22.35 -3.77 2.14
C ILE A 1094 22.66 -3.30 3.55
N GLU A 1095 21.68 -2.72 4.23
CA GLU A 1095 21.90 -2.27 5.60
C GLU A 1095 22.06 -3.43 6.57
N SER A 1096 21.62 -4.63 6.17
CA SER A 1096 21.88 -5.80 7.00
C SER A 1096 23.32 -6.29 6.88
N PHE A 1097 24.15 -5.63 6.08
CA PHE A 1097 25.57 -6.00 6.00
C PHE A 1097 26.32 -5.65 7.27
N LEU A 1098 25.90 -4.61 7.97
CA LEU A 1098 26.55 -4.23 9.23
C LEU A 1098 26.25 -5.19 10.37
N ASP A 1099 25.22 -6.02 10.23
CA ASP A 1099 24.77 -6.88 11.32
C ASP A 1099 25.41 -8.25 11.32
N ILE A 1100 26.18 -8.61 10.29
CA ILE A 1100 26.80 -9.94 10.22
C ILE A 1100 28.18 -9.89 10.87
N SER A 1101 28.73 -11.06 11.18
CA SER A 1101 30.01 -11.15 11.86
C SER A 1101 31.15 -10.75 10.91
N ARG A 1102 32.32 -10.53 11.51
CA ARG A 1102 33.49 -10.13 10.73
C ARG A 1102 33.91 -11.17 9.69
N PRO A 1103 33.95 -12.47 9.99
CA PRO A 1103 34.29 -13.44 8.92
C PRO A 1103 33.32 -13.39 7.74
N LYS A 1104 32.03 -13.17 8.00
CA LYS A 1104 31.08 -13.04 6.91
C LYS A 1104 31.37 -11.79 6.08
N MET A 1105 31.67 -10.68 6.73
CA MET A 1105 32.07 -9.47 6.01
C MET A 1105 33.34 -9.70 5.19
N GLN A 1106 34.23 -10.57 5.66
CA GLN A 1106 35.45 -10.87 4.90
C GLN A 1106 35.16 -11.76 3.70
N GLU A 1107 34.24 -12.71 3.85
CA GLU A 1107 33.86 -13.56 2.71
C GLU A 1107 33.09 -12.76 1.67
N VAL A 1108 32.34 -11.74 2.09
CA VAL A 1108 31.58 -10.93 1.14
C VAL A 1108 32.52 -10.16 0.22
N VAL A 1109 33.67 -9.74 0.74
CA VAL A 1109 34.62 -8.93 -0.02
C VAL A 1109 35.71 -9.85 -0.59
N ALA A 1110 35.69 -10.06 -1.90
CA ALA A 1110 36.81 -10.75 -2.54
C ALA A 1110 37.32 -10.01 -3.76
N ASN A 1111 36.40 -9.48 -4.59
CA ASN A 1111 36.80 -8.83 -5.83
C ASN A 1111 35.92 -7.63 -6.17
N LEU A 1112 35.35 -7.08 -5.12
CA LEU A 1112 34.20 -6.18 -5.35
C LEU A 1112 34.76 -4.95 -6.06
N GLN A 1113 36.07 -4.93 -6.33
CA GLN A 1113 36.71 -3.76 -6.99
C GLN A 1113 36.10 -2.47 -6.43
N TYR A 1114 36.25 -2.25 -5.12
CA TYR A 1114 35.61 -1.09 -4.48
C TYR A 1114 36.27 0.19 -4.95
N ASP A 1115 37.57 0.14 -5.19
CA ASP A 1115 38.29 1.39 -5.55
C ASP A 1115 37.68 1.91 -6.85
N ASP A 1116 36.55 2.61 -6.74
CA ASP A 1116 35.98 3.27 -7.93
C ASP A 1116 36.74 4.59 -8.07
N GLY A 1117 37.59 4.89 -7.07
CA GLY A 1117 38.45 6.09 -7.15
C GLY A 1117 39.52 5.92 -8.22
N SER A 1118 39.13 5.92 -9.50
CA SER A 1118 40.07 5.74 -10.64
C SER A 1118 41.10 4.64 -10.33
N GLY A 1119 40.64 3.40 -10.16
CA GLY A 1119 41.56 2.29 -9.87
C GLY A 1119 40.82 1.00 -9.65
N MET A 1120 41.04 0.35 -8.50
CA MET A 1120 40.41 -0.97 -8.28
C MET A 1120 40.60 -1.39 -6.83
N LYS A 1121 41.83 -1.33 -6.31
CA LYS A 1121 42.10 -1.85 -4.95
C LYS A 1121 41.33 -3.15 -4.84
N ARG A 1122 41.48 -4.04 -5.82
CA ARG A 1122 40.70 -5.30 -5.89
C ARG A 1122 40.38 -5.77 -4.48
N GLU A 1123 41.39 -5.83 -3.61
CA GLU A 1123 41.07 -6.37 -2.29
C GLU A 1123 39.83 -5.69 -1.71
N ALA A 1124 39.75 -4.36 -1.85
CA ALA A 1124 38.61 -3.55 -1.44
C ALA A 1124 38.40 -3.59 0.08
N THR A 1125 39.24 -4.35 0.79
CA THR A 1125 39.20 -4.46 2.24
C THR A 1125 37.82 -4.83 2.76
N ALA A 1126 37.60 -4.68 4.06
CA ALA A 1126 36.30 -4.87 4.66
C ALA A 1126 35.74 -3.63 5.33
N ASP A 1127 36.61 -2.71 5.77
CA ASP A 1127 36.17 -1.45 6.35
C ASP A 1127 35.87 -0.39 5.30
N ASP A 1128 36.18 -0.65 4.03
CA ASP A 1128 35.82 0.29 2.98
C ASP A 1128 34.33 0.33 2.76
N LEU A 1129 33.66 -0.84 2.82
CA LEU A 1129 32.21 -0.84 2.62
C LEU A 1129 31.48 -0.33 3.85
N ILE A 1130 32.04 -0.53 5.04
CA ILE A 1130 31.41 -0.01 6.26
C ILE A 1130 31.25 1.51 6.13
N LYS A 1131 32.28 2.18 5.61
CA LYS A 1131 32.13 3.60 5.31
C LYS A 1131 31.06 3.83 4.26
N VAL A 1132 30.96 2.93 3.27
CA VAL A 1132 30.00 3.11 2.19
C VAL A 1132 28.58 2.91 2.70
N VAL A 1133 28.35 1.87 3.49
CA VAL A 1133 26.99 1.57 3.94
C VAL A 1133 26.55 2.53 5.04
N GLU A 1134 27.51 3.09 5.79
CA GLU A 1134 27.14 4.06 6.81
C GLU A 1134 26.48 5.30 6.20
N GLU A 1135 27.04 5.80 5.09
CA GLU A 1135 26.42 6.94 4.43
C GLU A 1135 25.01 6.60 3.94
N LEU A 1136 24.80 5.34 3.55
CA LEU A 1136 23.47 4.93 3.13
C LEU A 1136 22.52 4.83 4.32
N THR A 1137 23.05 4.52 5.50
CA THR A 1137 22.21 4.48 6.70
C THR A 1137 21.89 5.86 7.23
N ARG A 1138 22.76 6.85 7.00
CA ARG A 1138 22.54 8.18 7.55
C ARG A 1138 21.40 8.94 6.86
N ILE A 1139 20.86 8.45 5.74
CA ILE A 1139 19.85 9.20 5.00
C ILE A 1139 18.48 9.15 5.65
N HIS A 1140 18.26 8.24 6.59
CA HIS A 1140 16.97 8.16 7.27
C HIS A 1140 17.15 7.98 8.78
N ASN B 45 -46.04 -1.05 -28.50
CA ASN B 45 -44.98 -0.87 -29.48
C ASN B 45 -44.25 -2.17 -29.74
N ILE B 46 -44.91 -3.29 -29.44
CA ILE B 46 -44.35 -4.63 -29.63
C ILE B 46 -45.17 -5.36 -30.67
N ILE B 47 -44.49 -6.11 -31.54
CA ILE B 47 -45.12 -6.91 -32.58
C ILE B 47 -44.72 -8.36 -32.38
N ASN B 48 -45.62 -9.28 -32.76
CA ASN B 48 -45.38 -10.71 -32.59
C ASN B 48 -44.43 -11.20 -33.68
N PHE B 49 -43.15 -10.93 -33.47
CA PHE B 49 -42.10 -11.34 -34.38
C PHE B 49 -40.97 -11.99 -33.59
N ASP B 50 -40.47 -13.12 -34.07
CA ASP B 50 -39.38 -13.83 -33.41
C ASP B 50 -38.04 -13.23 -33.83
N THR B 51 -37.23 -12.85 -32.85
CA THR B 51 -35.94 -12.22 -33.11
C THR B 51 -34.84 -13.27 -33.24
N SER B 52 -35.07 -14.23 -34.13
CA SER B 52 -34.08 -15.28 -34.40
C SER B 52 -33.88 -15.57 -35.88
N LEU B 53 -34.76 -15.12 -36.77
CA LEU B 53 -34.61 -15.40 -38.19
C LEU B 53 -33.50 -14.55 -38.83
N PRO B 54 -33.43 -13.23 -38.59
CA PRO B 54 -32.31 -12.46 -39.16
C PRO B 54 -30.95 -12.96 -38.70
N THR B 55 -30.84 -13.44 -37.46
CA THR B 55 -29.56 -13.96 -36.99
C THR B 55 -29.24 -15.30 -37.65
N SER B 56 -30.26 -16.08 -37.99
CA SER B 56 -30.04 -17.39 -38.60
C SER B 56 -29.52 -17.30 -40.02
N HIS B 57 -29.64 -16.15 -40.68
CA HIS B 57 -29.15 -15.94 -42.04
C HIS B 57 -29.77 -16.96 -43.01
N THR B 58 -31.09 -17.09 -42.93
CA THR B 58 -31.79 -18.06 -43.76
C THR B 58 -31.91 -17.62 -45.21
N TYR B 59 -31.63 -16.34 -45.51
CA TYR B 59 -31.78 -15.87 -46.88
C TYR B 59 -30.64 -16.39 -47.76
N LEU B 60 -29.57 -16.92 -47.16
CA LEU B 60 -28.56 -17.63 -47.93
C LEU B 60 -29.06 -19.01 -48.33
N GLY B 61 -29.40 -19.83 -47.33
CA GLY B 61 -29.89 -21.17 -47.59
C GLY B 61 -30.44 -21.78 -46.32
N ALA B 62 -30.83 -23.04 -46.43
CA ALA B 62 -31.40 -23.76 -45.30
C ALA B 62 -30.59 -24.96 -44.86
N ASP B 63 -30.06 -25.75 -45.81
CA ASP B 63 -29.27 -26.92 -45.49
C ASP B 63 -27.80 -26.53 -45.39
N MET B 64 -27.52 -25.65 -44.42
CA MET B 64 -26.19 -25.11 -44.21
C MET B 64 -25.27 -26.20 -43.67
N GLU B 65 -24.06 -26.29 -44.24
CA GLU B 65 -23.07 -27.26 -43.79
C GLU B 65 -22.44 -26.74 -42.50
N GLU B 66 -23.04 -27.09 -41.37
CA GLU B 66 -22.55 -26.62 -40.08
C GLU B 66 -21.21 -27.28 -39.75
N PHE B 67 -20.23 -26.46 -39.39
CA PHE B 67 -18.90 -26.93 -39.02
C PHE B 67 -18.62 -26.52 -37.58
N HIS B 68 -18.13 -27.46 -36.78
CA HIS B 68 -17.90 -27.21 -35.36
C HIS B 68 -16.63 -26.39 -35.17
N GLY B 69 -16.73 -25.35 -34.34
CA GLY B 69 -15.58 -24.52 -34.03
C GLY B 69 -14.69 -25.13 -32.97
N ARG B 70 -13.49 -25.55 -33.37
CA ARG B 70 -12.55 -26.23 -32.47
C ARG B 70 -11.14 -25.70 -32.68
N THR B 71 -11.02 -24.39 -32.89
CA THR B 71 -9.74 -23.77 -33.20
C THR B 71 -9.38 -22.76 -32.10
N LEU B 72 -8.08 -22.55 -31.90
CA LEU B 72 -7.62 -21.36 -31.13
C LEU B 72 -6.13 -21.13 -31.36
N HIS B 73 -5.72 -19.86 -31.46
CA HIS B 73 -4.27 -19.58 -31.55
C HIS B 73 -3.65 -19.80 -30.17
N ASP B 74 -2.35 -20.04 -30.10
CA ASP B 74 -1.72 -20.38 -28.79
C ASP B 74 -1.53 -19.13 -27.93
N ASP B 75 -1.83 -17.94 -28.45
CA ASP B 75 -1.74 -16.67 -27.67
C ASP B 75 -0.32 -16.08 -27.71
N ASP B 76 -0.20 -14.77 -27.98
CA ASP B 76 1.12 -14.10 -28.03
C ASP B 76 2.08 -14.88 -28.94
N SER B 77 1.83 -14.89 -30.24
CA SER B 77 2.64 -15.73 -31.16
C SER B 77 2.76 -15.07 -32.53
N CYS B 78 3.87 -15.29 -33.23
CA CYS B 78 3.92 -14.89 -34.64
C CYS B 78 3.12 -15.88 -35.48
N GLN B 79 2.32 -15.35 -36.39
CA GLN B 79 1.48 -16.16 -37.26
C GLN B 79 1.40 -15.53 -38.64
N VAL B 80 1.09 -16.35 -39.64
CA VAL B 80 0.81 -15.91 -40.99
C VAL B 80 -0.57 -16.42 -41.38
N ILE B 81 -1.42 -15.51 -41.86
CA ILE B 81 -2.82 -15.81 -42.13
C ILE B 81 -3.25 -15.11 -43.42
N PRO B 82 -3.92 -15.81 -44.34
CA PRO B 82 -4.35 -15.16 -45.59
C PRO B 82 -5.46 -14.15 -45.36
N VAL B 83 -5.55 -13.18 -46.27
CA VAL B 83 -6.50 -12.09 -46.21
C VAL B 83 -7.30 -12.07 -47.51
N LEU B 84 -8.62 -12.00 -47.38
CA LEU B 84 -9.48 -11.85 -48.55
C LEU B 84 -9.71 -10.36 -48.83
N PRO B 85 -9.39 -9.88 -50.03
CA PRO B 85 -9.60 -8.46 -50.33
C PRO B 85 -11.05 -8.12 -50.64
N GLN B 86 -11.29 -6.88 -51.06
CA GLN B 86 -12.62 -6.41 -51.48
C GLN B 86 -13.62 -6.40 -50.34
N VAL B 87 -13.15 -6.36 -49.09
CA VAL B 87 -13.99 -6.20 -47.92
C VAL B 87 -13.52 -4.98 -47.16
N MET B 88 -14.46 -4.08 -46.84
CA MET B 88 -14.16 -2.86 -46.09
C MET B 88 -15.11 -2.82 -44.89
N MET B 89 -14.71 -3.50 -43.81
CA MET B 89 -15.52 -3.56 -42.60
C MET B 89 -14.66 -4.03 -41.45
N ILE B 90 -14.71 -3.31 -40.34
CA ILE B 90 -14.02 -3.70 -39.12
C ILE B 90 -14.87 -4.73 -38.41
N LEU B 91 -14.29 -5.90 -38.13
CA LEU B 91 -15.00 -7.00 -37.51
C LEU B 91 -14.55 -7.14 -36.06
N ILE B 92 -15.52 -7.17 -35.15
CA ILE B 92 -15.25 -7.33 -33.73
C ILE B 92 -15.37 -8.81 -33.39
N PRO B 93 -14.53 -9.35 -32.52
CA PRO B 93 -14.64 -10.77 -32.18
C PRO B 93 -16.02 -11.12 -31.66
N GLY B 94 -16.51 -12.29 -32.07
CA GLY B 94 -17.84 -12.74 -31.73
C GLY B 94 -18.93 -12.32 -32.70
N GLN B 95 -18.66 -11.34 -33.55
CA GLN B 95 -19.66 -10.88 -34.50
C GLN B 95 -19.67 -11.78 -35.74
N THR B 96 -20.87 -12.11 -36.20
CA THR B 96 -21.03 -12.97 -37.36
C THR B 96 -20.94 -12.17 -38.64
N LEU B 97 -20.18 -12.68 -39.60
CA LEU B 97 -19.99 -12.05 -40.90
C LEU B 97 -20.54 -12.94 -41.99
N PRO B 98 -21.37 -12.37 -42.87
CA PRO B 98 -21.90 -13.06 -44.03
C PRO B 98 -21.14 -12.58 -45.26
N LEU B 99 -20.57 -13.52 -46.00
CA LEU B 99 -19.69 -13.19 -47.12
C LEU B 99 -20.16 -13.88 -48.38
N GLN B 100 -19.93 -13.23 -49.52
CA GLN B 100 -20.25 -13.76 -50.84
C GLN B 100 -18.98 -13.81 -51.67
N LEU B 101 -18.79 -14.91 -52.40
CA LEU B 101 -17.57 -15.16 -53.16
C LEU B 101 -17.90 -15.24 -54.64
N PHE B 102 -17.20 -14.44 -55.44
CA PHE B 102 -17.42 -14.40 -56.88
C PHE B 102 -16.17 -14.78 -57.67
N HIS B 103 -15.04 -14.14 -57.41
CA HIS B 103 -13.85 -14.35 -58.23
C HIS B 103 -13.32 -15.76 -58.03
N PRO B 104 -12.76 -16.38 -59.09
CA PRO B 104 -12.23 -17.75 -58.94
C PRO B 104 -11.07 -17.84 -57.96
N GLN B 105 -10.21 -16.83 -57.88
CA GLN B 105 -9.04 -16.92 -57.02
C GLN B 105 -9.43 -16.92 -55.54
N GLU B 106 -10.37 -16.05 -55.16
CA GLU B 106 -10.80 -16.02 -53.76
C GLU B 106 -11.57 -17.27 -53.40
N VAL B 107 -12.33 -17.83 -54.35
CA VAL B 107 -13.03 -19.09 -54.09
C VAL B 107 -12.02 -20.22 -53.90
N SER B 108 -10.98 -20.26 -54.71
CA SER B 108 -9.92 -21.24 -54.51
C SER B 108 -9.26 -21.06 -53.15
N MET B 109 -9.04 -19.80 -52.75
CA MET B 109 -8.42 -19.53 -51.45
C MET B 109 -9.30 -20.02 -50.31
N VAL B 110 -10.61 -19.76 -50.37
CA VAL B 110 -11.49 -20.19 -49.29
C VAL B 110 -11.63 -21.70 -49.27
N ARG B 111 -11.61 -22.34 -50.44
CA ARG B 111 -11.62 -23.80 -50.47
C ARG B 111 -10.34 -24.37 -49.84
N ASN B 112 -9.19 -23.76 -50.14
CA ASN B 112 -7.95 -24.20 -49.53
C ASN B 112 -7.98 -24.01 -48.02
N LEU B 113 -8.54 -22.89 -47.56
CA LEU B 113 -8.69 -22.66 -46.13
C LEU B 113 -9.61 -23.69 -45.49
N ILE B 114 -10.68 -24.07 -46.21
CA ILE B 114 -11.56 -25.13 -45.72
C ILE B 114 -10.79 -26.43 -45.55
N GLN B 115 -9.97 -26.78 -46.56
CA GLN B 115 -9.09 -27.93 -46.39
C GLN B 115 -7.80 -27.50 -45.69
N LYS B 116 -7.94 -26.75 -44.61
CA LYS B 116 -6.83 -26.26 -43.79
C LYS B 116 -7.44 -25.68 -42.51
N ASP B 117 -6.64 -24.97 -41.73
CA ASP B 117 -7.16 -24.21 -40.62
C ASP B 117 -8.17 -23.19 -41.13
N ARG B 118 -9.40 -23.26 -40.64
CA ARG B 118 -10.50 -22.49 -41.19
C ARG B 118 -10.53 -21.07 -40.66
N THR B 119 -9.39 -20.38 -40.69
CA THR B 119 -9.28 -19.04 -40.15
C THR B 119 -8.58 -18.15 -41.17
N PHE B 120 -9.23 -17.03 -41.53
CA PHE B 120 -8.59 -16.01 -42.32
C PHE B 120 -8.45 -14.75 -41.47
N ALA B 121 -7.89 -13.68 -42.05
CA ALA B 121 -7.62 -12.45 -41.31
C ALA B 121 -8.44 -11.33 -41.93
N VAL B 122 -9.45 -10.86 -41.21
CA VAL B 122 -10.23 -9.70 -41.64
C VAL B 122 -9.46 -8.44 -41.27
N LEU B 123 -9.13 -7.64 -42.28
CA LEU B 123 -8.32 -6.46 -42.06
C LEU B 123 -9.21 -5.28 -41.68
N ALA B 124 -8.66 -4.39 -40.84
CA ALA B 124 -9.40 -3.25 -40.30
C ALA B 124 -8.85 -1.98 -40.94
N TYR B 125 -9.46 -1.57 -42.06
CA TYR B 125 -8.99 -0.41 -42.81
C TYR B 125 -9.19 0.86 -42.01
N SER B 126 -8.19 1.74 -42.04
CA SER B 126 -8.26 3.03 -41.38
C SER B 126 -8.91 4.04 -42.33
N ASN B 127 -8.83 5.32 -41.98
CA ASN B 127 -9.39 6.36 -42.86
C ASN B 127 -8.71 6.37 -44.22
N VAL B 128 -7.39 6.22 -44.25
CA VAL B 128 -6.65 6.15 -45.51
C VAL B 128 -6.89 4.80 -46.16
N GLN B 129 -7.24 4.82 -47.44
CA GLN B 129 -7.48 3.60 -48.20
C GLN B 129 -6.14 3.01 -48.65
N GLU B 130 -6.20 2.10 -49.63
CA GLU B 130 -5.02 1.45 -50.19
C GLU B 130 -4.28 0.63 -49.14
N ARG B 131 -5.04 -0.20 -48.42
CA ARG B 131 -4.51 -1.15 -47.44
C ARG B 131 -3.68 -0.44 -46.36
N GLU B 132 -4.12 0.76 -45.97
CA GLU B 132 -3.48 1.51 -44.89
C GLU B 132 -4.14 1.12 -43.57
N ALA B 133 -3.77 -0.05 -43.08
CA ALA B 133 -4.38 -0.65 -41.89
C ALA B 133 -3.30 -1.23 -40.98
N GLN B 134 -3.63 -1.35 -39.69
CA GLN B 134 -2.69 -1.85 -38.70
C GLN B 134 -3.26 -2.94 -37.81
N PHE B 135 -4.57 -3.14 -37.77
CA PHE B 135 -5.20 -4.11 -36.88
C PHE B 135 -6.12 -5.01 -37.69
N GLY B 136 -6.68 -6.01 -37.02
CA GLY B 136 -7.56 -6.95 -37.68
C GLY B 136 -8.10 -7.98 -36.72
N THR B 137 -8.82 -8.94 -37.29
CA THR B 137 -9.49 -9.98 -36.51
C THR B 137 -9.46 -11.28 -37.29
N THR B 138 -9.22 -12.38 -36.57
CA THR B 138 -9.24 -13.71 -37.15
C THR B 138 -10.67 -14.24 -37.15
N ALA B 139 -11.17 -14.59 -38.32
CA ALA B 139 -12.52 -15.10 -38.48
C ALA B 139 -12.49 -16.59 -38.80
N GLU B 140 -13.31 -17.36 -38.10
CA GLU B 140 -13.35 -18.82 -38.27
C GLU B 140 -14.52 -19.18 -39.18
N ILE B 141 -14.30 -20.15 -40.06
CA ILE B 141 -15.33 -20.63 -40.96
C ILE B 141 -16.16 -21.71 -40.25
N TYR B 142 -17.48 -21.56 -40.28
CA TYR B 142 -18.37 -22.54 -39.69
C TYR B 142 -19.56 -22.88 -40.57
N ALA B 143 -19.57 -22.42 -41.82
CA ALA B 143 -20.67 -22.68 -42.74
C ALA B 143 -20.19 -22.47 -44.16
N TYR B 144 -20.59 -23.37 -45.06
CA TYR B 144 -20.19 -23.27 -46.46
C TYR B 144 -21.20 -23.97 -47.34
N ARG B 145 -21.64 -23.28 -48.40
CA ARG B 145 -22.51 -23.87 -49.41
C ARG B 145 -22.09 -23.34 -50.78
N GLU B 146 -22.48 -24.07 -51.82
CA GLU B 146 -22.12 -23.66 -53.18
C GLU B 146 -23.25 -22.84 -53.83
N GLU B 147 -24.43 -23.45 -53.98
CA GLU B 147 -25.59 -22.81 -54.61
C GLU B 147 -25.22 -22.20 -55.96
N GLN B 148 -24.85 -23.08 -56.90
CA GLN B 148 -24.27 -22.64 -58.16
C GLN B 148 -25.17 -21.65 -58.88
N ASP B 149 -26.45 -22.00 -59.06
CA ASP B 149 -27.40 -21.17 -59.80
C ASP B 149 -26.83 -20.76 -61.15
N PHE B 150 -26.30 -19.54 -61.23
CA PHE B 150 -25.57 -19.14 -62.43
C PHE B 150 -24.35 -20.02 -62.64
N GLY B 151 -23.63 -20.34 -61.56
CA GLY B 151 -22.62 -21.37 -61.60
C GLY B 151 -21.31 -20.98 -62.24
N ILE B 152 -20.58 -20.02 -61.65
CA ILE B 152 -19.21 -19.77 -62.07
C ILE B 152 -18.29 -20.35 -61.00
N GLU B 153 -18.30 -19.74 -59.81
CA GLU B 153 -17.78 -20.41 -58.63
C GLU B 153 -18.83 -20.47 -57.53
N ILE B 154 -19.33 -19.30 -57.13
CA ILE B 154 -20.42 -19.11 -56.18
C ILE B 154 -20.21 -19.87 -54.87
N VAL B 155 -19.92 -19.14 -53.79
CA VAL B 155 -19.71 -19.74 -52.48
C VAL B 155 -20.48 -18.94 -51.44
N LYS B 156 -21.27 -19.65 -50.63
CA LYS B 156 -21.96 -19.09 -49.47
C LYS B 156 -21.17 -19.47 -48.23
N VAL B 157 -20.75 -18.47 -47.45
CA VAL B 157 -19.92 -18.70 -46.28
C VAL B 157 -20.27 -17.70 -45.19
N LYS B 158 -20.19 -18.15 -43.94
CA LYS B 158 -20.40 -17.29 -42.78
C LYS B 158 -19.20 -17.43 -41.85
N ALA B 159 -18.73 -16.30 -41.31
CA ALA B 159 -17.54 -16.30 -40.48
C ALA B 159 -17.79 -15.47 -39.23
N ILE B 160 -17.17 -15.89 -38.12
CA ILE B 160 -17.23 -15.19 -36.85
C ILE B 160 -15.82 -14.98 -36.34
N GLY B 161 -15.56 -13.79 -35.81
CA GLY B 161 -14.24 -13.47 -35.32
C GLY B 161 -13.93 -14.20 -34.02
N ARG B 162 -12.64 -14.41 -33.78
CA ARG B 162 -12.23 -15.08 -32.56
C ARG B 162 -11.16 -14.32 -31.77
N GLN B 163 -10.21 -13.70 -32.45
CA GLN B 163 -9.07 -13.09 -31.77
C GLN B 163 -8.64 -11.83 -32.53
N ARG B 164 -7.88 -10.99 -31.84
CA ARG B 164 -7.34 -9.76 -32.40
C ARG B 164 -5.85 -9.92 -32.65
N PHE B 165 -5.32 -9.06 -33.52
CA PHE B 165 -3.89 -9.08 -33.82
C PHE B 165 -3.48 -7.71 -34.35
N LYS B 166 -2.18 -7.47 -34.32
CA LYS B 166 -1.57 -6.30 -34.93
C LYS B 166 -0.62 -6.75 -36.02
N VAL B 167 -0.85 -6.27 -37.24
CA VAL B 167 -0.06 -6.70 -38.39
C VAL B 167 1.24 -5.90 -38.43
N LEU B 168 2.35 -6.61 -38.64
CA LEU B 168 3.66 -5.98 -38.73
C LEU B 168 4.03 -5.63 -40.16
N GLU B 169 3.77 -6.55 -41.10
CA GLU B 169 4.04 -6.32 -42.51
C GLU B 169 2.89 -6.88 -43.33
N LEU B 170 2.72 -6.34 -44.54
CA LEU B 170 1.68 -6.76 -45.46
C LEU B 170 2.34 -7.29 -46.73
N ARG B 171 2.50 -8.61 -46.79
CA ARG B 171 3.10 -9.24 -47.96
C ARG B 171 2.03 -9.58 -48.98
N THR B 172 2.29 -9.25 -50.25
CA THR B 172 1.35 -9.49 -51.33
C THR B 172 1.85 -10.65 -52.18
N GLN B 173 0.97 -11.63 -52.43
CA GLN B 173 1.31 -12.80 -53.21
C GLN B 173 0.88 -12.59 -54.67
N SER B 174 1.63 -13.21 -55.58
CA SER B 174 1.33 -13.08 -57.00
C SER B 174 0.02 -13.76 -57.40
N ASP B 175 -0.47 -14.71 -56.60
CA ASP B 175 -1.73 -15.37 -56.92
C ASP B 175 -2.89 -14.38 -56.85
N GLY B 176 -2.87 -13.48 -55.88
CA GLY B 176 -3.94 -12.51 -55.72
C GLY B 176 -4.49 -12.47 -54.31
N ILE B 177 -4.21 -13.53 -53.54
CA ILE B 177 -4.63 -13.63 -52.15
C ILE B 177 -3.41 -13.44 -51.28
N GLN B 178 -3.38 -12.34 -50.52
CA GLN B 178 -2.20 -11.97 -49.75
C GLN B 178 -2.25 -12.59 -48.36
N GLN B 179 -1.08 -13.00 -47.86
CA GLN B 179 -0.94 -13.50 -46.50
C GLN B 179 -0.10 -12.49 -45.71
N ALA B 180 -0.64 -12.04 -44.58
CA ALA B 180 -0.02 -10.97 -43.80
C ALA B 180 0.55 -11.50 -42.50
N LYS B 181 1.43 -10.70 -41.90
CA LYS B 181 2.04 -11.04 -40.62
C LYS B 181 1.02 -10.85 -39.50
N VAL B 182 0.89 -11.85 -38.64
CA VAL B 182 -0.09 -11.85 -37.57
C VAL B 182 0.62 -12.06 -36.24
N GLN B 183 0.38 -11.17 -35.28
CA GLN B 183 0.84 -11.31 -33.91
C GLN B 183 -0.38 -11.32 -33.02
N ILE B 184 -0.65 -12.46 -32.38
CA ILE B 184 -1.87 -12.62 -31.59
C ILE B 184 -1.81 -11.71 -30.37
N LEU B 185 -2.86 -10.91 -30.19
CA LEU B 185 -2.95 -9.99 -29.06
C LEU B 185 -3.71 -10.65 -27.91
N PRO B 186 -3.07 -10.87 -26.77
CA PRO B 186 -3.79 -11.47 -25.63
C PRO B 186 -4.82 -10.51 -25.06
N GLU B 187 -5.91 -11.08 -24.55
CA GLU B 187 -6.99 -10.33 -23.93
C GLU B 187 -6.74 -10.28 -22.42
N CYS B 188 -6.41 -9.10 -21.92
CA CYS B 188 -6.00 -8.94 -20.53
C CYS B 188 -7.20 -9.10 -19.59
N VAL B 189 -6.96 -9.80 -18.49
CA VAL B 189 -7.96 -10.01 -17.45
C VAL B 189 -7.39 -9.53 -16.13
N LEU B 190 -8.20 -8.81 -15.35
CA LEU B 190 -7.73 -8.21 -14.12
C LEU B 190 -8.52 -8.71 -12.92
N PRO B 191 -7.89 -8.88 -11.77
CA PRO B 191 -8.63 -9.33 -10.58
C PRO B 191 -9.46 -8.21 -9.98
N SER B 192 -10.11 -8.49 -8.85
CA SER B 192 -10.92 -7.47 -8.19
C SER B 192 -10.03 -6.33 -7.71
N THR B 193 -10.55 -5.11 -7.82
CA THR B 193 -9.78 -3.93 -7.48
C THR B 193 -9.48 -3.82 -5.99
N MET B 194 -10.13 -4.63 -5.15
CA MET B 194 -9.94 -4.59 -3.71
C MET B 194 -9.11 -5.77 -3.20
N SER B 195 -8.67 -6.67 -4.08
CA SER B 195 -7.93 -7.84 -3.62
C SER B 195 -6.57 -7.45 -3.06
N ALA B 196 -6.00 -6.34 -3.53
CA ALA B 196 -4.72 -5.89 -3.01
C ALA B 196 -4.84 -5.42 -1.56
N VAL B 197 -5.84 -4.61 -1.25
CA VAL B 197 -5.98 -4.01 0.07
C VAL B 197 -6.96 -4.78 0.96
N GLN B 198 -7.44 -5.94 0.51
CA GLN B 198 -8.47 -6.65 1.23
C GLN B 198 -7.98 -7.10 2.61
N LEU B 199 -8.89 -7.09 3.58
CA LEU B 199 -8.61 -7.63 4.91
C LEU B 199 -8.84 -9.12 4.92
N GLU B 200 -7.91 -9.87 5.52
CA GLU B 200 -8.03 -11.32 5.56
C GLU B 200 -9.18 -11.76 6.45
N SER B 201 -9.47 -11.00 7.51
CA SER B 201 -10.50 -11.40 8.46
C SER B 201 -11.88 -11.41 7.81
N LEU B 202 -12.25 -10.31 7.16
CA LEU B 202 -13.58 -10.20 6.55
C LEU B 202 -13.56 -10.61 5.08
N ASN B 203 -12.97 -11.78 4.82
CA ASN B 203 -13.07 -12.39 3.50
C ASN B 203 -14.26 -13.33 3.35
N LYS B 204 -14.81 -13.80 4.48
CA LYS B 204 -16.07 -14.54 4.43
C LYS B 204 -17.21 -13.66 3.98
N CYS B 205 -17.11 -12.34 4.18
CA CYS B 205 -18.10 -11.39 3.69
C CYS B 205 -17.79 -10.95 2.27
N GLN B 206 -17.61 -11.93 1.39
CA GLN B 206 -17.33 -11.67 -0.02
C GLN B 206 -18.18 -12.50 -0.97
N ILE B 207 -18.87 -13.53 -0.50
CA ILE B 207 -19.73 -14.35 -1.32
C ILE B 207 -21.16 -13.89 -1.06
N PHE B 208 -21.71 -13.11 -1.98
CA PHE B 208 -23.05 -12.58 -1.83
C PHE B 208 -24.08 -13.60 -2.28
N PRO B 209 -25.25 -13.62 -1.65
CA PRO B 209 -26.35 -14.44 -2.15
C PRO B 209 -26.81 -13.95 -3.52
N SER B 210 -27.52 -14.83 -4.24
CA SER B 210 -27.96 -14.53 -5.60
C SER B 210 -28.84 -13.29 -5.65
N LYS B 211 -28.83 -12.62 -6.80
CA LYS B 211 -29.64 -11.42 -6.97
C LYS B 211 -31.12 -11.79 -6.88
N PRO B 212 -31.90 -11.09 -6.05
CA PRO B 212 -33.31 -11.48 -5.87
C PRO B 212 -34.16 -11.02 -7.04
N VAL B 213 -34.83 -11.99 -7.67
CA VAL B 213 -35.70 -11.78 -8.82
C VAL B 213 -34.85 -11.07 -9.87
N SER B 214 -35.40 -10.08 -10.58
CA SER B 214 -34.68 -9.33 -11.59
C SER B 214 -35.54 -8.17 -12.06
N ARG B 215 -34.89 -7.03 -12.31
CA ARG B 215 -35.52 -5.86 -12.94
C ARG B 215 -36.78 -5.43 -12.20
N GLU B 216 -36.61 -5.02 -10.95
CA GLU B 216 -37.71 -4.55 -10.14
C GLU B 216 -37.27 -3.31 -9.37
N ASP B 217 -38.16 -2.33 -9.29
CA ASP B 217 -37.85 -1.09 -8.57
C ASP B 217 -37.72 -1.36 -7.07
N GLN B 218 -36.71 -0.72 -6.47
CA GLN B 218 -36.39 -0.84 -5.04
C GLN B 218 -35.88 -2.24 -4.70
N CYS B 219 -35.88 -3.14 -5.68
CA CYS B 219 -35.21 -4.42 -5.57
C CYS B 219 -33.82 -4.40 -6.19
N SER B 220 -33.45 -3.29 -6.84
CA SER B 220 -32.13 -3.09 -7.40
C SER B 220 -31.43 -1.89 -6.79
N TYR B 221 -32.14 -0.79 -6.57
CA TYR B 221 -31.56 0.37 -5.91
C TYR B 221 -31.15 0.08 -4.47
N LYS B 222 -31.65 -1.01 -3.89
CA LYS B 222 -31.24 -1.43 -2.55
C LYS B 222 -30.27 -2.60 -2.57
N TRP B 223 -30.49 -3.59 -3.43
CA TRP B 223 -29.55 -4.70 -3.51
C TRP B 223 -28.20 -4.23 -4.02
N TRP B 224 -28.18 -3.33 -5.01
CA TRP B 224 -26.90 -2.81 -5.49
C TRP B 224 -26.22 -1.95 -4.44
N GLN B 225 -26.98 -1.21 -3.64
CA GLN B 225 -26.39 -0.46 -2.53
C GLN B 225 -25.75 -1.40 -1.53
N LYS B 226 -26.45 -2.50 -1.20
CA LYS B 226 -25.88 -3.49 -0.28
C LYS B 226 -24.63 -4.13 -0.86
N TYR B 227 -24.66 -4.47 -2.15
CA TYR B 227 -23.51 -5.08 -2.80
C TYR B 227 -22.32 -4.15 -2.82
N GLN B 228 -22.54 -2.87 -3.11
CA GLN B 228 -21.47 -1.89 -3.10
C GLN B 228 -20.93 -1.69 -1.69
N LYS B 229 -21.80 -1.67 -0.68
CA LYS B 229 -21.36 -1.42 0.68
C LYS B 229 -20.57 -2.60 1.23
N ARG B 230 -20.92 -3.82 0.83
CA ARG B 230 -20.27 -5.01 1.38
C ARG B 230 -19.06 -5.44 0.57
N LYS B 231 -19.04 -5.20 -0.74
CA LYS B 231 -17.90 -5.60 -1.55
C LYS B 231 -16.71 -4.67 -1.33
N PHE B 232 -16.90 -3.38 -1.59
CA PHE B 232 -15.83 -2.40 -1.37
C PHE B 232 -15.85 -1.86 0.05
N HIS B 233 -15.87 -2.78 1.03
CA HIS B 233 -15.84 -2.36 2.42
C HIS B 233 -14.45 -1.91 2.84
N CYS B 234 -13.43 -2.41 2.16
CA CYS B 234 -12.04 -2.06 2.45
C CYS B 234 -11.57 -0.82 1.71
N ALA B 235 -12.47 -0.11 1.03
CA ALA B 235 -12.10 1.16 0.41
C ALA B 235 -11.77 2.24 1.43
N ASN B 236 -12.09 2.02 2.70
CA ASN B 236 -11.69 2.94 3.75
C ASN B 236 -10.18 2.92 4.01
N LEU B 237 -9.52 1.78 3.81
CA LEU B 237 -8.08 1.70 3.97
C LEU B 237 -7.35 2.53 2.93
N THR B 238 -7.88 2.61 1.71
CA THR B 238 -7.28 3.38 0.64
C THR B 238 -7.73 4.84 0.76
N SER B 239 -7.42 5.62 -0.27
CA SER B 239 -7.72 7.05 -0.26
C SER B 239 -8.89 7.41 -1.16
N TRP B 240 -9.64 6.43 -1.66
CA TRP B 240 -10.70 6.70 -2.60
C TRP B 240 -12.04 6.21 -2.05
N PRO B 241 -13.14 6.87 -2.41
CA PRO B 241 -14.45 6.44 -1.90
C PRO B 241 -14.94 5.16 -2.54
N ARG B 242 -16.07 4.64 -2.06
CA ARG B 242 -16.57 3.37 -2.55
C ARG B 242 -17.11 3.49 -3.98
N TRP B 243 -17.80 4.59 -4.29
CA TRP B 243 -18.39 4.72 -5.61
C TRP B 243 -17.33 4.81 -6.69
N LEU B 244 -16.18 5.40 -6.38
CA LEU B 244 -15.10 5.44 -7.34
C LEU B 244 -14.61 4.04 -7.69
N TYR B 245 -14.49 3.18 -6.68
CA TYR B 245 -14.10 1.80 -6.97
C TYR B 245 -15.21 1.05 -7.70
N SER B 246 -16.48 1.42 -7.44
CA SER B 246 -17.57 0.81 -8.17
C SER B 246 -17.64 1.27 -9.62
N LEU B 247 -17.00 2.40 -9.95
CA LEU B 247 -16.93 2.84 -11.34
C LEU B 247 -16.07 1.92 -12.19
N TYR B 248 -15.11 1.23 -11.59
CA TYR B 248 -14.22 0.32 -12.30
C TYR B 248 -14.58 -1.14 -12.09
N ASP B 249 -15.71 -1.42 -11.45
CA ASP B 249 -16.17 -2.79 -11.25
C ASP B 249 -16.77 -3.32 -12.54
N ALA B 250 -16.46 -4.58 -12.87
CA ALA B 250 -17.00 -5.16 -14.09
C ALA B 250 -18.50 -5.38 -13.97
N GLU B 251 -18.96 -5.99 -12.88
CA GLU B 251 -20.37 -6.34 -12.74
C GLU B 251 -21.27 -5.11 -12.77
N THR B 252 -20.87 -4.04 -12.08
CA THR B 252 -21.67 -2.82 -12.09
C THR B 252 -21.77 -2.23 -13.49
N LEU B 253 -20.67 -2.23 -14.23
CA LEU B 253 -20.70 -1.70 -15.59
C LEU B 253 -21.59 -2.54 -16.50
N MET B 254 -21.53 -3.86 -16.36
CA MET B 254 -22.42 -4.72 -17.15
C MET B 254 -23.88 -4.45 -16.79
N ASP B 255 -24.18 -4.26 -15.51
CA ASP B 255 -25.56 -3.97 -15.12
C ASP B 255 -26.03 -2.64 -15.70
N ARG B 256 -25.17 -1.63 -15.68
CA ARG B 256 -25.53 -0.33 -16.26
C ARG B 256 -25.77 -0.45 -17.75
N ILE B 257 -24.92 -1.19 -18.45
CA ILE B 257 -25.09 -1.37 -19.89
C ILE B 257 -26.37 -2.15 -20.19
N LYS B 258 -26.68 -3.14 -19.35
CA LYS B 258 -27.93 -3.89 -19.52
C LYS B 258 -29.13 -2.98 -19.33
N LYS B 259 -29.08 -2.10 -18.33
CA LYS B 259 -30.18 -1.16 -18.13
C LYS B 259 -30.34 -0.24 -19.34
N GLN B 260 -29.23 0.23 -19.89
CA GLN B 260 -29.31 1.08 -21.09
C GLN B 260 -29.88 0.31 -22.27
N LEU B 261 -29.48 -0.96 -22.43
CA LEU B 261 -29.98 -1.78 -23.52
C LEU B 261 -31.48 -2.00 -23.40
N ARG B 262 -31.96 -2.23 -22.17
CA ARG B 262 -33.39 -2.29 -21.95
C ARG B 262 -34.05 -0.95 -22.25
N GLU B 263 -33.36 0.15 -21.95
CA GLU B 263 -33.91 1.48 -22.24
C GLU B 263 -34.12 1.68 -23.73
N TRP B 264 -33.18 1.21 -24.56
CA TRP B 264 -33.35 1.30 -26.00
C TRP B 264 -34.58 0.52 -26.46
N ASP B 265 -34.68 -0.74 -26.04
CA ASP B 265 -35.84 -1.57 -26.36
C ASP B 265 -35.93 -2.69 -25.34
N GLU B 266 -37.11 -3.31 -25.27
CA GLU B 266 -37.34 -4.36 -24.29
C GLU B 266 -36.40 -5.53 -24.52
N ASN B 267 -35.59 -5.85 -23.52
CA ASN B 267 -34.67 -6.96 -23.57
C ASN B 267 -35.17 -8.08 -22.65
N LEU B 268 -35.07 -9.32 -23.12
CA LEU B 268 -35.60 -10.45 -22.36
C LEU B 268 -34.64 -10.87 -21.27
N LYS B 269 -34.48 -10.01 -20.25
CA LYS B 269 -33.62 -10.28 -19.10
C LYS B 269 -32.23 -10.73 -19.52
N ASP B 270 -31.93 -12.01 -19.32
CA ASP B 270 -30.66 -12.60 -19.76
C ASP B 270 -30.80 -13.13 -21.19
N ASP B 271 -31.24 -12.24 -22.08
CA ASP B 271 -31.48 -12.60 -23.47
C ASP B 271 -30.17 -12.78 -24.24
N SER B 272 -29.51 -13.91 -24.00
CA SER B 272 -28.26 -14.29 -24.66
C SER B 272 -27.11 -13.33 -24.35
N LEU B 273 -27.22 -12.58 -23.26
CA LEU B 273 -26.13 -11.72 -22.85
C LEU B 273 -25.15 -12.51 -21.99
N PRO B 274 -23.90 -12.68 -22.42
CA PRO B 274 -22.99 -13.56 -21.69
C PRO B 274 -22.62 -13.02 -20.32
N SER B 275 -22.33 -13.95 -19.41
CA SER B 275 -21.94 -13.56 -18.06
C SER B 275 -20.49 -13.09 -17.99
N ASN B 276 -19.63 -13.63 -18.84
CA ASN B 276 -18.21 -13.25 -18.81
C ASN B 276 -18.05 -11.83 -19.34
N PRO B 277 -17.30 -10.96 -18.65
CA PRO B 277 -17.18 -9.57 -19.10
C PRO B 277 -16.56 -9.41 -20.48
N ILE B 278 -15.63 -10.28 -20.86
CA ILE B 278 -15.01 -10.18 -22.18
C ILE B 278 -16.06 -10.34 -23.28
N ASP B 279 -16.86 -11.39 -23.18
CA ASP B 279 -17.87 -11.67 -24.19
C ASP B 279 -18.95 -10.59 -24.21
N PHE B 280 -19.38 -10.12 -23.05
CA PHE B 280 -20.37 -9.04 -22.99
C PHE B 280 -19.82 -7.78 -23.64
N SER B 281 -18.55 -7.45 -23.36
CA SER B 281 -17.95 -6.27 -23.96
C SER B 281 -17.90 -6.39 -25.48
N TYR B 282 -17.53 -7.57 -25.99
CA TYR B 282 -17.48 -7.75 -27.44
C TYR B 282 -18.87 -7.66 -28.07
N ARG B 283 -19.89 -8.24 -27.42
CA ARG B 283 -21.24 -8.15 -27.95
C ARG B 283 -21.71 -6.69 -28.01
N VAL B 284 -21.48 -5.94 -26.92
CA VAL B 284 -21.89 -4.54 -26.90
C VAL B 284 -21.15 -3.75 -27.96
N ALA B 285 -19.84 -4.00 -28.10
CA ALA B 285 -19.07 -3.30 -29.12
C ALA B 285 -19.59 -3.62 -30.51
N ALA B 286 -20.03 -4.85 -30.74
CA ALA B 286 -20.62 -5.21 -32.03
C ALA B 286 -21.94 -4.48 -32.26
N CYS B 287 -22.74 -4.29 -31.21
CA CYS B 287 -24.08 -3.72 -31.38
C CYS B 287 -24.11 -2.19 -31.34
N LEU B 288 -22.97 -1.53 -31.17
CA LEU B 288 -23.01 -0.07 -31.07
C LEU B 288 -22.95 0.59 -32.44
N PRO B 289 -23.91 1.46 -32.76
CA PRO B 289 -23.87 2.23 -34.03
C PRO B 289 -22.86 3.37 -34.00
N ILE B 290 -21.60 3.04 -34.29
CA ILE B 290 -20.52 4.02 -34.27
C ILE B 290 -19.70 3.88 -35.55
N ASP B 291 -18.92 4.92 -35.84
CA ASP B 291 -18.15 4.98 -37.07
C ASP B 291 -16.90 4.09 -36.98
N ASP B 292 -16.07 4.14 -38.02
CA ASP B 292 -14.92 3.26 -38.12
C ASP B 292 -13.86 3.60 -37.07
N VAL B 293 -13.60 4.90 -36.85
CA VAL B 293 -12.55 5.29 -35.93
C VAL B 293 -12.92 4.87 -34.50
N LEU B 294 -14.19 5.02 -34.12
CA LEU B 294 -14.60 4.59 -32.80
C LEU B 294 -14.45 3.08 -32.63
N ARG B 295 -14.81 2.31 -33.66
CA ARG B 295 -14.68 0.86 -33.57
C ARG B 295 -13.23 0.42 -33.47
N ILE B 296 -12.34 1.04 -34.25
CA ILE B 296 -10.94 0.65 -34.16
C ILE B 296 -10.35 1.07 -32.81
N GLN B 297 -10.78 2.21 -32.26
CA GLN B 297 -10.34 2.61 -30.94
C GLN B 297 -10.82 1.61 -29.89
N LEU B 298 -12.06 1.14 -30.01
CA LEU B 298 -12.56 0.10 -29.12
C LEU B 298 -11.76 -1.19 -29.27
N LEU B 299 -11.38 -1.53 -30.50
CA LEU B 299 -10.58 -2.74 -30.72
C LEU B 299 -9.20 -2.62 -30.09
N LYS B 300 -8.62 -1.41 -30.10
CA LYS B 300 -7.30 -1.20 -29.52
C LYS B 300 -7.30 -1.37 -28.01
N ILE B 301 -8.46 -1.27 -27.35
CA ILE B 301 -8.53 -1.43 -25.91
C ILE B 301 -8.37 -2.89 -25.55
N GLY B 302 -7.43 -3.18 -24.65
CA GLY B 302 -7.07 -4.55 -24.37
C GLY B 302 -7.69 -5.18 -23.12
N SER B 303 -8.33 -4.38 -22.29
CA SER B 303 -8.90 -4.87 -21.04
C SER B 303 -10.42 -4.74 -21.06
N ALA B 304 -11.09 -5.70 -20.42
CA ALA B 304 -12.54 -5.71 -20.41
C ALA B 304 -13.12 -4.48 -19.75
N ILE B 305 -12.53 -4.06 -18.61
CA ILE B 305 -13.08 -2.94 -17.87
C ILE B 305 -12.97 -1.64 -18.65
N GLN B 306 -11.82 -1.41 -19.28
CA GLN B 306 -11.66 -0.21 -20.10
C GLN B 306 -12.63 -0.22 -21.26
N ARG B 307 -12.83 -1.38 -21.90
CA ARG B 307 -13.77 -1.48 -23.00
C ARG B 307 -15.19 -1.17 -22.54
N LEU B 308 -15.59 -1.72 -21.39
CA LEU B 308 -16.93 -1.45 -20.87
C LEU B 308 -17.12 0.03 -20.55
N ARG B 309 -16.11 0.66 -19.94
CA ARG B 309 -16.20 2.07 -19.63
C ARG B 309 -16.31 2.90 -20.90
N CYS B 310 -15.52 2.56 -21.92
CA CYS B 310 -15.59 3.29 -23.19
C CYS B 310 -16.94 3.11 -23.86
N GLU B 311 -17.47 1.88 -23.87
CA GLU B 311 -18.78 1.64 -24.47
C GLU B 311 -19.88 2.40 -23.75
N LEU B 312 -19.83 2.40 -22.42
CA LEU B 312 -20.84 3.11 -21.64
C LEU B 312 -20.75 4.61 -21.89
N ASP B 313 -19.53 5.15 -21.95
CA ASP B 313 -19.38 6.57 -22.27
C ASP B 313 -19.90 6.87 -23.68
N ILE B 314 -19.68 5.95 -24.62
CA ILE B 314 -20.15 6.17 -25.98
C ILE B 314 -21.66 6.21 -26.03
N MET B 315 -22.32 5.24 -25.39
CA MET B 315 -23.78 5.20 -25.43
C MET B 315 -24.44 6.21 -24.49
N ASN B 316 -23.67 6.84 -23.61
CA ASN B 316 -24.21 7.85 -22.70
C ASN B 316 -23.97 9.27 -23.22
N LYS B 317 -22.93 9.48 -24.04
CA LYS B 317 -22.56 10.82 -24.46
C LYS B 317 -22.78 11.08 -25.94
N CYS B 318 -23.04 10.07 -26.75
CA CYS B 318 -23.30 10.24 -28.17
C CYS B 318 -24.77 9.98 -28.44
N THR B 319 -25.47 10.98 -28.97
CA THR B 319 -26.89 10.83 -29.27
C THR B 319 -27.19 11.25 -30.70
N SER B 320 -26.40 12.18 -31.24
CA SER B 320 -26.65 12.77 -32.54
C SER B 320 -26.02 11.93 -33.64
N LEU B 321 -26.80 11.64 -34.68
CA LEU B 321 -26.31 10.96 -35.87
C LEU B 321 -26.43 11.89 -37.07
N CYS B 322 -25.41 11.88 -37.91
CA CYS B 322 -25.34 12.76 -39.07
C CYS B 322 -25.50 11.96 -40.35
N CYS B 323 -25.81 12.67 -41.43
CA CYS B 323 -25.99 12.07 -42.75
C CYS B 323 -24.80 12.40 -43.67
N LYS B 324 -23.61 12.35 -43.07
CA LYS B 324 -22.30 12.49 -43.77
C LYS B 324 -22.31 13.76 -44.63
N GLN B 325 -22.94 13.70 -45.80
CA GLN B 325 -23.05 14.89 -46.66
C GLN B 325 -23.83 15.98 -45.91
N CYS B 326 -25.08 15.67 -45.60
CA CYS B 326 -26.07 16.54 -44.97
C CYS B 326 -25.57 17.02 -43.61
N GLN B 327 -26.08 18.19 -43.20
CA GLN B 327 -25.70 18.73 -41.89
C GLN B 327 -26.15 17.81 -40.77
N GLU B 328 -27.38 17.30 -40.84
CA GLU B 328 -27.92 16.42 -39.83
C GLU B 328 -29.11 15.67 -40.43
N THR B 329 -29.68 14.76 -39.64
CA THR B 329 -30.83 13.97 -40.09
C THR B 329 -31.76 13.76 -38.91
N GLU B 330 -33.00 13.37 -39.24
CA GLU B 330 -33.99 13.06 -38.22
C GLU B 330 -33.61 11.83 -37.41
N ILE B 331 -32.64 11.04 -37.89
CA ILE B 331 -32.14 9.87 -37.15
C ILE B 331 -31.43 10.28 -35.86
N THR B 332 -31.32 11.59 -35.61
CA THR B 332 -30.66 12.09 -34.40
C THR B 332 -31.31 11.52 -33.13
N THR B 333 -32.58 11.14 -33.20
CA THR B 333 -33.23 10.51 -32.07
C THR B 333 -32.71 9.10 -31.88
N LYS B 334 -31.72 8.93 -30.98
CA LYS B 334 -31.19 7.61 -30.68
C LYS B 334 -32.16 6.78 -29.85
N ASN B 335 -33.13 7.43 -29.20
CA ASN B 335 -34.02 6.71 -28.29
C ASN B 335 -35.01 5.81 -29.00
N GLU B 336 -35.11 5.90 -30.33
CA GLU B 336 -36.04 5.10 -31.10
C GLU B 336 -35.33 4.01 -31.91
N ILE B 337 -34.12 3.64 -31.51
CA ILE B 337 -33.37 2.58 -32.18
C ILE B 337 -33.90 1.25 -31.64
N PHE B 338 -34.55 0.47 -32.51
CA PHE B 338 -35.04 -0.84 -32.12
C PHE B 338 -33.99 -1.90 -32.39
N SER B 339 -34.31 -3.17 -32.13
CA SER B 339 -33.40 -4.26 -32.43
C SER B 339 -34.24 -5.50 -32.72
N LEU B 340 -34.50 -5.74 -34.01
CA LEU B 340 -35.34 -6.87 -34.43
C LEU B 340 -34.49 -8.11 -34.71
N SER B 341 -33.62 -8.45 -33.77
CA SER B 341 -32.78 -9.64 -33.89
C SER B 341 -32.16 -9.93 -32.53
N LEU B 342 -31.71 -11.17 -32.36
CA LEU B 342 -31.05 -11.55 -31.11
C LEU B 342 -29.67 -10.93 -30.99
N CYS B 343 -29.00 -10.73 -32.13
CA CYS B 343 -27.65 -10.16 -32.13
C CYS B 343 -27.60 -8.71 -31.68
N GLY B 344 -28.71 -7.97 -31.82
CA GLY B 344 -28.74 -6.58 -31.43
C GLY B 344 -29.18 -5.68 -32.57
N PRO B 345 -29.10 -4.37 -32.36
CA PRO B 345 -29.57 -3.43 -33.38
C PRO B 345 -28.84 -3.54 -34.71
N MET B 346 -27.59 -4.00 -34.72
CA MET B 346 -26.81 -4.09 -35.94
C MET B 346 -26.32 -5.51 -36.19
N ALA B 347 -26.34 -5.91 -37.45
CA ALA B 347 -25.80 -7.18 -37.89
C ALA B 347 -25.35 -7.02 -39.33
N ALA B 348 -24.51 -7.95 -39.79
CA ALA B 348 -23.94 -7.90 -41.12
C ALA B 348 -24.75 -8.75 -42.07
N TYR B 349 -25.15 -8.17 -43.20
CA TYR B 349 -25.87 -8.88 -44.24
C TYR B 349 -25.25 -8.57 -45.60
N VAL B 350 -25.35 -9.54 -46.51
CA VAL B 350 -24.71 -9.46 -47.82
C VAL B 350 -25.79 -9.40 -48.89
N ASN B 351 -25.55 -8.56 -49.90
CA ASN B 351 -26.49 -8.36 -50.99
C ASN B 351 -26.28 -9.48 -52.02
N PRO B 352 -27.10 -9.52 -53.08
CA PRO B 352 -26.90 -10.55 -54.12
C PRO B 352 -25.54 -10.51 -54.79
N HIS B 353 -24.88 -9.36 -54.87
CA HIS B 353 -23.63 -9.22 -55.61
C HIS B 353 -22.52 -8.80 -54.64
N GLY B 354 -21.93 -9.79 -53.96
CA GLY B 354 -20.70 -9.58 -53.22
C GLY B 354 -20.76 -8.69 -51.99
N TYR B 355 -21.16 -7.44 -52.17
CA TYR B 355 -20.97 -6.43 -51.13
C TYR B 355 -21.81 -6.71 -49.91
N VAL B 356 -21.31 -6.29 -48.74
CA VAL B 356 -21.92 -6.56 -47.45
C VAL B 356 -22.26 -5.23 -46.79
N HIS B 357 -23.51 -5.10 -46.34
CA HIS B 357 -23.97 -3.92 -45.62
C HIS B 357 -24.44 -4.35 -44.23
N GLU B 358 -23.85 -3.75 -43.20
CA GLU B 358 -24.39 -3.88 -41.86
C GLU B 358 -25.44 -2.81 -41.64
N THR B 359 -26.56 -3.18 -41.03
CA THR B 359 -27.73 -2.31 -40.98
C THR B 359 -28.11 -2.00 -39.53
N LEU B 360 -28.77 -0.86 -39.37
CA LEU B 360 -29.32 -0.42 -38.10
C LEU B 360 -30.83 -0.32 -38.24
N THR B 361 -31.55 -1.00 -37.36
CA THR B 361 -33.02 -1.00 -37.38
C THR B 361 -33.52 0.05 -36.40
N VAL B 362 -34.28 1.02 -36.91
CA VAL B 362 -34.81 2.10 -36.09
C VAL B 362 -36.33 2.14 -36.24
N TYR B 363 -36.99 2.72 -35.23
CA TYR B 363 -38.44 2.77 -35.22
C TYR B 363 -38.98 3.77 -36.26
N LYS B 364 -38.38 4.95 -36.34
CA LYS B 364 -38.81 5.97 -37.29
C LYS B 364 -37.59 6.67 -37.86
N ALA B 365 -37.73 7.14 -39.10
CA ALA B 365 -36.64 7.85 -39.78
C ALA B 365 -37.24 8.73 -40.86
N CYS B 366 -37.19 10.05 -40.64
CA CYS B 366 -37.68 11.00 -41.62
C CYS B 366 -36.53 11.44 -42.53
N ASN B 367 -36.77 12.49 -43.32
CA ASN B 367 -35.76 13.05 -44.23
C ASN B 367 -35.28 12.00 -45.23
N LEU B 368 -36.23 11.23 -45.78
CA LEU B 368 -35.93 10.19 -46.76
C LEU B 368 -37.01 10.18 -47.84
N ASN B 369 -36.65 9.62 -48.99
CA ASN B 369 -37.56 9.45 -50.10
C ASN B 369 -37.54 8.01 -50.59
N LEU B 370 -38.62 7.60 -51.22
CA LEU B 370 -38.80 6.23 -51.67
C LEU B 370 -38.74 6.16 -53.20
N ILE B 371 -37.89 5.28 -53.71
CA ILE B 371 -37.76 5.02 -55.13
C ILE B 371 -37.88 3.52 -55.35
N GLY B 372 -38.75 3.12 -56.27
CA GLY B 372 -38.97 1.72 -56.58
C GLY B 372 -40.12 1.12 -55.81
N ARG B 373 -40.37 -0.17 -56.10
CA ARG B 373 -41.46 -0.93 -55.52
C ARG B 373 -40.97 -1.81 -54.38
N PRO B 374 -41.87 -2.22 -53.47
CA PRO B 374 -41.45 -3.07 -52.35
C PRO B 374 -41.13 -4.49 -52.78
N SER B 375 -39.92 -4.69 -53.28
CA SER B 375 -39.46 -6.03 -53.66
C SER B 375 -39.29 -6.90 -52.41
N THR B 376 -39.39 -8.21 -52.61
CA THR B 376 -39.39 -9.15 -51.48
C THR B 376 -38.58 -10.41 -51.72
N GLU B 377 -37.86 -10.53 -52.84
CA GLU B 377 -37.13 -11.77 -53.10
C GLU B 377 -35.89 -11.92 -52.25
N HIS B 378 -35.31 -10.82 -51.76
CA HIS B 378 -34.10 -10.91 -50.95
C HIS B 378 -34.11 -10.01 -49.73
N SER B 379 -35.25 -9.84 -49.07
CA SER B 379 -35.29 -9.10 -47.80
C SER B 379 -34.54 -9.89 -46.73
N TRP B 380 -33.74 -9.18 -45.93
CA TRP B 380 -33.00 -9.83 -44.86
C TRP B 380 -33.89 -10.27 -43.71
N PHE B 381 -35.15 -9.83 -43.71
CA PHE B 381 -36.14 -10.25 -42.73
C PHE B 381 -37.18 -11.08 -43.46
N PRO B 382 -37.34 -12.36 -43.12
CA PRO B 382 -38.20 -13.24 -43.94
C PRO B 382 -39.63 -12.78 -44.04
N GLY B 383 -40.18 -12.19 -42.98
CA GLY B 383 -41.57 -11.79 -43.00
C GLY B 383 -41.79 -10.34 -43.42
N TYR B 384 -40.78 -9.74 -44.04
CA TYR B 384 -40.83 -8.34 -44.40
C TYR B 384 -40.48 -8.17 -45.87
N ALA B 385 -40.94 -7.07 -46.46
CA ALA B 385 -40.63 -6.71 -47.84
C ALA B 385 -39.81 -5.43 -47.86
N TRP B 386 -38.74 -5.42 -48.66
CA TRP B 386 -37.77 -4.34 -48.66
C TRP B 386 -38.01 -3.39 -49.82
N THR B 387 -37.71 -2.10 -49.59
CA THR B 387 -37.83 -1.07 -50.59
C THR B 387 -36.61 -0.16 -50.52
N VAL B 388 -36.23 0.40 -51.66
CA VAL B 388 -35.06 1.28 -51.72
C VAL B 388 -35.42 2.61 -51.08
N ALA B 389 -34.70 2.97 -50.01
CA ALA B 389 -34.92 4.23 -49.31
C ALA B 389 -33.76 5.17 -49.63
N GLN B 390 -34.06 6.25 -50.34
CA GLN B 390 -33.05 7.21 -50.77
C GLN B 390 -33.09 8.44 -49.87
N CYS B 391 -31.94 9.10 -49.73
CA CYS B 391 -31.88 10.31 -48.93
C CYS B 391 -32.62 11.45 -49.64
N LYS B 392 -33.08 12.42 -48.84
CA LYS B 392 -33.91 13.49 -49.38
C LYS B 392 -33.11 14.73 -49.75
N ILE B 393 -31.87 14.86 -49.28
CA ILE B 393 -31.10 16.07 -49.52
C ILE B 393 -29.85 15.76 -50.33
N CYS B 394 -28.94 14.96 -49.76
CA CYS B 394 -27.73 14.59 -50.48
C CYS B 394 -27.95 13.39 -51.40
N ALA B 395 -29.09 12.71 -51.27
CA ALA B 395 -29.47 11.60 -52.16
C ALA B 395 -28.46 10.46 -52.13
N SER B 396 -27.71 10.33 -51.04
CA SER B 396 -26.77 9.23 -50.87
C SER B 396 -27.53 7.99 -50.38
N HIS B 397 -27.17 6.84 -50.93
CA HIS B 397 -27.91 5.60 -50.67
C HIS B 397 -27.69 5.17 -49.23
N ILE B 398 -28.68 5.43 -48.38
CA ILE B 398 -28.70 4.98 -46.99
C ILE B 398 -30.13 4.59 -46.64
N GLY B 399 -30.32 3.37 -46.18
CA GLY B 399 -31.59 2.94 -45.64
C GLY B 399 -32.40 2.13 -46.63
N TRP B 400 -33.29 1.33 -46.06
CA TRP B 400 -34.28 0.57 -46.84
C TRP B 400 -35.60 0.60 -46.08
N LYS B 401 -36.66 1.07 -46.75
CA LYS B 401 -37.98 1.06 -46.14
C LYS B 401 -38.63 -0.31 -46.30
N PHE B 402 -39.49 -0.65 -45.35
CA PHE B 402 -40.16 -1.95 -45.33
C PHE B 402 -41.66 -1.75 -45.20
N THR B 403 -42.42 -2.59 -45.89
CA THR B 403 -43.87 -2.45 -46.00
C THR B 403 -44.51 -3.70 -45.38
N ALA B 404 -45.82 -3.63 -45.14
CA ALA B 404 -46.56 -4.70 -44.48
C ALA B 404 -46.76 -5.88 -45.43
N THR B 405 -46.61 -7.09 -44.86
CA THR B 405 -46.81 -8.32 -45.63
C THR B 405 -47.78 -9.25 -44.90
N LYS B 406 -47.82 -9.16 -43.56
CA LYS B 406 -48.66 -10.04 -42.77
C LYS B 406 -49.58 -9.24 -41.84
N LYS B 407 -50.24 -9.93 -40.91
CA LYS B 407 -51.17 -9.29 -39.99
C LYS B 407 -50.48 -8.87 -38.69
N ASP B 408 -49.89 -9.84 -37.98
CA ASP B 408 -49.29 -9.58 -36.67
C ASP B 408 -47.87 -9.06 -36.86
N MET B 409 -47.78 -7.79 -37.18
CA MET B 409 -46.50 -7.10 -37.36
C MET B 409 -46.79 -5.60 -37.43
N SER B 410 -45.77 -4.82 -37.76
CA SER B 410 -45.91 -3.36 -37.79
C SER B 410 -46.05 -2.91 -39.23
N PRO B 411 -47.25 -2.49 -39.67
CA PRO B 411 -47.47 -2.09 -41.07
C PRO B 411 -46.86 -0.73 -41.37
N GLN B 412 -45.97 -0.69 -42.38
CA GLN B 412 -45.39 0.55 -42.89
C GLN B 412 -44.62 1.31 -41.80
N LYS B 413 -44.11 0.58 -40.80
CA LYS B 413 -43.33 1.17 -39.71
C LYS B 413 -42.06 0.35 -39.54
N PHE B 414 -41.03 0.69 -40.31
CA PHE B 414 -39.76 -0.02 -40.25
C PHE B 414 -38.73 0.76 -41.05
N TRP B 415 -37.47 0.67 -40.61
CA TRP B 415 -36.36 1.32 -41.29
C TRP B 415 -35.09 0.53 -41.00
N GLY B 416 -34.31 0.28 -42.06
CA GLY B 416 -33.01 -0.34 -41.88
C GLY B 416 -31.92 0.47 -42.52
N LEU B 417 -31.05 1.06 -41.71
CA LEU B 417 -30.05 2.00 -42.18
C LEU B 417 -28.74 1.28 -42.53
N THR B 418 -27.66 2.03 -42.71
CA THR B 418 -26.35 1.49 -43.03
C THR B 418 -25.31 2.50 -42.58
N ARG B 419 -24.06 2.05 -42.44
CA ARG B 419 -22.95 2.94 -42.17
C ARG B 419 -22.41 3.63 -43.42
N SER B 420 -23.20 3.66 -44.50
CA SER B 420 -22.74 4.28 -45.73
C SER B 420 -22.53 5.78 -45.54
N ALA B 421 -23.47 6.46 -44.89
CA ALA B 421 -23.34 7.90 -44.68
C ALA B 421 -23.81 8.35 -43.30
N LEU B 422 -23.84 7.46 -42.32
CA LEU B 422 -24.27 7.80 -40.97
C LEU B 422 -23.07 7.90 -40.05
N LEU B 423 -22.90 9.06 -39.43
CA LEU B 423 -21.81 9.33 -38.50
C LEU B 423 -22.38 9.90 -37.21
N PRO B 424 -21.80 9.55 -36.07
CA PRO B 424 -22.27 10.10 -34.79
C PRO B 424 -21.60 11.43 -34.46
N THR B 425 -22.41 12.37 -33.97
CA THR B 425 -21.92 13.68 -33.58
C THR B 425 -22.47 14.09 -32.22
N GLY C 32 -41.48 -4.67 -66.81
CA GLY C 32 -40.73 -5.67 -67.56
C GLY C 32 -39.59 -6.28 -66.77
N GLU C 33 -38.73 -7.03 -67.46
CA GLU C 33 -37.60 -7.65 -66.78
C GLU C 33 -36.54 -6.63 -66.40
N ARG C 34 -36.44 -5.52 -67.14
CA ARG C 34 -35.62 -4.33 -66.86
C ARG C 34 -34.23 -4.71 -66.34
N PRO C 35 -33.33 -5.16 -67.23
CA PRO C 35 -32.04 -5.68 -66.77
C PRO C 35 -31.16 -4.67 -66.05
N PHE C 36 -31.46 -3.38 -66.17
CA PHE C 36 -30.66 -2.36 -65.48
C PHE C 36 -30.76 -2.57 -63.97
N GLN C 37 -29.61 -2.56 -63.31
CA GLN C 37 -29.56 -2.80 -61.87
C GLN C 37 -28.27 -2.23 -61.31
N CYS C 38 -28.38 -1.48 -60.22
CA CYS C 38 -27.20 -0.92 -59.58
C CYS C 38 -26.48 -2.00 -58.78
N ASN C 39 -25.16 -2.08 -58.95
CA ASN C 39 -24.34 -3.10 -58.31
C ASN C 39 -23.80 -2.67 -56.96
N GLN C 40 -23.33 -1.42 -56.88
CA GLN C 40 -22.84 -0.87 -55.59
C GLN C 40 -23.98 -0.83 -54.57
N CYS C 41 -25.11 -0.22 -54.92
CA CYS C 41 -26.19 -0.09 -53.90
C CYS C 41 -27.24 -1.19 -54.06
N GLY C 42 -27.63 -1.51 -55.29
CA GLY C 42 -28.71 -2.50 -55.47
C GLY C 42 -30.01 -1.84 -55.89
N ALA C 43 -29.93 -0.59 -56.37
CA ALA C 43 -31.15 0.13 -56.82
C ALA C 43 -31.58 -0.42 -58.18
N SER C 44 -32.87 -0.41 -58.45
CA SER C 44 -33.33 -0.98 -59.71
C SER C 44 -33.95 0.12 -60.57
N PHE C 45 -33.64 0.10 -61.87
CA PHE C 45 -34.15 1.09 -62.80
C PHE C 45 -34.62 0.40 -64.07
N THR C 46 -35.61 1.01 -64.72
CA THR C 46 -36.06 0.53 -66.02
C THR C 46 -35.42 1.27 -67.19
N GLN C 47 -34.59 2.28 -66.91
CA GLN C 47 -33.84 2.99 -67.93
C GLN C 47 -32.38 3.09 -67.52
N LYS C 48 -31.59 3.84 -68.30
CA LYS C 48 -30.16 3.97 -68.07
C LYS C 48 -29.74 5.30 -67.47
N GLY C 49 -30.52 6.37 -67.66
CA GLY C 49 -30.11 7.68 -67.17
C GLY C 49 -29.97 7.72 -65.66
N ASN C 50 -30.98 7.21 -64.95
CA ASN C 50 -30.90 7.19 -63.49
C ASN C 50 -29.83 6.24 -62.99
N LEU C 51 -29.61 5.13 -63.69
CA LEU C 51 -28.54 4.22 -63.30
C LEU C 51 -27.18 4.90 -63.42
N LEU C 52 -26.97 5.64 -64.51
CA LEU C 52 -25.71 6.38 -64.67
C LEU C 52 -25.58 7.47 -63.62
N ARG C 53 -26.67 8.17 -63.31
CA ARG C 53 -26.64 9.19 -62.27
C ARG C 53 -26.26 8.59 -60.93
N HIS C 54 -26.82 7.42 -60.61
CA HIS C 54 -26.50 6.75 -59.36
C HIS C 54 -25.07 6.23 -59.35
N ILE C 55 -24.55 5.81 -60.52
CA ILE C 55 -23.16 5.37 -60.58
C ILE C 55 -22.21 6.54 -60.30
N LYS C 56 -22.46 7.69 -60.92
CA LYS C 56 -21.65 8.86 -60.60
C LYS C 56 -21.87 9.35 -59.16
N LEU C 57 -23.05 9.11 -58.60
CA LEU C 57 -23.27 9.40 -57.18
C LEU C 57 -22.38 8.53 -56.29
N HIS C 58 -22.31 7.23 -56.61
CA HIS C 58 -21.40 6.35 -55.88
C HIS C 58 -19.95 6.79 -56.06
N SER C 59 -19.59 7.21 -57.27
CA SER C 59 -18.25 7.71 -57.52
C SER C 59 -18.01 8.99 -56.72
N GLY C 60 -16.81 9.12 -56.17
CA GLY C 60 -16.45 10.27 -55.37
C GLY C 60 -17.15 10.31 -54.03
#